data_2YEP
#
_entry.id   2YEP
#
_cell.length_a   61.220
_cell.length_b   73.424
_cell.length_c   172.327
_cell.angle_alpha   90.00
_cell.angle_beta   93.26
_cell.angle_gamma   90.00
#
_symmetry.space_group_name_H-M   'P 1 21 1'
#
loop_
_entity.id
_entity.type
_entity.pdbx_description
1 polymer 'GLUTAMATE N-ACETYLTRANSFERASE 2 ALPHA CHAIN'
2 polymer 'GLUTAMATE N-ACETYLTRANSFERASE 2 BETA CHAIN'
3 polymer 'GLUTAMATE N-ACETYLTRANSFERASE 2 BETA CHAIN'
4 non-polymer 'GLUTAMIC ACID'
5 non-polymer 'ACETATE ION'
6 water water
#
loop_
_entity_poly.entity_id
_entity_poly.type
_entity_poly.pdbx_seq_one_letter_code
_entity_poly.pdbx_strand_id
1 'polypeptide(L)'
;MSDSTPKTPRGFVVHTAPVGLADDGRDDFTVLASTAPATVSAVFTRSRFAGPSVVLCREAVADGQARGVVVLARNANVAT
GLEGEENAREVREAVARALGLPEGEMLIASTGVIGRQYPMESIREHLKTLEWPAGEGGFDRAARAIMTTDTRPKEVRVSV
GGATLVGIAKGVGMLEPDMA
;
A,C,E,G
2 'polypeptide(L)'
;(TH5)LLTFFATDARLDPAEQDRLFRRVMDRTFNAVSIDTDTSTSDTAVLFANGLAGEVDAGEFEEALHTAALALVKDIA
SDGEGAAKLIEVQVTGARDDAQAKRVGKTVVNSPLVKTAVHGCDPNWGRVAMAIGKCSDDTDIDQERVTIRFGEVEVYPP
KARGDQADDALRAAVAEHLRGDEVVIGIDLAIADGAFTVYGCDLTEGYVRLNSEYTT
;
B,D,H
3 'polypeptide(L)'
;TLLTFFATDARLDPAEQDRLFRRVMDRTFNAVSIDTDTSTSDTAVLFANGLAGEVDAGEFEEALHTAALALVKDIASDGE
GAAKLIEVQVTGARDDAQAKRVGKTVVNSPLVKTAVHGCDPNWGRVAMAIGKCSDDTDIDQERVTIRFGEVEVYPPKARG
DQADDALRAAVAEHLRGDEVVIGIDLAIADGAFTVYGCDLTEGYVRLNSEYTT
;
F
#
# COMPACT_ATOMS: atom_id res chain seq x y z
N THR A 8 12.05 4.36 7.90
CA THR A 8 11.57 5.76 7.91
C THR A 8 12.03 6.57 6.69
N PRO A 9 13.34 6.47 6.26
CA PRO A 9 13.78 7.37 5.16
C PRO A 9 13.09 7.10 3.83
N ARG A 10 13.01 8.10 2.97
CA ARG A 10 12.21 7.97 1.78
C ARG A 10 12.89 7.13 0.73
N GLY A 11 12.06 6.42 -0.01
CA GLY A 11 12.47 5.56 -1.09
C GLY A 11 13.30 4.37 -0.68
N PHE A 12 13.18 3.91 0.57
CA PHE A 12 13.82 2.66 0.92
C PHE A 12 12.77 1.57 1.16
N VAL A 13 13.04 0.42 0.55
CA VAL A 13 12.22 -0.76 0.66
C VAL A 13 13.17 -1.86 1.08
N VAL A 14 12.62 -2.91 1.69
CA VAL A 14 13.42 -4.02 2.19
C VAL A 14 12.82 -5.37 1.86
N HIS A 15 13.61 -6.22 1.22
CA HIS A 15 13.16 -7.57 0.89
C HIS A 15 13.89 -8.55 1.78
N THR A 16 13.11 -9.37 2.48
CA THR A 16 13.69 -10.47 3.23
C THR A 16 13.00 -11.83 3.08
N ALA A 17 13.79 -12.89 3.22
CA ALA A 17 13.28 -14.22 3.02
C ALA A 17 14.25 -15.35 3.40
N PRO A 18 13.69 -16.53 3.70
CA PRO A 18 14.48 -17.78 3.91
C PRO A 18 14.99 -18.40 2.61
N VAL A 19 16.24 -18.81 2.57
CA VAL A 19 16.73 -19.42 1.32
C VAL A 19 17.52 -20.69 1.60
N GLY A 20 17.56 -21.08 2.87
CA GLY A 20 18.21 -22.31 3.26
C GLY A 20 19.69 -22.12 3.42
N LEU A 21 20.16 -20.90 3.74
CA LEU A 21 21.54 -20.71 4.09
C LEU A 21 21.87 -21.53 5.36
N ALA A 22 21.05 -21.43 6.42
CA ALA A 22 20.90 -22.54 7.40
C ALA A 22 19.52 -23.17 7.21
N ASP A 23 19.30 -24.32 7.86
CA ASP A 23 18.10 -25.12 7.65
C ASP A 23 17.17 -24.84 8.79
N ASP A 24 16.69 -23.61 8.90
CA ASP A 24 15.82 -23.22 10.01
C ASP A 24 14.66 -22.37 9.53
N GLY A 25 14.64 -22.07 8.24
CA GLY A 25 13.53 -21.36 7.65
C GLY A 25 13.52 -19.93 8.11
N ARG A 26 14.61 -19.49 8.74
CA ARG A 26 14.80 -18.09 9.19
C ARG A 26 15.05 -17.21 7.95
N ASP A 27 14.52 -15.97 7.96
CA ASP A 27 14.90 -14.99 6.93
C ASP A 27 16.44 -14.93 6.89
N ASP A 28 17.04 -15.14 5.71
CA ASP A 28 18.51 -15.05 5.62
C ASP A 28 19.02 -14.39 4.34
N PHE A 29 18.05 -13.90 3.55
CA PHE A 29 18.30 -13.31 2.22
C PHE A 29 17.59 -11.98 2.23
N THR A 30 18.42 -10.92 2.19
CA THR A 30 17.94 -9.56 2.22
C THR A 30 18.31 -8.86 0.92
N VAL A 31 17.37 -8.05 0.42
CA VAL A 31 17.69 -7.08 -0.62
C VAL A 31 17.24 -5.79 0.02
N LEU A 32 18.18 -4.87 0.12
CA LEU A 32 17.87 -3.51 0.50
C LEU A 32 18.02 -2.57 -0.70
N ALA A 33 16.95 -1.98 -1.16
CA ALA A 33 17.11 -1.07 -2.28
C ALA A 33 16.39 0.26 -2.12
N SER A 34 16.65 1.12 -3.10
CA SER A 34 16.10 2.46 -3.22
C SER A 34 15.36 2.61 -4.52
N THR A 35 14.12 3.07 -4.41
CA THR A 35 13.27 3.38 -5.59
C THR A 35 13.86 4.54 -6.35
N ALA A 36 14.89 5.16 -5.77
CA ALA A 36 15.49 6.33 -6.39
C ALA A 36 17.03 6.25 -6.41
N PRO A 37 17.65 6.67 -7.52
CA PRO A 37 19.12 6.74 -7.62
C PRO A 37 19.77 7.34 -6.36
N ALA A 38 20.81 6.66 -5.89
CA ALA A 38 21.46 6.94 -4.64
C ALA A 38 22.94 7.13 -4.86
N THR A 39 23.52 8.18 -4.26
CA THR A 39 24.96 8.26 -4.20
C THR A 39 25.37 7.41 -3.02
N VAL A 40 26.48 6.69 -3.20
CA VAL A 40 26.89 5.66 -2.28
C VAL A 40 28.28 5.91 -1.74
N SER A 41 28.49 5.57 -0.48
CA SER A 41 29.82 5.60 0.12
C SER A 41 30.11 4.29 0.87
N ALA A 42 31.24 3.67 0.57
CA ALA A 42 31.51 2.38 1.17
C ALA A 42 32.99 2.04 1.33
N VAL A 43 33.31 1.25 2.36
CA VAL A 43 34.65 0.73 2.66
C VAL A 43 34.50 -0.77 2.92
N PHE A 44 35.59 -1.54 2.79
CA PHE A 44 35.53 -3.02 2.93
C PHE A 44 36.79 -3.63 3.50
N THR A 45 36.74 -4.91 3.82
CA THR A 45 37.90 -5.64 4.29
C THR A 45 38.99 -5.59 3.28
N ARG A 46 40.19 -5.83 3.73
CA ARG A 46 41.36 -5.74 2.88
C ARG A 46 42.07 -7.05 3.07
N SER A 47 41.27 -8.05 3.41
CA SER A 47 41.76 -9.37 3.70
C SER A 47 42.40 -9.99 2.44
N ARG A 48 43.36 -10.90 2.62
CA ARG A 48 43.94 -11.57 1.48
C ARG A 48 43.03 -12.68 1.01
N PHE A 49 42.07 -13.05 1.85
CA PHE A 49 40.94 -13.92 1.44
C PHE A 49 39.62 -13.12 1.32
N ALA A 50 39.70 -11.91 0.79
CA ALA A 50 38.50 -11.19 0.45
C ALA A 50 37.66 -12.12 -0.41
N GLY A 51 36.40 -12.25 0.00
CA GLY A 51 35.47 -13.06 -0.73
C GLY A 51 35.12 -12.35 -2.01
N PRO A 52 34.54 -13.09 -2.95
CA PRO A 52 34.15 -12.50 -4.22
C PRO A 52 33.05 -11.43 -4.10
N SER A 53 32.23 -11.52 -3.05
CA SER A 53 31.19 -10.52 -2.78
C SER A 53 31.84 -9.15 -2.63
N VAL A 54 33.06 -9.14 -2.11
CA VAL A 54 33.75 -7.89 -1.82
C VAL A 54 34.28 -7.30 -3.12
N VAL A 55 35.03 -8.10 -3.86
CA VAL A 55 35.60 -7.65 -5.14
C VAL A 55 34.53 -6.93 -5.97
N LEU A 56 33.35 -7.55 -6.05
CA LEU A 56 32.26 -7.06 -6.88
C LEU A 56 31.70 -5.77 -6.36
N CYS A 57 31.82 -5.57 -5.05
CA CYS A 57 31.25 -4.39 -4.42
C CYS A 57 32.17 -3.26 -4.77
N ARG A 58 33.48 -3.50 -4.60
CA ARG A 58 34.49 -2.50 -4.90
C ARG A 58 34.28 -2.00 -6.30
N GLU A 59 33.89 -2.92 -7.18
CA GLU A 59 33.61 -2.57 -8.57
C GLU A 59 32.30 -1.75 -8.63
N ALA A 60 31.23 -2.26 -8.04
CA ALA A 60 29.97 -1.55 -8.12
C ALA A 60 30.05 -0.06 -7.61
N VAL A 61 30.85 0.19 -6.58
CA VAL A 61 30.86 1.49 -5.95
C VAL A 61 31.91 2.35 -6.57
N ALA A 62 32.58 1.85 -7.61
CA ALA A 62 33.65 2.59 -8.26
C ALA A 62 33.17 3.91 -8.83
N ASP A 63 31.90 3.95 -9.24
CA ASP A 63 31.33 5.16 -9.82
C ASP A 63 30.61 5.99 -8.77
N GLY A 64 30.76 5.59 -7.50
CA GLY A 64 30.07 6.21 -6.36
C GLY A 64 28.56 6.31 -6.53
N GLN A 65 27.98 5.23 -7.03
CA GLN A 65 26.67 5.26 -7.62
C GLN A 65 26.07 3.87 -7.48
N ALA A 66 25.11 3.73 -6.58
CA ALA A 66 24.57 2.41 -6.32
C ALA A 66 23.23 2.49 -5.65
N ARG A 67 22.37 1.52 -5.93
CA ARG A 67 20.98 1.62 -5.45
C ARG A 67 20.53 0.59 -4.41
N GLY A 68 21.44 -0.28 -3.98
CA GLY A 68 21.06 -1.35 -3.10
C GLY A 68 22.06 -2.45 -2.84
N VAL A 69 21.67 -3.35 -1.93
CA VAL A 69 22.52 -4.45 -1.58
C VAL A 69 21.68 -5.65 -1.27
N VAL A 70 22.12 -6.78 -1.78
CA VAL A 70 21.57 -8.07 -1.44
C VAL A 70 22.58 -8.78 -0.51
N VAL A 71 22.09 -9.17 0.66
CA VAL A 71 22.95 -9.66 1.70
C VAL A 71 22.48 -11.07 2.02
N LEU A 72 23.42 -11.99 2.14
CA LEU A 72 23.11 -13.36 2.50
C LEU A 72 23.86 -13.77 3.78
N ALA A 73 23.12 -14.29 4.78
CA ALA A 73 23.68 -14.54 6.11
C ALA A 73 23.64 -16.01 6.32
N ARG A 74 24.54 -16.48 7.18
CA ARG A 74 24.80 -17.91 7.41
C ARG A 74 25.54 -18.66 6.28
N ASN A 75 26.10 -17.93 5.33
CA ASN A 75 27.14 -18.47 4.47
C ASN A 75 27.89 -17.27 3.92
N ALA A 76 29.20 -17.24 4.16
CA ALA A 76 30.02 -16.08 3.81
C ALA A 76 30.48 -16.12 2.39
N ASN A 77 30.29 -17.25 1.75
CA ASN A 77 30.77 -17.47 0.38
C ASN A 77 32.22 -17.00 0.15
N VAL A 78 33.15 -17.70 0.79
CA VAL A 78 34.59 -17.33 0.83
C VAL A 78 35.41 -18.58 0.75
N ALA A 79 36.46 -18.53 -0.07
CA ALA A 79 37.38 -19.67 -0.26
C ALA A 79 36.60 -20.78 -0.90
N THR A 80 35.61 -20.36 -1.69
CA THR A 80 34.82 -21.26 -2.49
C THR A 80 35.21 -21.22 -3.96
N GLY A 81 36.49 -20.92 -4.23
CA GLY A 81 37.09 -21.06 -5.56
C GLY A 81 36.29 -20.44 -6.69
N LEU A 82 36.60 -20.85 -7.93
CA LEU A 82 35.89 -20.36 -9.14
C LEU A 82 34.37 -20.43 -9.05
N GLU A 83 33.85 -21.52 -8.49
CA GLU A 83 32.42 -21.74 -8.42
C GLU A 83 31.83 -20.62 -7.56
N GLY A 84 32.36 -20.50 -6.35
CA GLY A 84 31.96 -19.41 -5.46
C GLY A 84 31.93 -18.05 -6.14
N GLU A 85 32.96 -17.70 -6.92
CA GLU A 85 33.00 -16.43 -7.72
C GLU A 85 31.88 -16.42 -8.73
N GLU A 86 31.62 -17.58 -9.31
CA GLU A 86 30.53 -17.67 -10.25
C GLU A 86 29.15 -17.47 -9.64
N ASN A 87 28.94 -17.96 -8.43
CA ASN A 87 27.65 -17.80 -7.79
C ASN A 87 27.40 -16.35 -7.40
N ALA A 88 28.46 -15.69 -6.96
CA ALA A 88 28.41 -14.29 -6.58
C ALA A 88 28.06 -13.38 -7.79
N ARG A 89 28.71 -13.59 -8.94
CA ARG A 89 28.23 -12.95 -10.16
C ARG A 89 26.75 -13.28 -10.34
N GLU A 90 26.41 -14.57 -10.24
CA GLU A 90 25.08 -15.01 -10.51
C GLU A 90 24.05 -14.40 -9.56
N VAL A 91 24.35 -14.41 -8.25
CA VAL A 91 23.36 -13.87 -7.35
C VAL A 91 23.27 -12.37 -7.54
N ARG A 92 24.41 -11.69 -7.58
CA ARG A 92 24.38 -10.23 -7.80
C ARG A 92 23.65 -9.82 -9.08
N GLU A 93 23.94 -10.49 -10.19
CA GLU A 93 23.26 -10.14 -11.44
C GLU A 93 21.75 -10.41 -11.39
N ALA A 94 21.36 -11.56 -10.85
CA ALA A 94 19.98 -11.94 -10.86
C ALA A 94 19.13 -11.08 -9.91
N VAL A 95 19.70 -10.61 -8.80
CA VAL A 95 18.97 -9.63 -7.99
C VAL A 95 18.75 -8.33 -8.75
N ALA A 96 19.82 -7.72 -9.27
CA ALA A 96 19.68 -6.51 -10.12
C ALA A 96 18.60 -6.72 -11.18
N ARG A 97 18.71 -7.82 -11.88
CA ARG A 97 17.75 -8.09 -12.92
C ARG A 97 16.33 -8.27 -12.48
N ALA A 98 16.08 -8.97 -11.40
CA ALA A 98 14.72 -9.15 -10.88
C ALA A 98 14.08 -7.83 -10.52
N LEU A 99 14.93 -6.86 -10.16
CA LEU A 99 14.45 -5.55 -9.75
C LEU A 99 14.45 -4.53 -10.89
N GLY A 100 14.73 -4.96 -12.12
CA GLY A 100 14.80 -4.06 -13.27
C GLY A 100 15.90 -3.01 -13.20
N LEU A 101 17.00 -3.34 -12.52
CA LEU A 101 18.17 -2.46 -12.31
C LEU A 101 19.44 -2.88 -13.06
N PRO A 102 20.27 -1.89 -13.46
CA PRO A 102 21.59 -2.22 -14.00
C PRO A 102 22.53 -2.82 -12.98
N GLU A 103 23.20 -3.90 -13.36
CA GLU A 103 24.20 -4.62 -12.56
C GLU A 103 25.06 -3.77 -11.63
N GLY A 104 25.80 -2.83 -12.17
CA GLY A 104 26.70 -1.98 -11.41
C GLY A 104 26.05 -1.09 -10.37
N GLU A 105 24.71 -1.00 -10.38
CA GLU A 105 23.92 -0.27 -9.36
C GLU A 105 23.35 -1.16 -8.20
N MET A 106 23.95 -2.33 -8.00
CA MET A 106 23.52 -3.29 -6.98
C MET A 106 24.73 -4.01 -6.38
N LEU A 107 24.89 -3.98 -5.06
CA LEU A 107 26.06 -4.66 -4.46
C LEU A 107 25.69 -5.99 -3.78
N ILE A 108 26.70 -6.71 -3.30
CA ILE A 108 26.42 -8.02 -2.65
C ILE A 108 27.27 -8.23 -1.42
N ALA A 109 26.69 -8.78 -0.37
CA ALA A 109 27.44 -8.99 0.86
C ALA A 109 26.96 -10.29 1.48
N SER A 110 27.89 -11.10 1.98
CA SER A 110 27.55 -12.45 2.40
C SER A 110 28.33 -12.81 3.64
N THR A 111 27.63 -13.28 4.68
CA THR A 111 28.27 -13.58 5.97
C THR A 111 27.86 -14.92 6.53
N GLY A 112 28.80 -15.60 7.16
CA GLY A 112 28.55 -16.96 7.63
C GLY A 112 29.80 -17.80 7.52
N VAL A 113 29.63 -19.10 7.32
CA VAL A 113 30.78 -19.99 7.31
C VAL A 113 31.72 -19.85 6.08
N ILE A 114 32.97 -20.30 6.22
CA ILE A 114 33.95 -20.20 5.15
C ILE A 114 34.09 -21.61 4.61
N GLY A 115 34.29 -21.72 3.29
CA GLY A 115 34.62 -22.99 2.61
C GLY A 115 33.42 -23.85 2.24
N ARG A 116 32.27 -23.20 2.12
CA ARG A 116 30.99 -23.90 2.01
C ARG A 116 30.28 -23.28 0.85
N GLN A 117 29.87 -24.13 -0.09
CA GLN A 117 29.26 -23.67 -1.31
C GLN A 117 27.85 -23.17 -1.08
N TYR A 118 27.39 -22.22 -1.87
CA TYR A 118 26.04 -21.69 -1.66
C TYR A 118 25.06 -22.81 -1.93
N PRO A 119 23.87 -22.75 -1.30
CA PRO A 119 22.76 -23.60 -1.77
C PRO A 119 22.08 -22.96 -3.03
N MET A 120 22.80 -23.01 -4.15
CA MET A 120 22.36 -22.41 -5.40
C MET A 120 20.99 -22.91 -5.91
N GLU A 121 20.79 -24.23 -5.85
CA GLU A 121 19.50 -24.79 -6.18
C GLU A 121 18.40 -23.97 -5.49
N SER A 122 18.56 -23.72 -4.20
CA SER A 122 17.53 -23.02 -3.45
C SER A 122 17.41 -21.51 -3.75
N ILE A 123 18.58 -20.83 -3.86
CA ILE A 123 18.65 -19.40 -4.15
C ILE A 123 18.11 -19.15 -5.54
N ARG A 124 18.39 -20.06 -6.46
CA ARG A 124 17.88 -19.97 -7.82
C ARG A 124 16.37 -19.78 -7.81
N GLU A 125 15.67 -20.63 -7.06
CA GLU A 125 14.22 -20.68 -7.11
C GLU A 125 13.63 -19.45 -6.44
N HIS A 126 14.28 -18.96 -5.38
CA HIS A 126 13.75 -17.76 -4.72
C HIS A 126 13.82 -16.55 -5.64
N LEU A 127 14.97 -16.35 -6.28
CA LEU A 127 15.22 -15.28 -7.27
C LEU A 127 14.14 -15.11 -8.33
N LYS A 128 13.68 -16.25 -8.82
CA LYS A 128 12.63 -16.33 -9.83
C LYS A 128 11.32 -15.71 -9.35
N THR A 129 11.25 -15.32 -8.08
CA THR A 129 10.01 -14.78 -7.50
C THR A 129 10.27 -13.35 -7.07
N LEU A 130 11.55 -13.06 -6.82
CA LEU A 130 11.95 -11.75 -6.35
C LEU A 130 11.38 -10.63 -7.19
N GLU A 131 10.89 -9.63 -6.50
CA GLU A 131 10.34 -8.42 -7.10
C GLU A 131 10.28 -7.31 -6.03
N TRP A 132 9.83 -6.14 -6.45
CA TRP A 132 9.89 -4.95 -5.63
C TRP A 132 8.87 -5.01 -4.49
N PRO A 133 9.36 -4.90 -3.25
CA PRO A 133 8.47 -4.81 -2.10
C PRO A 133 7.73 -3.48 -2.09
N ALA A 134 6.39 -3.53 -2.01
CA ALA A 134 5.58 -2.31 -1.93
C ALA A 134 5.63 -1.72 -0.52
N GLY A 135 5.42 -0.42 -0.42
CA GLY A 135 5.64 0.26 0.86
C GLY A 135 7.14 0.38 1.14
N GLU A 136 7.48 0.99 2.27
CA GLU A 136 8.85 1.28 2.55
C GLU A 136 9.24 0.76 3.90
N GLY A 137 10.53 0.86 4.18
CA GLY A 137 11.08 0.56 5.49
C GLY A 137 10.97 -0.91 5.76
N GLY A 138 11.36 -1.27 6.97
CA GLY A 138 11.37 -2.67 7.35
C GLY A 138 12.76 -2.98 7.87
N PHE A 139 13.56 -1.94 8.02
CA PHE A 139 14.91 -2.09 8.49
C PHE A 139 15.08 -3.08 9.66
N ASP A 140 14.02 -3.24 10.46
CA ASP A 140 13.97 -4.28 11.47
C ASP A 140 14.17 -5.66 10.82
N ARG A 141 13.34 -6.01 9.82
CA ARG A 141 13.46 -7.31 9.15
C ARG A 141 14.88 -7.52 8.59
N ALA A 142 15.49 -6.45 8.10
CA ALA A 142 16.83 -6.50 7.52
C ALA A 142 17.90 -6.79 8.58
N ALA A 143 17.73 -6.15 9.74
CA ALA A 143 18.61 -6.30 10.86
C ALA A 143 18.56 -7.68 11.44
N ARG A 144 17.38 -8.31 11.50
CA ARG A 144 17.27 -9.74 11.81
C ARG A 144 17.84 -10.64 10.69
N ALA A 145 17.49 -10.36 9.44
CA ALA A 145 17.81 -11.24 8.33
C ALA A 145 19.32 -11.43 8.06
N ILE A 146 20.10 -10.38 8.31
CA ILE A 146 21.57 -10.46 8.24
C ILE A 146 22.28 -11.15 9.44
N MET A 147 21.61 -11.25 10.60
CA MET A 147 22.22 -11.75 11.85
C MET A 147 22.65 -13.22 12.03
N THR A 148 23.94 -13.45 12.24
CA THR A 148 24.44 -14.80 12.63
C THR A 148 24.82 -15.34 14.05
N THR A 149 25.84 -14.81 14.71
CA THR A 149 26.13 -15.24 16.10
C THR A 149 25.67 -14.13 17.08
N ASP A 150 25.34 -12.97 16.54
CA ASP A 150 24.55 -11.93 17.20
C ASP A 150 23.37 -12.47 18.01
N THR A 151 23.19 -12.04 19.27
CA THR A 151 22.10 -12.56 20.08
C THR A 151 20.85 -11.73 19.89
N ARG A 152 21.03 -10.53 19.33
CA ARG A 152 19.95 -9.59 19.12
C ARG A 152 20.23 -8.82 17.81
N PRO A 153 19.18 -8.22 17.19
CA PRO A 153 19.34 -7.27 16.07
C PRO A 153 19.96 -5.92 16.50
N LYS A 154 20.44 -5.13 15.54
CA LYS A 154 21.04 -3.81 15.81
C LYS A 154 20.59 -2.77 14.80
N GLU A 155 19.69 -1.89 15.26
CA GLU A 155 19.13 -0.83 14.44
C GLU A 155 19.40 0.51 15.16
N VAL A 156 19.33 1.62 14.42
CA VAL A 156 19.59 2.96 14.94
C VAL A 156 19.09 3.97 13.93
N ARG A 157 18.41 5.01 14.40
CA ARG A 157 17.68 5.96 13.55
C ARG A 157 17.89 7.39 14.08
N VAL A 158 18.09 8.35 13.18
CA VAL A 158 18.43 9.73 13.55
C VAL A 158 17.78 10.71 12.58
N SER A 159 17.24 11.81 13.12
CA SER A 159 16.71 12.90 12.30
C SER A 159 17.78 13.96 12.13
N VAL A 160 17.93 14.47 10.91
CA VAL A 160 18.79 15.62 10.61
C VAL A 160 18.17 16.45 9.51
N GLY A 161 17.83 17.70 9.84
CA GLY A 161 17.35 18.65 8.86
C GLY A 161 16.28 18.10 7.94
N GLY A 162 15.24 17.50 8.51
CA GLY A 162 14.12 17.05 7.70
C GLY A 162 14.30 15.70 7.05
N ALA A 163 15.54 15.22 6.99
CA ALA A 163 15.81 13.88 6.49
C ALA A 163 16.04 12.89 7.63
N THR A 164 15.81 11.62 7.32
CA THR A 164 16.06 10.51 8.24
C THR A 164 17.24 9.63 7.77
N LEU A 165 18.00 9.10 8.73
CA LEU A 165 19.15 8.25 8.50
C LEU A 165 19.02 7.05 9.41
N VAL A 166 18.99 5.86 8.80
CA VAL A 166 18.83 4.62 9.53
C VAL A 166 20.10 3.83 9.34
N GLY A 167 20.41 2.96 10.27
CA GLY A 167 21.56 2.11 10.12
C GLY A 167 21.24 0.76 10.71
N ILE A 168 21.86 -0.26 10.12
CA ILE A 168 21.76 -1.59 10.65
C ILE A 168 23.12 -2.26 10.62
N ALA A 169 23.37 -3.10 11.62
CA ALA A 169 24.65 -3.72 11.75
C ALA A 169 24.56 -5.10 12.35
N LYS A 170 25.68 -5.82 12.20
CA LYS A 170 25.78 -7.20 12.53
C LYS A 170 27.25 -7.59 12.63
N GLY A 171 27.55 -8.40 13.64
CA GLY A 171 28.84 -9.05 13.77
C GLY A 171 29.40 -8.91 15.17
N VAL A 172 29.85 -10.01 15.77
CA VAL A 172 30.31 -10.01 17.15
C VAL A 172 31.35 -11.05 17.38
N GLY A 173 31.84 -11.60 16.28
CA GLY A 173 32.90 -12.59 16.27
C GLY A 173 33.52 -12.40 14.93
N MET A 174 34.76 -12.85 14.77
CA MET A 174 35.54 -12.58 13.57
C MET A 174 35.46 -11.08 13.22
N LEU A 175 35.73 -10.28 14.24
CA LEU A 175 35.44 -8.88 14.21
C LEU A 175 36.56 -8.00 14.77
N GLU A 176 37.25 -7.32 13.86
CA GLU A 176 38.13 -6.18 14.16
C GLU A 176 38.35 -5.46 12.82
N PRO A 177 37.31 -4.80 12.32
CA PRO A 177 37.36 -4.24 10.97
C PRO A 177 38.54 -3.31 10.74
N ASP A 178 39.08 -3.35 9.53
CA ASP A 178 40.20 -2.55 9.11
C ASP A 178 39.90 -2.18 7.68
N MET A 179 38.83 -1.42 7.53
CA MET A 179 38.23 -1.20 6.23
C MET A 179 38.69 0.05 5.54
N ALA A 180 38.79 -0.06 4.22
CA ALA A 180 39.12 1.06 3.36
C ALA A 180 38.55 0.89 1.96
N LEU B 2 31.88 -8.33 10.01
CA LEU B 2 31.06 -7.10 10.12
C LEU B 2 30.31 -6.78 8.84
N LEU B 3 29.00 -6.65 8.93
CA LEU B 3 28.22 -5.96 7.91
C LEU B 3 27.32 -4.88 8.54
N THR B 4 27.32 -3.73 7.87
CA THR B 4 26.55 -2.60 8.27
C THR B 4 26.28 -1.75 7.04
N PHE B 5 25.05 -1.22 6.96
CA PHE B 5 24.54 -0.48 5.82
C PHE B 5 23.67 0.58 6.43
N PHE B 6 23.79 1.80 5.89
CA PHE B 6 23.16 3.00 6.40
C PHE B 6 22.39 3.60 5.25
N ALA B 7 21.20 4.14 5.52
CA ALA B 7 20.34 4.57 4.45
C ALA B 7 19.69 5.90 4.82
N THR B 8 19.81 6.88 3.93
CA THR B 8 19.28 8.21 4.18
C THR B 8 18.59 8.83 2.95
N ASP B 9 17.64 9.73 3.21
CA ASP B 9 17.07 10.48 2.11
C ASP B 9 17.71 11.86 1.96
N ALA B 10 18.86 12.04 2.61
CA ALA B 10 19.57 13.31 2.53
C ALA B 10 20.33 13.46 1.22
N ARG B 11 20.18 14.62 0.57
CA ARG B 11 21.09 15.03 -0.51
C ARG B 11 22.40 15.57 0.07
N LEU B 12 23.51 15.10 -0.45
CA LEU B 12 24.80 15.54 0.01
C LEU B 12 25.70 15.64 -1.19
N ASP B 13 26.74 16.45 -1.10
CA ASP B 13 27.79 16.34 -2.07
C ASP B 13 28.41 14.93 -2.01
N PRO B 14 28.43 14.21 -3.14
CA PRO B 14 29.11 12.92 -3.25
C PRO B 14 30.53 12.92 -2.70
N ALA B 15 31.33 13.94 -3.04
CA ALA B 15 32.71 14.06 -2.53
C ALA B 15 32.75 14.21 -1.01
N GLU B 16 32.10 15.26 -0.49
CA GLU B 16 32.01 15.49 0.95
C GLU B 16 31.49 14.25 1.71
N GLN B 17 30.60 13.48 1.09
CA GLN B 17 29.99 12.30 1.72
C GLN B 17 31.01 11.18 1.95
N ASP B 18 31.71 10.77 0.87
CA ASP B 18 32.74 9.70 0.96
C ASP B 18 33.73 10.09 2.04
N ARG B 19 34.21 11.32 1.96
CA ARG B 19 35.14 11.90 2.89
C ARG B 19 34.58 11.84 4.30
N LEU B 20 33.33 12.24 4.46
CA LEU B 20 32.62 12.19 5.74
C LEU B 20 32.48 10.75 6.27
N PHE B 21 32.07 9.87 5.36
CA PHE B 21 31.89 8.46 5.69
C PHE B 21 33.17 7.81 6.16
N ARG B 22 34.27 8.21 5.56
CA ARG B 22 35.52 7.63 5.94
C ARG B 22 35.93 8.01 7.35
N ARG B 23 35.63 9.25 7.75
CA ARG B 23 36.13 9.77 9.02
C ARG B 23 35.34 9.19 10.19
N VAL B 24 34.05 8.94 9.96
CA VAL B 24 33.17 8.33 10.94
C VAL B 24 33.52 6.83 11.06
N MET B 25 33.80 6.22 9.91
CA MET B 25 34.10 4.80 9.85
C MET B 25 35.39 4.48 10.60
N ASP B 26 36.34 5.40 10.57
CA ASP B 26 37.61 5.17 11.25
C ASP B 26 37.50 5.37 12.75
N ARG B 27 36.56 6.21 13.17
CA ARG B 27 36.35 6.46 14.60
C ARG B 27 35.41 5.41 15.25
N THR B 28 34.71 4.61 14.44
CA THR B 28 33.69 3.70 15.00
C THR B 28 33.96 2.24 14.69
N PHE B 29 33.78 1.88 13.42
CA PHE B 29 33.75 0.47 13.01
C PHE B 29 35.16 -0.02 12.83
N ASN B 30 36.03 0.92 12.50
CA ASN B 30 37.47 0.73 12.42
C ASN B 30 38.16 0.91 13.79
N ALA B 31 37.34 1.01 14.83
CA ALA B 31 37.83 1.23 16.22
C ALA B 31 37.38 0.17 17.19
N VAL B 32 36.83 -0.93 16.68
CA VAL B 32 36.20 -1.96 17.52
C VAL B 32 36.86 -3.32 17.22
N SER B 33 36.95 -4.19 18.22
CA SER B 33 37.66 -5.47 18.10
C SER B 33 37.18 -6.46 19.12
N ILE B 34 36.60 -7.57 18.68
CA ILE B 34 36.20 -8.60 19.63
C ILE B 34 37.31 -9.63 19.83
N ASP B 35 37.73 -10.23 18.72
CA ASP B 35 38.75 -11.25 18.82
C ASP B 35 40.03 -10.92 18.01
N THR B 36 40.12 -9.72 17.43
CA THR B 36 41.22 -9.34 16.52
C THR B 36 41.11 -9.95 15.09
N ASP B 37 40.15 -10.85 14.88
CA ASP B 37 40.09 -11.65 13.67
C ASP B 37 39.34 -10.99 12.58
N THR B 38 40.01 -10.01 11.97
CA THR B 38 39.55 -9.24 10.82
C THR B 38 39.06 -10.14 9.67
N SER B 39 37.74 -10.16 9.49
CA SER B 39 37.11 -11.15 8.66
C SER B 39 37.53 -11.01 7.20
N THR B 40 37.00 -11.91 6.40
CA THR B 40 37.28 -11.98 5.00
C THR B 40 36.23 -11.20 4.24
N SER B 41 35.29 -10.58 4.94
CA SER B 41 34.08 -10.20 4.29
C SER B 41 33.41 -8.91 4.76
N ASP B 42 34.05 -8.17 5.68
CA ASP B 42 33.50 -6.86 6.16
C ASP B 42 33.04 -5.92 5.05
N THR B 43 32.04 -5.11 5.36
CA THR B 43 31.37 -4.32 4.36
C THR B 43 30.55 -3.27 5.07
N ALA B 44 30.89 -2.01 4.84
CA ALA B 44 30.17 -0.91 5.42
C ALA B 44 29.76 0.10 4.33
N VAL B 45 28.45 0.22 4.13
CA VAL B 45 27.92 1.03 3.04
C VAL B 45 26.91 2.04 3.58
N LEU B 46 26.86 3.20 2.95
CA LEU B 46 25.79 4.14 3.20
C LEU B 46 25.11 4.50 1.88
N PHE B 47 23.77 4.44 1.86
CA PHE B 47 23.04 4.91 0.69
C PHE B 47 22.35 6.27 0.95
N ALA B 48 22.62 7.24 0.09
CA ALA B 48 22.09 8.58 0.23
C ALA B 48 21.31 9.07 -1.04
N ASN B 49 19.98 9.00 -1.01
CA ASN B 49 19.20 9.65 -2.09
C ASN B 49 18.81 11.09 -1.71
N GLY B 50 18.53 11.96 -2.66
CA GLY B 50 18.31 13.34 -2.26
C GLY B 50 16.90 13.59 -1.78
N LEU B 51 16.12 12.53 -1.56
CA LEU B 51 14.66 12.65 -1.49
C LEU B 51 14.07 13.69 -0.50
N ALA B 52 14.88 14.09 0.49
CA ALA B 52 14.43 15.03 1.49
C ALA B 52 15.12 16.37 1.36
N GLY B 53 16.02 16.47 0.39
CA GLY B 53 16.69 17.74 0.13
C GLY B 53 18.03 17.87 0.82
N GLU B 54 18.57 19.08 0.76
CA GLU B 54 19.96 19.32 1.17
C GLU B 54 20.15 19.45 2.68
N VAL B 55 20.89 18.50 3.26
CA VAL B 55 21.24 18.56 4.67
C VAL B 55 22.62 19.17 4.75
N ASP B 56 22.89 19.81 5.88
CA ASP B 56 24.19 20.33 6.24
C ASP B 56 25.08 19.11 6.45
N ALA B 57 26.13 19.01 5.64
CA ALA B 57 27.08 17.92 5.74
C ALA B 57 27.54 17.73 7.21
N GLY B 58 27.75 18.87 7.90
CA GLY B 58 28.16 18.91 9.31
C GLY B 58 27.16 18.22 10.22
N GLU B 59 25.91 18.69 10.18
CA GLU B 59 24.84 18.05 10.95
C GLU B 59 24.83 16.53 10.64
N PHE B 60 25.03 16.19 9.37
CA PHE B 60 25.00 14.81 8.95
C PHE B 60 26.16 13.99 9.53
N GLU B 61 27.38 14.50 9.37
CA GLU B 61 28.51 13.79 9.93
C GLU B 61 28.25 13.51 11.41
N GLU B 62 27.77 14.51 12.14
CA GLU B 62 27.40 14.30 13.55
C GLU B 62 26.38 13.17 13.64
N ALA B 63 25.23 13.31 12.98
CA ALA B 63 24.21 12.28 13.00
C ALA B 63 24.79 10.90 12.78
N LEU B 64 25.61 10.74 11.76
CA LEU B 64 26.16 9.41 11.41
C LEU B 64 27.07 8.86 12.50
N HIS B 65 27.91 9.74 13.03
CA HIS B 65 28.81 9.42 14.10
C HIS B 65 28.02 8.84 15.23
N THR B 66 26.96 9.57 15.63
CA THR B 66 26.06 9.15 16.71
C THR B 66 25.45 7.79 16.43
N ALA B 67 25.14 7.53 15.16
CA ALA B 67 24.54 6.30 14.71
C ALA B 67 25.53 5.14 14.68
N ALA B 68 26.62 5.30 13.95
CA ALA B 68 27.62 4.23 13.87
C ALA B 68 28.08 3.87 15.27
N LEU B 69 28.25 4.89 16.12
CA LEU B 69 28.77 4.69 17.46
C LEU B 69 27.79 3.89 18.32
N ALA B 70 26.50 4.18 18.17
CA ALA B 70 25.52 3.40 18.91
C ALA B 70 25.61 1.95 18.47
N LEU B 71 25.68 1.71 17.16
CA LEU B 71 25.85 0.35 16.61
C LEU B 71 27.16 -0.32 17.03
N VAL B 72 28.24 0.46 17.16
CA VAL B 72 29.55 -0.06 17.62
C VAL B 72 29.55 -0.58 19.08
N LYS B 73 29.19 0.25 20.06
CA LYS B 73 28.88 -0.21 21.44
C LYS B 73 27.87 -1.38 21.42
N ASP B 74 26.91 -1.29 20.54
CA ASP B 74 25.96 -2.34 20.43
C ASP B 74 26.68 -3.63 20.00
N ILE B 75 27.59 -3.54 19.02
CA ILE B 75 28.48 -4.64 18.68
C ILE B 75 29.30 -5.18 19.90
N ALA B 76 29.85 -4.29 20.71
CA ALA B 76 30.81 -4.71 21.68
C ALA B 76 30.12 -5.30 22.89
N SER B 77 28.89 -4.88 23.12
CA SER B 77 28.13 -5.41 24.23
C SER B 77 27.69 -6.80 23.94
N ASP B 78 27.59 -7.10 22.65
CA ASP B 78 27.03 -8.33 22.14
C ASP B 78 28.16 -9.24 21.71
N GLY B 79 29.38 -8.74 21.76
CA GLY B 79 30.56 -9.55 21.53
C GLY B 79 30.21 -10.95 21.89
N GLU B 80 30.57 -11.89 21.02
CA GLU B 80 30.31 -13.30 21.24
C GLU B 80 30.73 -13.68 22.66
N GLY B 81 29.78 -14.15 23.47
CA GLY B 81 30.09 -14.58 24.83
C GLY B 81 30.27 -13.49 25.86
N ALA B 82 30.47 -12.26 25.42
CA ALA B 82 30.78 -11.14 26.33
C ALA B 82 29.81 -10.95 27.49
N ALA B 83 30.39 -10.52 28.62
CA ALA B 83 29.68 -10.05 29.80
C ALA B 83 29.92 -8.54 29.96
N LYS B 84 30.95 -7.99 29.32
CA LYS B 84 31.31 -6.61 29.56
C LYS B 84 31.89 -5.92 28.35
N LEU B 85 31.52 -4.67 28.19
CA LEU B 85 32.10 -3.80 27.19
C LEU B 85 33.37 -3.08 27.69
N ILE B 86 34.48 -3.24 26.95
CA ILE B 86 35.75 -2.53 27.30
C ILE B 86 36.01 -1.26 26.45
N GLU B 87 35.93 -0.09 27.08
CA GLU B 87 36.21 1.16 26.41
C GLU B 87 37.56 1.76 26.82
N VAL B 88 38.56 1.56 25.96
CA VAL B 88 39.95 2.02 26.20
C VAL B 88 40.16 3.36 25.58
N GLN B 89 40.32 4.36 26.45
CA GLN B 89 40.53 5.74 26.01
C GLN B 89 41.99 6.13 26.15
N VAL B 90 42.64 6.42 25.03
CA VAL B 90 44.06 6.82 24.99
C VAL B 90 44.20 8.28 24.60
N THR B 91 45.05 9.01 25.33
CA THR B 91 45.43 10.40 25.03
C THR B 91 46.93 10.59 25.24
N GLY B 92 47.43 11.77 24.83
CA GLY B 92 48.84 12.13 24.97
C GLY B 92 49.75 11.37 24.03
N ALA B 93 49.17 10.56 23.12
CA ALA B 93 49.98 9.89 22.14
C ALA B 93 50.75 10.92 21.29
N ARG B 94 51.78 10.48 20.57
CA ARG B 94 52.54 11.33 19.64
C ARG B 94 51.61 11.82 18.53
N ASP B 95 50.75 10.93 18.08
CA ASP B 95 49.74 11.31 17.11
C ASP B 95 48.50 10.42 17.37
N ASP B 96 47.41 10.68 16.64
CA ASP B 96 46.19 9.88 16.81
C ASP B 96 46.37 8.40 16.49
N ALA B 97 47.23 8.13 15.53
CA ALA B 97 47.37 6.80 15.00
C ALA B 97 48.07 5.93 16.04
N GLN B 98 48.93 6.54 16.88
CA GLN B 98 49.61 5.83 17.97
C GLN B 98 48.62 5.60 19.09
N ALA B 99 47.74 6.56 19.25
CA ALA B 99 46.74 6.45 20.29
C ALA B 99 45.94 5.14 20.14
N LYS B 100 45.44 4.92 18.92
CA LYS B 100 44.64 3.78 18.49
C LYS B 100 45.50 2.50 18.49
N ARG B 101 46.73 2.62 18.04
CA ARG B 101 47.65 1.47 18.10
C ARG B 101 47.77 0.98 19.57
N VAL B 102 47.83 1.95 20.50
CA VAL B 102 47.98 1.62 21.91
C VAL B 102 46.67 1.17 22.46
N GLY B 103 45.60 1.77 21.96
CA GLY B 103 44.24 1.37 22.35
C GLY B 103 44.05 -0.07 21.98
N LYS B 104 44.12 -0.34 20.68
CA LYS B 104 43.95 -1.70 20.15
C LYS B 104 44.77 -2.77 20.86
N THR B 105 46.05 -2.51 21.11
CA THR B 105 46.89 -3.48 21.80
C THR B 105 46.32 -3.88 23.17
N VAL B 106 45.83 -2.88 23.91
CA VAL B 106 45.19 -3.05 25.20
C VAL B 106 43.91 -3.89 25.15
N VAL B 107 42.93 -3.44 24.36
CA VAL B 107 41.68 -4.16 24.24
C VAL B 107 41.85 -5.54 23.54
N ASN B 108 42.94 -5.76 22.85
CA ASN B 108 43.12 -7.06 22.23
C ASN B 108 43.90 -8.04 23.11
N SER B 109 44.39 -7.57 24.26
CA SER B 109 45.14 -8.45 25.16
C SER B 109 44.28 -9.51 25.90
N PRO B 110 44.50 -10.80 25.57
CA PRO B 110 43.72 -11.80 26.32
C PRO B 110 43.77 -11.64 27.85
N LEU B 111 44.96 -11.38 28.41
CA LEU B 111 45.14 -11.17 29.83
C LEU B 111 44.34 -9.97 30.37
N VAL B 112 44.35 -8.84 29.66
CA VAL B 112 43.49 -7.75 30.04
C VAL B 112 42.03 -8.25 30.02
N LYS B 113 41.63 -8.84 28.89
CA LYS B 113 40.24 -9.24 28.64
C LYS B 113 39.63 -10.18 29.67
N THR B 114 40.47 -10.97 30.31
CA THR B 114 40.03 -11.99 31.25
C THR B 114 39.98 -11.39 32.63
N ALA B 115 40.88 -10.45 32.88
CA ALA B 115 40.95 -9.74 34.13
C ALA B 115 39.71 -8.89 34.25
N VAL B 116 39.31 -8.27 33.14
CA VAL B 116 38.08 -7.48 33.13
C VAL B 116 36.88 -8.39 33.34
N HIS B 117 36.93 -9.60 32.80
CA HIS B 117 35.86 -10.56 32.95
C HIS B 117 35.76 -11.04 34.42
N GLY B 118 36.90 -11.22 35.07
CA GLY B 118 36.89 -11.85 36.36
C GLY B 118 36.71 -10.85 37.44
N CYS B 119 36.72 -9.58 37.03
CA CYS B 119 36.66 -8.44 37.96
C CYS B 119 37.91 -8.35 38.85
N ASP B 120 39.06 -8.75 38.27
CA ASP B 120 40.32 -8.72 38.99
C ASP B 120 41.16 -7.52 38.53
N PRO B 121 41.39 -6.55 39.45
CA PRO B 121 42.00 -5.23 39.19
C PRO B 121 43.42 -5.33 38.72
N ASN B 122 43.68 -6.28 37.82
CA ASN B 122 45.06 -6.69 37.48
C ASN B 122 45.64 -5.71 36.43
N TRP B 123 45.74 -4.45 36.88
CA TRP B 123 46.08 -3.32 36.01
C TRP B 123 47.47 -3.45 35.40
N GLY B 124 48.38 -4.06 36.13
CA GLY B 124 49.72 -4.38 35.63
C GLY B 124 49.67 -5.02 34.26
N ARG B 125 48.62 -5.81 33.98
CA ARG B 125 48.37 -6.35 32.64
C ARG B 125 48.10 -5.28 31.59
N VAL B 126 47.42 -4.20 31.99
CA VAL B 126 47.30 -3.04 31.12
C VAL B 126 48.67 -2.38 30.88
N ALA B 127 49.59 -2.59 31.83
CA ALA B 127 50.99 -2.14 31.63
C ALA B 127 51.71 -3.01 30.60
N MET B 128 51.43 -4.29 30.66
CA MET B 128 52.11 -5.24 29.80
C MET B 128 51.62 -4.90 28.41
N ALA B 129 50.33 -4.63 28.34
CA ALA B 129 49.64 -4.29 27.13
C ALA B 129 50.34 -3.12 26.42
N ILE B 130 50.48 -1.99 27.12
CA ILE B 130 51.09 -0.82 26.53
C ILE B 130 52.46 -1.23 26.08
N GLY B 131 53.23 -1.81 27.01
CA GLY B 131 54.59 -2.36 26.77
C GLY B 131 54.78 -3.13 25.48
N LYS B 132 53.77 -3.93 25.11
CA LYS B 132 53.75 -4.63 23.82
C LYS B 132 54.08 -3.80 22.60
N CYS B 133 53.82 -2.46 22.63
CA CYS B 133 54.11 -1.59 21.49
C CYS B 133 55.56 -1.19 21.63
N SER B 134 56.42 -2.17 21.37
CA SER B 134 57.82 -2.05 21.57
C SER B 134 58.48 -1.20 20.49
N ASP B 135 57.87 -1.06 19.32
CA ASP B 135 58.48 -0.13 18.33
C ASP B 135 58.25 1.34 18.60
N ASP B 136 57.38 1.67 19.57
CA ASP B 136 57.16 3.08 19.93
C ASP B 136 58.06 3.48 21.10
N THR B 137 59.31 3.80 20.79
CA THR B 137 60.31 3.96 21.82
C THR B 137 60.12 5.29 22.56
N ASP B 138 59.16 6.11 22.16
CA ASP B 138 58.84 7.32 22.91
C ASP B 138 57.73 7.13 24.02
N ILE B 139 57.15 5.93 24.11
CA ILE B 139 56.37 5.49 25.29
C ILE B 139 57.30 5.24 26.50
N ASP B 140 57.22 6.15 27.45
CA ASP B 140 58.11 6.16 28.59
C ASP B 140 57.23 5.74 29.77
N GLN B 141 57.55 4.60 30.40
CA GLN B 141 56.73 4.12 31.50
C GLN B 141 56.73 5.06 32.71
N GLU B 142 57.70 5.98 32.74
CA GLU B 142 57.81 6.93 33.82
C GLU B 142 56.71 7.99 33.67
N ARG B 143 56.43 8.36 32.42
CA ARG B 143 55.44 9.40 32.08
C ARG B 143 54.02 8.86 31.85
N VAL B 144 53.88 7.56 31.65
CA VAL B 144 52.58 7.01 31.29
C VAL B 144 51.69 6.89 32.51
N THR B 145 50.46 7.38 32.43
CA THR B 145 49.44 7.13 33.47
C THR B 145 48.48 5.98 33.05
N ILE B 146 47.85 5.30 34.02
CA ILE B 146 46.72 4.34 33.76
C ILE B 146 45.56 4.58 34.72
N ARG B 147 44.33 4.46 34.23
CA ARG B 147 43.15 4.49 35.09
C ARG B 147 42.10 3.45 34.65
N PHE B 148 41.34 2.92 35.61
CA PHE B 148 40.15 2.11 35.37
C PHE B 148 38.99 2.93 35.96
N GLY B 149 37.91 3.10 35.21
CA GLY B 149 36.94 4.14 35.52
C GLY B 149 37.68 5.41 35.88
N GLU B 150 37.33 5.98 37.03
CA GLU B 150 37.93 7.24 37.50
C GLU B 150 39.05 7.08 38.54
N VAL B 151 39.76 5.95 38.48
CA VAL B 151 40.80 5.60 39.47
C VAL B 151 42.17 5.42 38.79
N GLU B 152 43.18 6.21 39.13
CA GLU B 152 44.51 6.01 38.55
C GLU B 152 45.35 5.02 39.39
N VAL B 153 45.83 3.96 38.74
CA VAL B 153 46.56 2.93 39.43
C VAL B 153 48.07 3.04 39.18
N TYR B 154 48.43 3.85 38.19
CA TYR B 154 49.82 3.99 37.74
C TYR B 154 50.01 5.41 37.24
N PRO B 155 51.16 6.03 37.53
CA PRO B 155 52.35 5.62 38.24
C PRO B 155 52.20 5.67 39.75
N PRO B 156 53.07 4.92 40.47
CA PRO B 156 53.08 4.91 41.93
C PRO B 156 53.75 6.15 42.50
N LYS B 157 52.95 6.99 43.12
CA LYS B 157 53.40 8.10 43.91
C LYS B 157 53.75 7.54 45.29
N ALA B 158 54.90 7.88 45.86
CA ALA B 158 55.27 7.31 47.19
C ALA B 158 55.67 5.83 47.22
N ARG B 159 55.51 5.22 48.38
CA ARG B 159 56.22 3.98 48.71
C ARG B 159 55.24 2.91 49.17
N GLY B 160 55.67 1.64 49.13
CA GLY B 160 54.90 0.47 49.62
C GLY B 160 53.72 -0.02 48.76
N ASP B 161 52.67 -0.55 49.40
CA ASP B 161 51.52 -1.14 48.66
C ASP B 161 50.15 -0.65 49.09
N GLN B 162 50.08 0.16 50.12
CA GLN B 162 48.80 0.59 50.66
C GLN B 162 48.05 1.55 49.72
N ALA B 163 48.77 2.24 48.84
CA ALA B 163 48.11 3.14 47.91
C ALA B 163 47.45 2.31 46.84
N ASP B 164 48.10 1.18 46.53
CA ASP B 164 47.65 0.28 45.49
C ASP B 164 46.58 -0.65 46.07
N ASP B 165 46.64 -0.94 47.37
CA ASP B 165 45.67 -1.86 47.97
C ASP B 165 44.26 -1.25 47.95
N ALA B 166 44.11 -0.10 48.61
CA ALA B 166 42.91 0.72 48.42
C ALA B 166 42.98 1.38 47.05
N LEU B 167 41.88 1.51 46.37
CA LEU B 167 41.92 1.82 44.95
C LEU B 167 42.21 0.69 43.99
N ARG B 168 42.72 -0.44 44.47
CA ARG B 168 42.78 -1.57 43.53
C ARG B 168 41.38 -2.08 43.85
N ALA B 169 41.00 -1.99 45.13
CA ALA B 169 39.66 -2.34 45.58
C ALA B 169 38.65 -1.47 44.88
N ALA B 170 38.99 -0.19 44.68
CA ALA B 170 38.08 0.75 44.04
C ALA B 170 37.90 0.37 42.56
N VAL B 171 38.98 -0.12 41.95
CA VAL B 171 38.94 -0.65 40.59
C VAL B 171 38.05 -1.89 40.49
N ALA B 172 38.16 -2.80 41.47
CA ALA B 172 37.32 -4.00 41.54
C ALA B 172 35.84 -3.64 41.58
N GLU B 173 35.52 -2.49 42.16
CA GLU B 173 34.14 -2.05 42.17
C GLU B 173 33.69 -1.63 40.79
N HIS B 174 34.51 -0.88 40.08
CA HIS B 174 34.10 -0.27 38.84
C HIS B 174 33.92 -1.33 37.76
N LEU B 175 34.80 -2.32 37.82
CA LEU B 175 34.77 -3.51 36.99
C LEU B 175 33.46 -4.28 37.04
N ARG B 176 32.67 -4.08 38.10
CA ARG B 176 31.46 -4.89 38.31
C ARG B 176 30.31 -4.42 37.45
N GLY B 177 30.45 -3.20 36.92
CA GLY B 177 29.47 -2.67 35.99
C GLY B 177 29.56 -3.41 34.67
N ASP B 178 28.59 -3.17 33.80
CA ASP B 178 28.56 -3.83 32.51
C ASP B 178 29.43 -3.14 31.44
N GLU B 179 30.15 -2.10 31.84
CA GLU B 179 30.96 -1.31 30.91
C GLU B 179 32.16 -0.80 31.64
N VAL B 180 33.32 -1.31 31.27
CA VAL B 180 34.56 -0.95 31.92
C VAL B 180 35.27 0.12 31.09
N VAL B 181 35.88 1.11 31.76
CA VAL B 181 36.63 2.13 31.04
C VAL B 181 38.10 2.06 31.42
N ILE B 182 38.98 1.89 30.42
CA ILE B 182 40.43 2.00 30.64
C ILE B 182 40.98 3.33 30.10
N GLY B 183 41.55 4.16 30.99
CA GLY B 183 42.16 5.43 30.57
C GLY B 183 43.68 5.39 30.56
N ILE B 184 44.28 5.88 29.50
CA ILE B 184 45.73 5.79 29.37
C ILE B 184 46.25 7.06 28.78
N ASP B 185 47.15 7.71 29.51
CA ASP B 185 47.91 8.82 28.97
C ASP B 185 49.38 8.47 28.72
N LEU B 186 49.92 8.99 27.61
CA LEU B 186 51.28 8.66 27.21
C LEU B 186 52.23 9.80 27.64
N ALA B 187 51.70 11.01 27.75
CA ALA B 187 52.46 12.25 28.01
C ALA B 187 53.44 12.69 26.91
N ILE B 188 53.15 12.30 25.67
CA ILE B 188 53.96 12.71 24.52
C ILE B 188 53.51 13.93 23.76
N ALA B 189 52.37 13.83 23.09
CA ALA B 189 51.82 14.96 22.34
C ALA B 189 50.31 14.75 22.41
N ASP B 190 49.52 15.53 21.67
CA ASP B 190 48.05 15.43 21.76
C ASP B 190 47.24 14.32 21.11
N GLY B 191 47.92 13.28 20.65
CA GLY B 191 47.23 12.16 20.02
C GLY B 191 46.18 11.56 20.93
N ALA B 192 44.95 11.44 20.44
CA ALA B 192 43.88 10.84 21.21
C ALA B 192 43.16 9.82 20.34
N PHE B 193 42.60 8.80 20.99
CA PHE B 193 41.79 7.83 20.31
C PHE B 193 41.21 6.83 21.32
N THR B 194 39.92 6.53 21.17
CA THR B 194 39.19 5.54 21.94
C THR B 194 38.93 4.32 21.07
N VAL B 195 39.22 3.12 21.59
CA VAL B 195 38.82 1.84 20.93
C VAL B 195 37.81 1.05 21.81
N TYR B 196 37.08 0.12 21.19
CA TYR B 196 36.11 -0.69 21.96
C TYR B 196 36.31 -2.21 21.82
N GLY B 197 35.97 -2.95 22.86
CA GLY B 197 35.92 -4.38 22.74
C GLY B 197 35.11 -5.02 23.84
N CYS B 198 35.63 -6.11 24.41
CA CYS B 198 34.94 -6.84 25.46
C CYS B 198 35.82 -7.86 26.19
N ASP B 199 35.37 -8.19 27.38
CA ASP B 199 36.05 -9.16 28.19
C ASP B 199 36.05 -10.47 27.41
N LEU B 200 37.00 -11.34 27.71
CA LEU B 200 37.03 -12.60 27.08
C LEU B 200 36.45 -13.58 28.10
N THR B 201 35.24 -14.00 27.83
CA THR B 201 34.56 -14.96 28.69
C THR B 201 34.92 -16.37 28.26
N GLU B 202 34.25 -17.37 28.85
CA GLU B 202 34.49 -18.78 28.56
C GLU B 202 33.41 -19.20 27.60
N GLY B 203 32.31 -18.43 27.65
CA GLY B 203 31.28 -18.47 26.63
C GLY B 203 31.91 -18.25 25.26
N TYR B 204 32.93 -17.38 25.19
CA TYR B 204 33.60 -17.12 23.92
C TYR B 204 34.18 -18.42 23.42
N VAL B 205 34.84 -19.16 24.30
CA VAL B 205 35.48 -20.42 23.92
C VAL B 205 34.45 -21.51 23.57
N ARG B 206 33.33 -21.56 24.29
CA ARG B 206 32.33 -22.61 24.08
C ARG B 206 31.61 -22.41 22.76
N LEU B 207 31.10 -21.19 22.54
CA LEU B 207 30.54 -20.83 21.26
C LEU B 207 31.46 -21.27 20.11
N ASN B 208 32.67 -20.77 20.06
CA ASN B 208 33.56 -21.03 18.93
C ASN B 208 34.23 -22.41 18.87
N SER B 209 33.96 -23.24 19.87
CA SER B 209 34.35 -24.63 19.91
C SER B 209 33.24 -25.59 19.43
N GLU B 210 32.04 -25.36 19.95
CA GLU B 210 30.96 -26.35 19.85
C GLU B 210 30.12 -26.10 18.59
N TYR B 211 30.25 -24.92 17.99
CA TYR B 211 29.56 -24.55 16.75
C TYR B 211 30.53 -24.27 15.65
N THR B 212 30.07 -24.37 14.42
CA THR B 212 30.92 -24.11 13.31
C THR B 212 30.46 -22.77 12.80
N THR B 213 31.22 -21.72 13.10
CA THR B 213 30.86 -20.39 12.60
C THR B 213 32.08 -19.68 12.03
N THR C 8 -16.70 -10.57 18.00
CA THR C 8 -16.93 -9.09 18.10
C THR C 8 -16.21 -8.17 17.11
N PRO C 9 -15.00 -8.52 16.60
CA PRO C 9 -14.49 -7.59 15.56
C PRO C 9 -15.24 -7.75 14.25
N ARG C 10 -15.29 -6.74 13.40
CA ARG C 10 -16.01 -6.96 12.15
C ARG C 10 -15.16 -7.69 11.13
N GLY C 11 -15.81 -8.52 10.33
CA GLY C 11 -15.15 -9.21 9.24
C GLY C 11 -14.40 -10.44 9.68
N PHE C 12 -14.76 -10.97 10.82
CA PHE C 12 -14.21 -12.24 11.19
C PHE C 12 -15.32 -13.21 11.38
N VAL C 13 -15.08 -14.42 10.89
CA VAL C 13 -16.04 -15.49 10.87
C VAL C 13 -15.26 -16.71 11.27
N VAL C 14 -15.95 -17.70 11.87
CA VAL C 14 -15.37 -18.92 12.43
C VAL C 14 -16.16 -20.18 12.07
N HIS C 15 -15.45 -21.22 11.60
CA HIS C 15 -16.00 -22.54 11.27
C HIS C 15 -15.48 -23.58 12.25
N THR C 16 -16.39 -24.31 12.89
CA THR C 16 -16.00 -25.42 13.76
C THR C 16 -16.90 -26.61 13.56
N ALA C 17 -16.25 -27.76 13.37
CA ALA C 17 -16.90 -29.02 13.07
C ALA C 17 -16.06 -30.17 13.64
N PRO C 18 -16.70 -31.29 13.95
CA PRO C 18 -15.91 -32.44 14.32
C PRO C 18 -15.41 -33.13 13.06
N VAL C 19 -14.17 -33.58 13.05
CA VAL C 19 -13.65 -34.32 11.91
C VAL C 19 -13.04 -35.63 12.37
N GLY C 20 -13.24 -35.97 13.64
CA GLY C 20 -12.79 -37.25 14.15
C GLY C 20 -11.28 -37.35 14.23
N LEU C 21 -10.62 -36.26 14.64
CA LEU C 21 -9.17 -36.29 14.91
C LEU C 21 -8.90 -37.07 16.18
N ALA C 22 -9.91 -37.12 17.05
CA ALA C 22 -10.00 -38.12 18.11
C ALA C 22 -11.40 -38.72 18.02
N ASP C 23 -11.54 -39.96 18.48
CA ASP C 23 -12.75 -40.76 18.33
C ASP C 23 -13.77 -40.41 19.47
N ASP C 24 -14.08 -39.10 19.62
CA ASP C 24 -15.05 -38.60 20.63
C ASP C 24 -16.08 -37.64 20.01
N GLY C 25 -16.01 -37.48 18.69
CA GLY C 25 -16.84 -36.49 18.00
C GLY C 25 -16.83 -35.08 18.58
N ARG C 26 -15.67 -34.59 19.01
CA ARG C 26 -15.62 -33.22 19.57
C ARG C 26 -15.13 -32.24 18.48
N ASP C 27 -15.63 -31.01 18.45
CA ASP C 27 -15.13 -30.04 17.47
C ASP C 27 -13.61 -30.00 17.55
N ASP C 28 -12.93 -30.24 16.43
CA ASP C 28 -11.48 -30.16 16.43
C ASP C 28 -10.93 -29.73 15.07
N PHE C 29 -11.79 -29.11 14.28
CA PHE C 29 -11.39 -28.55 13.01
C PHE C 29 -11.98 -27.18 13.04
N THR C 30 -11.10 -26.19 12.92
CA THR C 30 -11.47 -24.78 12.99
C THR C 30 -10.87 -24.09 11.80
N VAL C 31 -11.67 -23.25 11.17
CA VAL C 31 -11.16 -22.29 10.23
C VAL C 31 -11.57 -20.92 10.69
N LEU C 32 -10.59 -20.06 10.80
CA LEU C 32 -10.85 -18.70 11.24
C LEU C 32 -10.41 -17.79 10.09
N ALA C 33 -11.23 -16.81 9.74
CA ALA C 33 -11.09 -16.13 8.42
C ALA C 33 -11.64 -14.71 8.36
N SER C 34 -10.97 -13.85 7.61
CA SER C 34 -11.35 -12.46 7.49
C SER C 34 -12.05 -12.22 6.19
N THR C 35 -13.20 -11.56 6.26
CA THR C 35 -13.96 -11.24 5.06
C THR C 35 -13.23 -10.21 4.19
N ALA C 36 -12.15 -9.65 4.71
CA ALA C 36 -11.41 -8.61 4.01
C ALA C 36 -9.92 -8.95 3.96
N PRO C 37 -9.16 -8.40 2.99
CA PRO C 37 -7.71 -8.56 3.06
C PRO C 37 -7.22 -8.14 4.43
N ALA C 38 -6.23 -8.84 4.96
CA ALA C 38 -5.71 -8.43 6.22
C ALA C 38 -4.22 -8.58 6.28
N THR C 39 -3.63 -7.75 7.13
CA THR C 39 -2.20 -7.76 7.40
C THR C 39 -1.99 -8.78 8.52
N VAL C 40 -1.02 -9.66 8.32
CA VAL C 40 -0.77 -10.71 9.29
C VAL C 40 0.60 -10.63 9.98
N SER C 41 0.64 -10.99 11.26
CA SER C 41 1.90 -11.05 11.99
C SER C 41 2.01 -12.37 12.72
N ALA C 42 3.15 -13.03 12.60
CA ALA C 42 3.23 -14.36 13.17
C ALA C 42 4.63 -14.65 13.64
N VAL C 43 4.73 -15.60 14.57
CA VAL C 43 5.97 -16.14 15.04
C VAL C 43 5.66 -17.58 15.41
N PHE C 44 6.70 -18.42 15.37
CA PHE C 44 6.55 -19.87 15.40
C PHE C 44 7.80 -20.49 15.98
N THR C 45 7.62 -21.64 16.63
CA THR C 45 8.68 -22.53 17.07
C THR C 45 9.81 -22.70 16.03
N ARG C 46 11.04 -22.83 16.50
CA ARG C 46 12.19 -23.07 15.61
C ARG C 46 12.62 -24.49 15.90
N SER C 47 11.65 -25.27 16.37
CA SER C 47 11.88 -26.64 16.77
C SER C 47 12.53 -27.33 15.61
N ARG C 48 13.60 -28.09 15.89
CA ARG C 48 14.24 -28.93 14.87
C ARG C 48 13.21 -29.87 14.23
N PHE C 49 12.34 -30.44 15.06
CA PHE C 49 11.24 -31.30 14.60
C PHE C 49 9.97 -30.47 14.25
N ALA C 50 10.14 -29.25 13.75
CA ALA C 50 8.98 -28.43 13.41
C ALA C 50 8.07 -29.25 12.52
N GLY C 51 6.75 -29.13 12.73
CA GLY C 51 5.78 -29.88 11.98
C GLY C 51 5.61 -29.23 10.63
N PRO C 52 5.12 -29.99 9.62
CA PRO C 52 5.04 -29.31 8.33
C PRO C 52 3.95 -28.20 8.23
N SER C 53 3.01 -28.13 9.19
CA SER C 53 2.13 -26.94 9.28
C SER C 53 2.92 -25.61 9.49
N VAL C 54 3.98 -25.70 10.31
CA VAL C 54 4.79 -24.54 10.67
C VAL C 54 5.41 -23.97 9.41
N VAL C 55 6.10 -24.80 8.64
CA VAL C 55 6.74 -24.37 7.42
C VAL C 55 5.74 -23.66 6.51
N LEU C 56 4.59 -24.28 6.26
CA LEU C 56 3.63 -23.63 5.37
C LEU C 56 3.22 -22.26 5.96
N CYS C 57 2.82 -22.22 7.23
CA CYS C 57 2.66 -20.95 7.93
C CYS C 57 3.74 -19.86 7.65
N ARG C 58 5.02 -20.22 7.68
CA ARG C 58 6.07 -19.24 7.42
C ARG C 58 5.85 -18.63 6.07
N GLU C 59 5.79 -19.49 5.04
CA GLU C 59 5.54 -19.07 3.64
C GLU C 59 4.31 -18.17 3.50
N ALA C 60 3.27 -18.42 4.27
CA ALA C 60 2.04 -17.65 4.10
C ALA C 60 2.21 -16.17 4.49
N VAL C 61 2.95 -15.93 5.56
CA VAL C 61 3.11 -14.61 6.15
C VAL C 61 4.30 -13.86 5.62
N ALA C 62 5.04 -14.49 4.75
CA ALA C 62 6.21 -13.90 4.16
C ALA C 62 5.91 -12.51 3.62
N ASP C 63 4.80 -12.35 2.88
CA ASP C 63 4.38 -11.03 2.34
C ASP C 63 3.44 -10.21 3.27
N GLY C 64 3.38 -10.58 4.57
CA GLY C 64 2.57 -9.89 5.58
C GLY C 64 1.07 -9.86 5.29
N GLN C 65 0.64 -10.66 4.33
CA GLN C 65 -0.75 -10.66 3.89
C GLN C 65 -1.38 -12.06 4.08
N ALA C 66 -2.55 -12.09 4.70
CA ALA C 66 -3.30 -13.34 4.97
C ALA C 66 -4.66 -13.08 5.59
N ARG C 67 -5.53 -14.07 5.44
CA ARG C 67 -6.93 -13.87 5.69
C ARG C 67 -7.49 -14.91 6.64
N GLY C 68 -6.66 -15.83 7.10
CA GLY C 68 -7.15 -16.79 8.07
C GLY C 68 -6.26 -17.98 8.36
N VAL C 69 -6.86 -18.96 9.06
CA VAL C 69 -6.13 -20.12 9.51
C VAL C 69 -6.98 -21.35 9.79
N VAL C 70 -6.55 -22.49 9.29
CA VAL C 70 -7.20 -23.73 9.64
C VAL C 70 -6.41 -24.41 10.74
N VAL C 71 -7.13 -24.97 11.71
CA VAL C 71 -6.52 -25.49 12.93
C VAL C 71 -7.12 -26.85 13.29
N LEU C 72 -6.27 -27.86 13.39
CA LEU C 72 -6.73 -29.22 13.70
C LEU C 72 -6.25 -29.64 15.10
N ALA C 73 -7.15 -30.19 15.90
CA ALA C 73 -6.80 -30.46 17.30
C ALA C 73 -6.84 -31.94 17.61
N ARG C 74 -5.93 -32.39 18.48
CA ARG C 74 -5.79 -33.80 18.85
C ARG C 74 -4.89 -34.58 17.88
N ASN C 75 -4.25 -33.85 16.97
CA ASN C 75 -3.13 -34.37 16.19
C ASN C 75 -2.28 -33.24 15.61
N ALA C 76 -1.01 -33.22 15.98
CA ALA C 76 -0.11 -32.15 15.59
C ALA C 76 0.38 -32.27 14.14
N ASN C 77 0.25 -33.47 13.59
CA ASN C 77 0.85 -33.80 12.31
C ASN C 77 2.35 -33.53 12.37
N VAL C 78 3.02 -34.20 13.29
CA VAL C 78 4.45 -34.01 13.48
C VAL C 78 5.17 -35.35 13.43
N ALA C 79 6.38 -35.32 12.89
CA ALA C 79 7.20 -36.49 12.67
C ALA C 79 6.38 -37.57 11.92
N THR C 80 5.52 -37.07 11.04
CA THR C 80 4.74 -37.89 10.13
C THR C 80 5.37 -37.95 8.72
N GLY C 81 6.67 -37.62 8.64
CA GLY C 81 7.47 -37.65 7.44
C GLY C 81 6.73 -37.16 6.24
N LEU C 82 7.02 -37.76 5.08
CA LEU C 82 6.51 -37.25 3.81
C LEU C 82 4.98 -37.33 3.65
N GLU C 83 4.37 -38.26 4.38
CA GLU C 83 2.94 -38.39 4.27
C GLU C 83 2.27 -37.15 4.88
N GLY C 84 2.81 -36.66 5.99
CA GLY C 84 2.22 -35.54 6.74
C GLY C 84 2.28 -34.26 5.95
N GLU C 85 3.46 -33.99 5.36
CA GLU C 85 3.71 -32.85 4.46
C GLU C 85 2.62 -32.73 3.41
N GLU C 86 2.29 -33.86 2.79
CA GLU C 86 1.29 -33.88 1.72
C GLU C 86 -0.03 -33.56 2.37
N ASN C 87 -0.26 -34.13 3.56
CA ASN C 87 -1.51 -33.83 4.27
C ASN C 87 -1.68 -32.34 4.69
N ALA C 88 -0.59 -31.71 5.10
CA ALA C 88 -0.59 -30.28 5.40
C ALA C 88 -0.96 -29.52 4.13
N ARG C 89 -0.15 -29.71 3.09
CA ARG C 89 -0.39 -29.06 1.82
C ARG C 89 -1.83 -29.26 1.39
N GLU C 90 -2.33 -30.47 1.56
CA GLU C 90 -3.66 -30.79 1.07
C GLU C 90 -4.73 -30.06 1.87
N VAL C 91 -4.60 -30.11 3.20
CA VAL C 91 -5.63 -29.48 4.01
C VAL C 91 -5.69 -27.96 3.81
N ARG C 92 -4.55 -27.30 3.98
CA ARG C 92 -4.41 -25.88 3.69
C ARG C 92 -4.91 -25.57 2.27
N GLU C 93 -4.57 -26.40 1.31
CA GLU C 93 -4.92 -26.08 -0.05
C GLU C 93 -6.44 -26.10 -0.27
N ALA C 94 -7.09 -27.10 0.33
CA ALA C 94 -8.51 -27.32 0.16
C ALA C 94 -9.34 -26.29 0.92
N VAL C 95 -8.95 -25.95 2.15
CA VAL C 95 -9.59 -24.83 2.87
C VAL C 95 -9.50 -23.54 2.03
N ALA C 96 -8.34 -23.26 1.43
CA ALA C 96 -8.18 -22.04 0.63
C ALA C 96 -9.08 -22.06 -0.61
N ARG C 97 -9.22 -23.22 -1.25
CA ARG C 97 -10.11 -23.34 -2.37
C ARG C 97 -11.57 -23.12 -2.01
N ALA C 98 -12.04 -23.86 -1.03
CA ALA C 98 -13.37 -23.66 -0.48
C ALA C 98 -13.73 -22.19 -0.19
N LEU C 99 -12.75 -21.40 0.23
CA LEU C 99 -13.04 -20.02 0.58
C LEU C 99 -12.61 -19.01 -0.49
N GLY C 100 -12.21 -19.48 -1.67
CA GLY C 100 -11.71 -18.58 -2.72
C GLY C 100 -10.46 -17.76 -2.39
N LEU C 101 -9.49 -18.36 -1.71
CA LEU C 101 -8.30 -17.67 -1.21
C LEU C 101 -7.03 -18.29 -1.77
N PRO C 102 -6.00 -17.47 -2.06
CA PRO C 102 -4.67 -18.06 -2.45
C PRO C 102 -4.06 -18.86 -1.32
N GLU C 103 -3.46 -20.00 -1.62
CA GLU C 103 -2.74 -20.82 -0.63
C GLU C 103 -1.95 -19.96 0.33
N GLY C 104 -1.25 -18.96 -0.20
CA GLY C 104 -0.44 -18.02 0.60
C GLY C 104 -1.17 -17.12 1.60
N GLU C 105 -2.49 -16.97 1.48
CA GLU C 105 -3.27 -16.16 2.42
C GLU C 105 -3.93 -16.99 3.52
N MET C 106 -3.49 -18.24 3.65
CA MET C 106 -4.14 -19.19 4.52
C MET C 106 -3.16 -20.05 5.32
N LEU C 107 -3.23 -19.95 6.62
CA LEU C 107 -2.32 -20.66 7.49
C LEU C 107 -2.98 -21.92 7.98
N ILE C 108 -2.20 -22.87 8.41
CA ILE C 108 -2.69 -24.12 8.93
C ILE C 108 -1.95 -24.30 10.22
N ALA C 109 -2.65 -24.51 11.32
CA ALA C 109 -2.00 -24.79 12.63
C ALA C 109 -2.46 -26.15 13.17
N SER C 110 -1.51 -26.95 13.63
CA SER C 110 -1.92 -28.25 14.10
C SER C 110 -1.44 -28.53 15.51
N THR C 111 -2.29 -29.17 16.30
CA THR C 111 -1.92 -29.45 17.70
C THR C 111 -2.28 -30.87 18.13
N GLY C 112 -1.49 -31.46 19.02
CA GLY C 112 -1.84 -32.76 19.60
C GLY C 112 -0.73 -33.78 19.53
N VAL C 113 -1.11 -35.03 19.30
CA VAL C 113 -0.19 -36.17 19.36
C VAL C 113 0.81 -36.09 18.20
N ILE C 114 2.04 -36.54 18.48
CA ILE C 114 3.14 -36.62 17.53
C ILE C 114 3.29 -38.07 17.04
N GLY C 115 3.63 -38.23 15.74
CA GLY C 115 3.92 -39.53 15.13
C GLY C 115 2.72 -40.35 14.73
N ARG C 116 1.63 -39.68 14.34
CA ARG C 116 0.34 -40.31 14.03
C ARG C 116 -0.15 -39.63 12.80
N GLN C 117 -0.60 -40.35 11.79
CA GLN C 117 -1.08 -39.69 10.56
C GLN C 117 -2.48 -39.08 10.71
N TYR C 118 -2.79 -38.08 9.88
CA TYR C 118 -4.14 -37.54 9.86
C TYR C 118 -5.15 -38.64 9.48
N PRO C 119 -6.37 -38.57 10.06
CA PRO C 119 -7.44 -39.40 9.55
C PRO C 119 -7.98 -38.73 8.27
N MET C 120 -7.18 -38.75 7.22
CA MET C 120 -7.51 -38.05 5.97
C MET C 120 -8.88 -38.33 5.37
N GLU C 121 -9.29 -39.59 5.40
CA GLU C 121 -10.49 -39.95 4.66
C GLU C 121 -11.65 -39.19 5.27
N SER C 122 -11.55 -38.90 6.56
CA SER C 122 -12.59 -38.14 7.21
C SER C 122 -12.51 -36.63 6.95
N ILE C 123 -11.29 -36.07 7.00
CA ILE C 123 -11.02 -34.66 6.69
C ILE C 123 -11.42 -34.28 5.26
N ARG C 124 -11.26 -35.23 4.34
CA ARG C 124 -11.45 -35.03 2.90
C ARG C 124 -12.91 -34.88 2.52
N GLU C 125 -13.75 -35.56 3.30
CA GLU C 125 -15.18 -35.54 3.11
C GLU C 125 -15.70 -34.23 3.63
N HIS C 126 -15.12 -33.80 4.74
CA HIS C 126 -15.61 -32.61 5.41
C HIS C 126 -15.28 -31.35 4.63
N LEU C 127 -14.11 -31.37 4.02
CA LEU C 127 -13.66 -30.24 3.24
C LEU C 127 -14.59 -30.02 2.04
N LYS C 128 -15.06 -31.14 1.50
CA LYS C 128 -16.11 -31.13 0.48
C LYS C 128 -17.32 -30.27 0.85
N THR C 129 -17.63 -30.12 2.14
CA THR C 129 -18.81 -29.35 2.59
C THR C 129 -18.46 -27.90 2.97
N LEU C 130 -17.17 -27.60 3.04
CA LEU C 130 -16.71 -26.33 3.60
C LEU C 130 -17.09 -25.12 2.74
N GLU C 131 -17.78 -24.16 3.35
CA GLU C 131 -18.03 -22.91 2.66
C GLU C 131 -18.04 -21.77 3.65
N TRP C 132 -17.84 -20.56 3.13
CA TRP C 132 -17.93 -19.36 3.93
C TRP C 132 -19.11 -19.41 4.88
N PRO C 133 -18.83 -19.28 6.19
CA PRO C 133 -19.83 -19.28 7.24
C PRO C 133 -20.71 -18.04 7.11
N ALA C 134 -22.02 -18.21 7.22
CA ALA C 134 -22.91 -17.08 7.06
C ALA C 134 -22.92 -16.42 8.42
N GLY C 135 -22.72 -15.11 8.47
CA GLY C 135 -22.72 -14.40 9.75
C GLY C 135 -21.39 -14.45 10.48
N GLU C 136 -20.98 -13.31 11.02
CA GLU C 136 -19.69 -13.10 11.67
C GLU C 136 -19.55 -13.61 13.14
N GLY C 137 -18.32 -13.67 13.63
CA GLY C 137 -18.04 -14.04 15.01
C GLY C 137 -18.02 -15.55 15.26
N GLY C 138 -18.07 -15.93 16.54
CA GLY C 138 -18.00 -17.32 16.96
C GLY C 138 -16.61 -17.65 17.46
N PHE C 139 -15.96 -16.69 18.10
CA PHE C 139 -14.61 -16.91 18.59
C PHE C 139 -14.65 -17.82 19.81
N ASP C 140 -15.80 -17.87 20.46
CA ASP C 140 -15.98 -18.74 21.58
C ASP C 140 -15.91 -20.20 21.12
N ARG C 141 -16.47 -20.45 19.93
CA ARG C 141 -16.42 -21.77 19.30
C ARG C 141 -14.99 -22.17 18.90
N ALA C 142 -14.20 -21.19 18.48
CA ALA C 142 -12.76 -21.39 18.15
C ALA C 142 -11.94 -21.73 19.39
N ALA C 143 -12.20 -20.99 20.45
CA ALA C 143 -11.57 -21.22 21.74
C ALA C 143 -11.65 -22.70 22.10
N ARG C 144 -12.88 -23.24 22.06
CA ARG C 144 -13.17 -24.62 22.46
C ARG C 144 -12.66 -25.70 21.49
N ALA C 145 -12.79 -25.46 20.19
CA ALA C 145 -12.40 -26.42 19.15
C ALA C 145 -10.93 -26.70 19.08
N ILE C 146 -10.13 -25.75 19.53
CA ILE C 146 -8.67 -25.87 19.42
C ILE C 146 -8.05 -26.50 20.66
N MET C 147 -8.81 -26.64 21.73
CA MET C 147 -8.21 -27.10 23.00
C MET C 147 -7.63 -28.51 22.82
N THR C 148 -6.70 -28.93 23.67
CA THR C 148 -6.44 -30.38 23.72
C THR C 148 -6.42 -30.94 25.15
N THR C 149 -5.44 -30.52 25.94
CA THR C 149 -5.41 -30.83 27.36
C THR C 149 -5.81 -29.66 28.25
N ASP C 150 -6.16 -28.53 27.66
CA ASP C 150 -6.66 -27.43 28.44
C ASP C 150 -7.97 -27.92 29.13
N THR C 151 -8.17 -27.60 30.42
CA THR C 151 -9.40 -27.98 31.12
C THR C 151 -10.53 -26.97 30.81
N ARG C 152 -10.10 -25.78 30.40
CA ARG C 152 -10.99 -24.67 30.13
C ARG C 152 -10.53 -23.88 28.87
N PRO C 153 -11.49 -23.31 28.08
CA PRO C 153 -11.11 -22.52 26.89
C PRO C 153 -10.51 -21.19 27.31
N LYS C 154 -9.75 -20.58 26.40
CA LYS C 154 -9.02 -19.36 26.75
C LYS C 154 -9.24 -18.23 25.75
N GLU C 155 -9.96 -17.21 26.18
CA GLU C 155 -10.13 -16.01 25.34
C GLU C 155 -10.10 -14.67 26.09
N VAL C 156 -10.06 -13.59 25.34
CA VAL C 156 -10.06 -12.27 25.95
C VAL C 156 -10.45 -11.28 24.87
N ARG C 157 -11.11 -10.20 25.29
CA ARG C 157 -11.63 -9.23 24.35
C ARG C 157 -11.32 -7.86 24.86
N VAL C 158 -10.57 -7.09 24.09
CA VAL C 158 -10.33 -5.71 24.47
C VAL C 158 -10.80 -4.76 23.40
N SER C 159 -11.25 -3.57 23.81
CA SER C 159 -11.60 -2.51 22.85
C SER C 159 -10.49 -1.48 22.77
N VAL C 160 -10.29 -0.90 21.58
CA VAL C 160 -9.36 0.22 21.35
C VAL C 160 -9.67 1.24 20.30
N GLY C 161 -10.20 2.38 20.73
CA GLY C 161 -10.59 3.48 19.84
C GLY C 161 -11.44 3.07 18.64
N GLY C 162 -12.63 2.54 18.92
CA GLY C 162 -13.59 2.24 17.86
C GLY C 162 -13.31 0.91 17.20
N ALA C 163 -12.22 0.24 17.60
CA ALA C 163 -11.95 -1.11 17.10
C ALA C 163 -12.08 -2.15 18.24
N THR C 164 -11.94 -3.44 17.86
CA THR C 164 -12.08 -4.59 18.78
C THR C 164 -10.94 -5.57 18.57
N LEU C 165 -10.28 -5.95 19.67
CA LEU C 165 -9.26 -6.99 19.60
C LEU C 165 -9.76 -8.21 20.36
N VAL C 166 -9.58 -9.38 19.78
CA VAL C 166 -10.07 -10.60 20.35
C VAL C 166 -8.93 -11.57 20.26
N GLY C 167 -8.69 -12.29 21.34
CA GLY C 167 -7.65 -13.29 21.37
C GLY C 167 -8.10 -14.63 21.94
N ILE C 168 -7.47 -15.69 21.44
CA ILE C 168 -7.72 -17.02 21.95
C ILE C 168 -6.38 -17.75 21.97
N ALA C 169 -6.13 -18.46 23.04
CA ALA C 169 -4.92 -19.26 23.07
C ALA C 169 -5.28 -20.63 23.53
N LYS C 170 -4.30 -21.50 23.55
CA LYS C 170 -4.47 -22.76 24.15
C LYS C 170 -3.10 -23.36 24.35
N GLY C 171 -2.98 -24.27 25.30
CA GLY C 171 -1.77 -25.07 25.48
C GLY C 171 -1.20 -25.00 26.87
N VAL C 172 -1.25 -26.11 27.58
CA VAL C 172 -0.80 -26.19 28.98
C VAL C 172 0.21 -27.29 29.30
N GLY C 173 0.74 -27.95 28.27
CA GLY C 173 1.87 -28.85 28.41
C GLY C 173 2.68 -28.68 27.15
N MET C 174 3.90 -29.20 27.16
CA MET C 174 4.79 -29.00 26.05
C MET C 174 4.80 -27.53 25.80
N LEU C 175 5.08 -26.75 26.83
CA LEU C 175 4.91 -25.36 26.68
C LEU C 175 6.05 -24.58 27.29
N GLU C 176 6.96 -24.14 26.45
CA GLU C 176 7.83 -23.02 26.76
C GLU C 176 8.20 -22.32 25.45
N PRO C 177 7.30 -21.49 24.92
CA PRO C 177 7.53 -20.93 23.60
C PRO C 177 8.83 -20.16 23.48
N ASP C 178 9.42 -20.23 22.29
CA ASP C 178 10.62 -19.50 22.00
C ASP C 178 10.48 -19.23 20.51
N MET C 179 9.43 -18.47 20.18
CA MET C 179 8.96 -18.39 18.82
C MET C 179 9.52 -17.19 18.14
N ALA C 180 9.77 -17.28 16.84
CA ALA C 180 10.28 -16.12 16.11
C ALA C 180 9.85 -16.06 14.68
N LEU D 2 1.63 -24.41 22.32
CA LEU D 2 1.05 -23.07 22.11
C LEU D 2 0.33 -22.90 20.75
N LEU D 3 -0.97 -22.71 20.81
CA LEU D 3 -1.62 -22.08 19.70
C LEU D 3 -2.26 -20.79 20.20
N THR D 4 -1.95 -19.68 19.55
CA THR D 4 -2.69 -18.45 19.85
C THR D 4 -2.92 -17.58 18.63
N PHE D 5 -4.16 -17.12 18.50
CA PHE D 5 -4.56 -16.29 17.37
C PHE D 5 -5.38 -15.12 17.84
N PHE D 6 -5.09 -13.99 17.19
CA PHE D 6 -5.67 -12.70 17.51
C PHE D 6 -6.32 -12.15 16.26
N ALA D 7 -7.43 -11.44 16.46
CA ALA D 7 -8.13 -10.79 15.37
C ALA D 7 -8.55 -9.38 15.75
N THR D 8 -8.37 -8.47 14.82
CA THR D 8 -8.82 -7.12 15.05
C THR D 8 -9.28 -6.47 13.77
N ASP D 9 -10.22 -5.53 13.92
CA ASP D 9 -10.79 -4.76 12.81
C ASP D 9 -10.12 -3.38 12.84
N ALA D 10 -8.92 -3.38 13.40
CA ALA D 10 -8.05 -2.22 13.43
C ALA D 10 -7.35 -2.09 12.09
N ARG D 11 -6.87 -0.87 11.79
CA ARG D 11 -5.97 -0.64 10.67
C ARG D 11 -4.66 -0.06 11.17
N LEU D 12 -3.59 -0.77 10.83
CA LEU D 12 -2.29 -0.56 11.42
C LEU D 12 -1.24 -0.58 10.35
N ASP D 13 -0.25 0.31 10.52
CA ASP D 13 0.92 0.33 9.64
C ASP D 13 1.50 -1.05 9.52
N PRO D 14 1.68 -1.54 8.26
CA PRO D 14 2.16 -2.95 8.14
C PRO D 14 3.54 -3.19 8.77
N ALA D 15 4.29 -2.11 9.05
CA ALA D 15 5.62 -2.26 9.66
C ALA D 15 5.58 -2.25 11.20
N GLU D 16 4.78 -1.35 11.79
CA GLU D 16 4.64 -1.28 13.26
C GLU D 16 3.88 -2.47 13.78
N GLN D 17 2.97 -3.01 12.98
CA GLN D 17 2.26 -4.18 13.43
C GLN D 17 3.25 -5.23 13.81
N ASP D 18 4.15 -5.55 12.88
CA ASP D 18 5.08 -6.64 13.11
C ASP D 18 6.03 -6.26 14.22
N ARG D 19 6.21 -4.97 14.47
CA ARG D 19 7.15 -4.56 15.51
C ARG D 19 6.47 -4.73 16.83
N LEU D 20 5.24 -4.22 16.93
CA LEU D 20 4.54 -4.26 18.20
C LEU D 20 4.22 -5.71 18.58
N PHE D 21 4.02 -6.55 17.58
CA PHE D 21 3.49 -7.85 17.84
C PHE D 21 4.59 -8.71 18.39
N ARG D 22 5.79 -8.51 17.87
CA ARG D 22 6.96 -9.20 18.36
C ARG D 22 7.34 -8.76 19.77
N ARG D 23 7.38 -7.45 20.01
CA ARG D 23 7.70 -6.94 21.34
C ARG D 23 6.77 -7.55 22.38
N VAL D 24 5.48 -7.60 22.07
CA VAL D 24 4.51 -8.10 23.03
C VAL D 24 4.69 -9.59 23.16
N MET D 25 4.86 -10.28 22.03
CA MET D 25 5.13 -11.73 22.07
C MET D 25 6.33 -12.05 22.98
N ASP D 26 7.42 -11.31 22.84
CA ASP D 26 8.62 -11.66 23.59
C ASP D 26 8.40 -11.40 25.06
N ARG D 27 7.53 -10.44 25.37
CA ARG D 27 7.23 -10.05 26.76
C ARG D 27 6.21 -10.98 27.40
N THR D 28 5.48 -11.72 26.58
CA THR D 28 4.39 -12.52 27.08
C THR D 28 4.56 -14.01 26.79
N PHE D 29 4.12 -14.49 25.62
CA PHE D 29 4.08 -15.95 25.33
C PHE D 29 5.49 -16.56 25.33
N ASN D 30 6.50 -15.78 24.92
CA ASN D 30 7.90 -16.22 24.97
C ASN D 30 8.57 -15.99 26.33
N ALA D 31 7.74 -15.82 27.36
CA ALA D 31 8.19 -15.53 28.70
C ALA D 31 7.42 -16.40 29.67
N VAL D 32 6.67 -17.36 29.13
CA VAL D 32 5.94 -18.32 29.99
C VAL D 32 6.46 -19.72 29.79
N SER D 33 6.40 -20.54 30.83
CA SER D 33 7.02 -21.84 30.76
C SER D 33 6.46 -22.81 31.81
N ILE D 34 5.84 -23.88 31.31
CA ILE D 34 5.19 -24.86 32.16
C ILE D 34 6.06 -26.07 32.45
N ASP D 35 6.73 -26.60 31.42
CA ASP D 35 7.58 -27.81 31.59
C ASP D 35 8.89 -27.75 30.83
N THR D 36 9.34 -26.54 30.46
CA THR D 36 10.53 -26.34 29.62
C THR D 36 10.45 -27.03 28.24
N ASP D 37 9.32 -27.69 27.94
CA ASP D 37 9.25 -28.55 26.76
C ASP D 37 8.71 -27.84 25.50
N THR D 38 9.53 -26.92 24.96
CA THR D 38 9.25 -26.18 23.75
C THR D 38 8.79 -27.09 22.61
N SER D 39 7.57 -26.84 22.12
CA SER D 39 6.93 -27.76 21.22
C SER D 39 7.38 -27.68 19.74
N THR D 40 6.99 -28.69 18.98
CA THR D 40 7.25 -28.80 17.57
C THR D 40 6.29 -27.89 16.80
N SER D 41 5.32 -27.29 17.48
CA SER D 41 4.20 -26.73 16.75
C SER D 41 3.76 -25.31 17.10
N ASP D 42 4.44 -24.66 18.05
CA ASP D 42 3.99 -23.38 18.58
C ASP D 42 3.66 -22.36 17.52
N THR D 43 2.41 -21.90 17.48
CA THR D 43 2.00 -20.83 16.54
C THR D 43 1.30 -19.67 17.24
N ALA D 44 1.84 -18.48 17.01
CA ALA D 44 1.25 -17.22 17.44
C ALA D 44 1.03 -16.30 16.22
N VAL D 45 -0.18 -15.75 16.13
CA VAL D 45 -0.65 -15.00 14.97
C VAL D 45 -1.64 -13.90 15.37
N LEU D 46 -1.49 -12.75 14.74
CA LEU D 46 -2.48 -11.68 14.80
C LEU D 46 -2.95 -11.25 13.39
N PHE D 47 -4.26 -11.35 13.16
CA PHE D 47 -4.85 -10.90 11.90
C PHE D 47 -5.48 -9.51 12.06
N ALA D 48 -5.09 -8.59 11.19
CA ALA D 48 -5.74 -7.28 11.17
C ALA D 48 -6.30 -6.85 9.79
N ASN D 49 -7.63 -6.85 9.66
CA ASN D 49 -8.31 -6.10 8.59
C ASN D 49 -8.81 -4.75 9.12
N GLY D 50 -8.69 -3.69 8.33
CA GLY D 50 -8.93 -2.37 8.86
C GLY D 50 -10.36 -1.93 8.75
N LEU D 51 -11.28 -2.75 9.23
CA LEU D 51 -12.71 -2.45 9.07
C LEU D 51 -13.22 -1.34 9.97
N ALA D 52 -12.68 -1.26 11.17
CA ALA D 52 -13.08 -0.26 12.14
C ALA D 52 -12.24 1.00 12.03
N GLY D 53 -11.44 1.11 10.97
CA GLY D 53 -10.68 2.31 10.73
C GLY D 53 -9.39 2.33 11.51
N GLU D 54 -8.70 3.46 11.49
CA GLU D 54 -7.37 3.50 12.05
C GLU D 54 -7.36 3.53 13.57
N VAL D 55 -6.35 2.90 14.14
CA VAL D 55 -6.10 2.99 15.58
C VAL D 55 -4.64 3.34 15.75
N ASP D 56 -4.37 4.12 16.80
CA ASP D 56 -3.01 4.40 17.28
C ASP D 56 -2.26 3.12 17.62
N ALA D 57 -1.02 3.07 17.14
CA ALA D 57 -0.13 1.95 17.36
C ALA D 57 0.18 1.72 18.84
N GLY D 58 0.63 2.74 19.53
CA GLY D 58 0.87 2.63 20.96
C GLY D 58 -0.33 2.12 21.77
N GLU D 59 -1.50 2.64 21.42
CA GLU D 59 -2.74 2.30 22.12
C GLU D 59 -3.10 0.85 21.88
N PHE D 60 -3.04 0.45 20.62
CA PHE D 60 -3.30 -0.92 20.24
C PHE D 60 -2.24 -1.88 20.81
N GLU D 61 -0.97 -1.46 20.80
CA GLU D 61 0.10 -2.27 21.43
C GLU D 61 -0.24 -2.59 22.89
N GLU D 62 -0.86 -1.63 23.57
CA GLU D 62 -1.26 -1.77 24.98
C GLU D 62 -2.45 -2.70 25.17
N ALA D 63 -3.34 -2.71 24.18
CA ALA D 63 -4.47 -3.64 24.15
C ALA D 63 -3.97 -5.06 23.86
N LEU D 64 -2.95 -5.17 23.02
CA LEU D 64 -2.34 -6.46 22.74
C LEU D 64 -1.60 -6.98 23.97
N HIS D 65 -0.84 -6.12 24.64
CA HIS D 65 -0.10 -6.56 25.81
C HIS D 65 -1.01 -7.10 26.88
N THR D 66 -2.07 -6.36 27.18
CA THR D 66 -3.06 -6.70 28.19
C THR D 66 -3.72 -8.04 27.82
N ALA D 67 -4.09 -8.23 26.56
CA ALA D 67 -4.69 -9.48 26.15
C ALA D 67 -3.65 -10.58 26.23
N ALA D 68 -2.55 -10.42 25.51
CA ALA D 68 -1.50 -11.45 25.47
C ALA D 68 -1.18 -11.94 26.88
N LEU D 69 -1.12 -11.00 27.83
CA LEU D 69 -0.74 -11.34 29.20
C LEU D 69 -1.81 -12.09 29.95
N ALA D 70 -3.05 -11.63 29.81
CA ALA D 70 -4.18 -12.27 30.48
C ALA D 70 -4.27 -13.73 30.03
N LEU D 71 -4.10 -13.95 28.73
CA LEU D 71 -4.05 -15.25 28.14
C LEU D 71 -2.84 -16.06 28.63
N VAL D 72 -1.68 -15.43 28.67
CA VAL D 72 -0.53 -16.09 29.23
C VAL D 72 -0.78 -16.54 30.68
N LYS D 73 -1.33 -15.66 31.54
CA LYS D 73 -1.56 -16.02 32.98
C LYS D 73 -2.53 -17.16 33.07
N ASP D 74 -3.44 -17.15 32.11
CA ASP D 74 -4.48 -18.13 32.00
C ASP D 74 -3.80 -19.44 31.55
N ILE D 75 -2.96 -19.39 30.50
CA ILE D 75 -2.18 -20.58 30.12
C ILE D 75 -1.55 -21.18 31.36
N ALA D 76 -1.02 -20.29 32.21
CA ALA D 76 -0.12 -20.69 33.25
C ALA D 76 -0.85 -21.26 34.46
N SER D 77 -1.84 -20.57 35.00
CA SER D 77 -2.63 -21.08 36.13
C SER D 77 -3.37 -22.37 35.78
N ASP D 78 -3.48 -22.66 34.51
CA ASP D 78 -4.25 -23.80 34.09
C ASP D 78 -3.31 -24.97 33.87
N GLY D 79 -2.01 -24.64 33.86
CA GLY D 79 -0.93 -25.59 33.53
C GLY D 79 -1.34 -26.99 33.90
N GLU D 80 -1.12 -27.96 33.01
CA GLU D 80 -1.47 -29.34 33.36
C GLU D 80 -1.13 -29.54 34.86
N GLY D 81 -2.12 -29.99 35.63
CA GLY D 81 -1.93 -30.24 37.06
C GLY D 81 -1.65 -29.07 38.01
N ALA D 82 -1.17 -27.93 37.49
CA ALA D 82 -0.89 -26.70 38.30
C ALA D 82 -1.99 -26.27 39.32
N ALA D 83 -1.59 -25.86 40.52
CA ALA D 83 -2.54 -25.25 41.45
C ALA D 83 -2.06 -23.85 41.84
N LYS D 84 -0.89 -23.43 41.34
CA LYS D 84 -0.25 -22.15 41.71
C LYS D 84 0.47 -21.56 40.51
N LEU D 85 0.22 -20.29 40.21
CA LEU D 85 1.04 -19.57 39.24
C LEU D 85 2.29 -18.97 39.91
N ILE D 86 3.49 -19.36 39.45
CA ILE D 86 4.75 -18.71 39.90
C ILE D 86 5.03 -17.50 39.03
N GLU D 87 5.35 -16.38 39.65
CA GLU D 87 5.75 -15.19 38.90
C GLU D 87 7.11 -14.83 39.43
N VAL D 88 8.10 -14.68 38.53
CA VAL D 88 9.49 -14.46 38.92
C VAL D 88 10.01 -13.17 38.32
N GLN D 89 10.13 -12.13 39.15
CA GLN D 89 10.49 -10.79 38.68
C GLN D 89 11.98 -10.59 38.92
N VAL D 90 12.77 -10.67 37.85
CA VAL D 90 14.22 -10.37 37.93
C VAL D 90 14.54 -8.91 37.59
N THR D 91 15.40 -8.31 38.40
CA THR D 91 15.80 -6.92 38.22
C THR D 91 17.28 -6.80 38.53
N GLY D 92 17.96 -5.82 37.95
CA GLY D 92 19.33 -5.51 38.34
C GLY D 92 20.31 -6.43 37.66
N ALA D 93 19.95 -6.89 36.47
CA ALA D 93 20.75 -7.80 35.67
C ALA D 93 21.66 -7.05 34.67
N ARG D 94 22.68 -7.74 34.16
CA ARG D 94 23.50 -7.21 33.08
C ARG D 94 22.65 -6.62 31.94
N ASP D 95 21.64 -7.37 31.51
CA ASP D 95 20.66 -6.88 30.55
C ASP D 95 19.32 -7.62 30.66
N ASP D 96 18.36 -7.21 29.80
CA ASP D 96 17.02 -7.81 29.82
C ASP D 96 17.05 -9.32 29.60
N ALA D 97 17.96 -9.80 28.74
CA ALA D 97 17.99 -11.22 28.35
C ALA D 97 18.47 -12.16 29.47
N GLN D 98 19.41 -11.67 30.28
CA GLN D 98 19.91 -12.39 31.44
C GLN D 98 18.78 -12.40 32.46
N ALA D 99 18.18 -11.25 32.68
CA ALA D 99 17.05 -11.18 33.57
C ALA D 99 16.04 -12.33 33.22
N LYS D 100 15.67 -12.41 31.94
CA LYS D 100 14.88 -13.54 31.43
C LYS D 100 15.57 -14.88 31.61
N ARG D 101 16.86 -14.98 31.33
CA ARG D 101 17.53 -16.30 31.45
C ARG D 101 17.62 -16.82 32.91
N VAL D 102 17.93 -15.95 33.87
CA VAL D 102 17.88 -16.32 35.27
C VAL D 102 16.43 -16.54 35.75
N GLY D 103 15.47 -15.83 35.19
CA GLY D 103 14.10 -16.03 35.63
C GLY D 103 13.53 -17.39 35.24
N LYS D 104 13.93 -17.85 34.03
CA LYS D 104 13.47 -19.12 33.48
C LYS D 104 14.07 -20.26 34.28
N THR D 105 15.40 -20.35 34.29
CA THR D 105 16.12 -21.28 35.17
C THR D 105 15.40 -21.48 36.51
N VAL D 106 14.89 -20.40 37.11
CA VAL D 106 14.17 -20.49 38.38
C VAL D 106 12.78 -21.10 38.21
N VAL D 107 11.95 -20.52 37.36
CA VAL D 107 10.58 -20.96 37.22
C VAL D 107 10.58 -22.35 36.63
N ASN D 108 11.76 -22.79 36.20
CA ASN D 108 11.90 -24.05 35.50
C ASN D 108 12.60 -25.15 36.28
N SER D 109 13.26 -24.80 37.40
CA SER D 109 13.87 -25.78 38.30
C SER D 109 12.79 -26.63 38.91
N PRO D 110 12.90 -27.97 38.78
CA PRO D 110 11.90 -28.78 39.48
C PRO D 110 11.91 -28.64 41.03
N LEU D 111 13.07 -28.45 41.64
CA LEU D 111 13.05 -28.25 43.08
C LEU D 111 12.30 -26.97 43.51
N VAL D 112 12.50 -25.89 42.80
CA VAL D 112 11.79 -24.65 43.05
C VAL D 112 10.30 -24.89 42.84
N LYS D 113 9.91 -25.48 41.70
CA LYS D 113 8.51 -25.69 41.42
C LYS D 113 7.82 -26.64 42.41
N THR D 114 8.55 -27.55 43.05
CA THR D 114 7.89 -28.47 43.98
C THR D 114 7.67 -27.83 45.36
N ALA D 115 8.66 -27.07 45.81
CA ALA D 115 8.61 -26.45 47.11
C ALA D 115 7.50 -25.40 47.10
N VAL D 116 7.28 -24.75 45.96
CA VAL D 116 6.16 -23.82 45.86
C VAL D 116 4.85 -24.62 45.97
N HIS D 117 4.71 -25.70 45.21
CA HIS D 117 3.56 -26.58 45.35
C HIS D 117 3.37 -27.05 46.78
N GLY D 118 4.45 -27.04 47.54
CA GLY D 118 4.45 -27.63 48.86
C GLY D 118 4.16 -26.56 49.89
N CYS D 119 4.26 -25.30 49.47
CA CYS D 119 4.12 -24.18 50.40
C CYS D 119 5.33 -24.19 51.33
N ASP D 120 6.41 -24.84 50.88
CA ASP D 120 7.65 -24.85 51.61
C ASP D 120 8.52 -23.66 51.26
N PRO D 121 8.87 -22.85 52.27
CA PRO D 121 9.71 -21.71 52.05
C PRO D 121 11.16 -22.10 51.84
N ASN D 122 11.39 -23.14 51.05
CA ASN D 122 12.73 -23.68 50.78
C ASN D 122 13.37 -22.76 49.77
N TRP D 123 13.67 -21.55 50.22
CA TRP D 123 14.09 -20.49 49.32
C TRP D 123 15.46 -20.77 48.70
N GLY D 124 16.27 -21.55 49.41
CA GLY D 124 17.62 -21.88 48.96
C GLY D 124 17.64 -22.61 47.63
N ARG D 125 16.63 -23.43 47.36
CA ARG D 125 16.45 -24.03 46.04
C ARG D 125 16.44 -22.99 44.92
N VAL D 126 15.74 -21.87 45.15
CA VAL D 126 15.79 -20.72 44.26
C VAL D 126 17.25 -20.20 44.11
N ALA D 127 17.93 -20.02 45.25
CA ALA D 127 19.30 -19.54 45.19
C ALA D 127 20.11 -20.52 44.32
N MET D 128 19.88 -21.84 44.51
CA MET D 128 20.49 -22.89 43.69
C MET D 128 20.18 -22.64 42.25
N ALA D 129 18.92 -22.36 41.95
CA ALA D 129 18.53 -22.02 40.57
C ALA D 129 19.29 -20.82 40.03
N ILE D 130 19.38 -19.72 40.80
CA ILE D 130 20.19 -18.60 40.34
C ILE D 130 21.54 -19.20 39.96
N GLY D 131 22.15 -19.83 40.95
CA GLY D 131 23.49 -20.40 40.82
C GLY D 131 23.79 -21.24 39.60
N LYS D 132 22.80 -22.02 39.13
CA LYS D 132 22.93 -22.81 37.91
C LYS D 132 23.31 -21.93 36.72
N CYS D 133 23.01 -20.63 36.76
CA CYS D 133 23.36 -19.78 35.64
C CYS D 133 24.87 -19.53 35.62
N SER D 134 25.62 -20.62 35.51
CA SER D 134 27.02 -20.62 35.83
C SER D 134 27.91 -19.90 34.82
N ASP D 135 27.38 -19.64 33.63
CA ASP D 135 28.15 -18.90 32.61
C ASP D 135 28.07 -17.42 32.93
N ASP D 136 27.02 -17.04 33.67
CA ASP D 136 26.81 -15.68 34.08
C ASP D 136 27.70 -15.34 35.30
N THR D 137 29.01 -15.34 35.08
CA THR D 137 30.02 -15.13 36.11
C THR D 137 30.03 -13.72 36.71
N ASP D 138 29.13 -12.84 36.26
CA ASP D 138 29.01 -11.50 36.85
C ASP D 138 27.87 -11.42 37.91
N ILE D 139 27.21 -12.57 38.14
CA ILE D 139 26.30 -12.80 39.25
C ILE D 139 27.10 -13.17 40.51
N ASP D 140 27.15 -12.26 41.47
CA ASP D 140 27.85 -12.48 42.73
C ASP D 140 26.86 -12.85 43.84
N GLN D 141 26.99 -14.06 44.40
CA GLN D 141 26.05 -14.52 45.42
C GLN D 141 26.08 -13.62 46.67
N GLU D 142 27.04 -12.72 46.75
CA GLU D 142 27.09 -11.79 47.89
C GLU D 142 26.20 -10.60 47.59
N ARG D 143 25.84 -10.41 46.32
CA ARG D 143 25.16 -9.15 45.88
C ARG D 143 23.68 -9.35 45.53
N VAL D 144 23.29 -10.61 45.43
CA VAL D 144 21.95 -11.05 45.14
C VAL D 144 20.91 -10.84 46.31
N THR D 145 19.65 -10.63 45.97
CA THR D 145 18.59 -10.62 46.97
C THR D 145 17.53 -11.55 46.43
N ILE D 146 17.04 -12.45 47.27
CA ILE D 146 15.95 -13.37 46.92
C ILE D 146 14.79 -12.97 47.80
N ARG D 147 13.59 -12.98 47.23
CA ARG D 147 12.39 -12.72 48.01
C ARG D 147 11.27 -13.55 47.45
N PHE D 148 10.40 -14.01 48.34
CA PHE D 148 9.13 -14.57 47.92
C PHE D 148 8.07 -13.60 48.39
N GLY D 149 7.20 -13.18 47.50
CA GLY D 149 6.25 -12.15 47.85
C GLY D 149 6.95 -10.86 48.25
N GLU D 150 6.64 -10.39 49.44
CA GLU D 150 7.13 -9.14 49.93
C GLU D 150 8.09 -9.37 51.09
N VAL D 151 8.69 -10.56 51.16
CA VAL D 151 9.52 -11.00 52.28
C VAL D 151 10.89 -11.42 51.77
N GLU D 152 11.90 -10.54 51.91
CA GLU D 152 13.26 -10.86 51.45
C GLU D 152 13.88 -11.90 52.41
N VAL D 153 14.42 -12.99 51.88
CA VAL D 153 14.85 -14.13 52.71
C VAL D 153 16.34 -14.33 52.56
N TYR D 154 16.94 -13.48 51.72
CA TYR D 154 18.33 -13.53 51.38
C TYR D 154 18.71 -12.10 50.93
N PRO D 155 19.97 -11.64 51.23
CA PRO D 155 21.02 -12.31 52.04
C PRO D 155 20.75 -12.23 53.56
N PRO D 156 21.41 -13.08 54.37
CA PRO D 156 21.19 -13.03 55.81
C PRO D 156 21.81 -11.75 56.38
N LYS D 157 21.06 -11.04 57.22
CA LYS D 157 21.52 -9.79 57.82
C LYS D 157 22.43 -9.89 59.04
N ALA D 158 22.00 -10.61 60.07
CA ALA D 158 22.80 -10.76 61.26
C ALA D 158 23.39 -12.16 61.26
N ARG D 159 23.17 -12.87 62.36
CA ARG D 159 23.68 -14.23 62.52
C ARG D 159 22.59 -15.16 63.05
N GLY D 160 22.76 -16.47 62.89
CA GLY D 160 21.80 -17.47 63.38
C GLY D 160 20.63 -17.80 62.44
N ASP D 161 19.62 -18.50 62.95
CA ASP D 161 18.50 -18.98 62.13
C ASP D 161 17.20 -18.27 62.38
N GLN D 162 17.20 -17.42 63.41
CA GLN D 162 15.99 -16.84 63.98
C GLN D 162 15.35 -15.86 63.01
N ALA D 163 16.16 -15.00 62.41
CA ALA D 163 15.65 -14.11 61.35
C ALA D 163 15.26 -14.83 60.05
N ASP D 164 15.22 -16.16 60.07
CA ASP D 164 14.97 -16.92 58.87
C ASP D 164 13.80 -17.84 59.20
N ASP D 165 13.64 -18.15 60.49
CA ASP D 165 12.51 -18.94 60.97
C ASP D 165 11.22 -18.14 60.83
N ALA D 166 11.33 -16.85 61.12
CA ALA D 166 10.21 -15.96 61.04
C ALA D 166 9.94 -15.59 59.59
N LEU D 167 11.01 -15.37 58.84
CA LEU D 167 10.92 -14.97 57.45
C LEU D 167 10.30 -16.07 56.57
N ARG D 168 10.77 -17.30 56.75
CA ARG D 168 10.25 -18.47 56.06
C ARG D 168 8.80 -18.70 56.46
N ALA D 169 8.47 -18.40 57.71
CA ALA D 169 7.13 -18.58 58.25
C ALA D 169 6.13 -17.76 57.48
N ALA D 170 6.51 -16.52 57.19
CA ALA D 170 5.65 -15.60 56.43
C ALA D 170 5.67 -15.89 54.93
N VAL D 171 6.85 -16.27 54.38
CA VAL D 171 6.96 -16.81 52.99
C VAL D 171 5.92 -17.93 52.79
N ALA D 172 5.82 -18.83 53.79
CA ALA D 172 4.82 -19.91 53.81
C ALA D 172 3.38 -19.39 53.69
N GLU D 173 3.07 -18.27 54.35
CA GLU D 173 1.78 -17.62 54.16
C GLU D 173 1.60 -17.13 52.72
N HIS D 174 2.67 -16.61 52.14
CA HIS D 174 2.53 -16.05 50.80
C HIS D 174 2.34 -17.15 49.76
N LEU D 175 2.98 -18.28 50.03
CA LEU D 175 2.93 -19.43 49.17
C LEU D 175 1.57 -20.09 49.17
N ARG D 176 0.81 -19.97 50.26
CA ARG D 176 -0.48 -20.67 50.37
C ARG D 176 -1.47 -20.17 49.27
N GLY D 177 -1.13 -19.04 48.62
CA GLY D 177 -1.95 -18.38 47.60
C GLY D 177 -1.94 -18.99 46.21
N ASP D 178 -2.97 -18.74 45.41
CA ASP D 178 -3.01 -19.30 44.05
C ASP D 178 -2.02 -18.63 43.06
N GLU D 179 -1.58 -17.41 43.37
CA GLU D 179 -0.56 -16.73 42.60
C GLU D 179 0.58 -16.37 43.53
N VAL D 180 1.76 -16.89 43.23
CA VAL D 180 2.92 -16.67 44.06
C VAL D 180 3.95 -15.88 43.28
N VAL D 181 4.81 -15.15 43.96
CA VAL D 181 5.85 -14.34 43.30
C VAL D 181 7.24 -14.61 43.88
N ILE D 182 8.27 -14.72 43.02
CA ILE D 182 9.65 -14.69 43.47
C ILE D 182 10.49 -13.57 42.88
N GLY D 183 10.99 -12.69 43.73
CA GLY D 183 11.74 -11.57 43.25
C GLY D 183 13.21 -11.80 43.49
N ILE D 184 14.01 -11.54 42.48
CA ILE D 184 15.44 -11.70 42.56
C ILE D 184 16.06 -10.46 42.00
N ASP D 185 17.04 -9.91 42.68
CA ASP D 185 17.83 -8.83 42.10
C ASP D 185 19.28 -9.26 42.02
N LEU D 186 19.92 -8.89 40.91
CA LEU D 186 21.31 -9.29 40.58
C LEU D 186 22.40 -8.22 40.86
N ALA D 187 22.01 -6.96 41.04
CA ALA D 187 22.93 -5.83 41.34
C ALA D 187 24.14 -5.75 40.37
N ILE D 188 23.82 -5.77 39.08
CA ILE D 188 24.84 -5.65 38.04
C ILE D 188 24.71 -4.34 37.23
N ALA D 189 23.58 -4.23 36.52
CA ALA D 189 23.19 -3.08 35.71
C ALA D 189 21.67 -3.09 35.66
N ASP D 190 21.09 -2.46 34.64
CA ASP D 190 19.64 -2.18 34.69
C ASP D 190 18.64 -3.23 34.14
N GLY D 191 19.16 -4.44 33.96
CA GLY D 191 18.47 -5.52 33.28
C GLY D 191 17.29 -6.03 34.07
N ALA D 192 16.19 -6.25 33.34
CA ALA D 192 14.89 -6.50 33.96
C ALA D 192 13.94 -7.33 33.08
N PHE D 193 13.20 -8.25 33.70
CA PHE D 193 12.26 -9.09 32.98
C PHE D 193 11.44 -9.97 33.92
N THR D 194 10.19 -10.20 33.56
CA THR D 194 9.31 -11.08 34.28
C THR D 194 8.95 -12.33 33.43
N VAL D 195 9.05 -13.50 34.04
CA VAL D 195 8.60 -14.74 33.42
C VAL D 195 7.53 -15.35 34.32
N TYR D 196 6.80 -16.33 33.77
CA TYR D 196 5.63 -16.94 34.41
C TYR D 196 5.73 -18.45 34.27
N GLY D 197 5.25 -19.14 35.28
CA GLY D 197 5.27 -20.59 35.30
C GLY D 197 4.25 -21.08 36.30
N CYS D 198 4.54 -22.24 36.89
CA CYS D 198 3.54 -22.99 37.65
C CYS D 198 4.22 -24.07 38.45
N ASP D 199 3.61 -24.45 39.55
CA ASP D 199 4.21 -25.41 40.43
C ASP D 199 4.10 -26.76 39.79
N LEU D 200 5.01 -27.66 40.12
CA LEU D 200 4.93 -29.06 39.66
C LEU D 200 4.10 -29.88 40.61
N THR D 201 3.01 -30.39 40.07
CA THR D 201 1.99 -31.11 40.82
C THR D 201 1.94 -32.59 40.47
N GLU D 202 1.37 -33.35 41.39
CA GLU D 202 1.18 -34.77 41.17
C GLU D 202 0.24 -34.98 40.02
N GLY D 203 -0.70 -34.06 39.86
CA GLY D 203 -1.63 -34.07 38.74
C GLY D 203 -0.91 -34.05 37.40
N TYR D 204 0.22 -33.34 37.34
CA TYR D 204 0.98 -33.14 36.10
C TYR D 204 1.53 -34.47 35.69
N VAL D 205 2.07 -35.17 36.68
CA VAL D 205 2.75 -36.42 36.42
C VAL D 205 1.72 -37.40 35.90
N ARG D 206 0.54 -37.41 36.55
CA ARG D 206 -0.57 -38.36 36.28
C ARG D 206 -1.19 -38.19 34.91
N LEU D 207 -1.45 -36.95 34.51
CA LEU D 207 -2.00 -36.66 33.20
C LEU D 207 -1.02 -36.96 32.04
N ASN D 208 0.27 -36.90 32.33
CA ASN D 208 1.26 -37.16 31.31
C ASN D 208 1.80 -38.60 31.36
N SER D 209 1.21 -39.39 32.26
CA SER D 209 1.58 -40.78 32.46
C SER D 209 0.46 -41.69 32.01
N GLU D 210 -0.76 -41.17 32.01
CA GLU D 210 -1.88 -41.94 31.53
C GLU D 210 -1.93 -41.79 30.00
N THR E 8 -16.53 7.20 -0.90
CA THR E 8 -16.63 7.66 0.52
C THR E 8 -17.10 6.57 1.48
N PRO E 9 -18.16 5.79 1.12
CA PRO E 9 -18.79 4.95 2.14
C PRO E 9 -17.84 3.85 2.63
N ARG E 10 -17.57 3.81 3.94
CA ARG E 10 -16.55 2.92 4.46
C ARG E 10 -16.69 1.50 3.93
N GLY E 11 -15.55 0.86 3.66
CA GLY E 11 -15.50 -0.53 3.28
C GLY E 11 -15.83 -0.88 1.84
N PHE E 12 -16.13 0.13 1.03
CA PHE E 12 -16.45 -0.09 -0.36
C PHE E 12 -15.27 0.17 -1.30
N VAL E 13 -14.92 -0.86 -2.08
CA VAL E 13 -13.83 -0.82 -3.09
C VAL E 13 -14.33 -0.89 -4.53
N VAL E 14 -13.61 -0.20 -5.42
CA VAL E 14 -13.95 -0.22 -6.83
C VAL E 14 -12.79 -0.69 -7.67
N HIS E 15 -13.09 -1.60 -8.58
CA HIS E 15 -12.17 -2.06 -9.57
C HIS E 15 -12.83 -1.62 -10.86
N THR E 16 -12.01 -1.12 -11.79
CA THR E 16 -12.47 -0.68 -13.12
C THR E 16 -11.35 -1.01 -14.08
N ALA E 17 -11.68 -1.82 -15.12
CA ALA E 17 -10.69 -2.31 -16.12
C ALA E 17 -11.26 -2.48 -17.55
N PRO E 18 -10.41 -2.30 -18.59
CA PRO E 18 -10.76 -2.64 -19.99
C PRO E 18 -10.75 -4.14 -20.30
N VAL E 19 -11.85 -4.62 -20.86
CA VAL E 19 -12.06 -6.03 -21.18
C VAL E 19 -12.45 -6.13 -22.67
N GLY E 20 -12.57 -4.96 -23.29
CA GLY E 20 -12.77 -4.84 -24.70
C GLY E 20 -14.21 -5.12 -25.12
N LEU E 21 -15.19 -4.86 -24.25
CA LEU E 21 -16.60 -5.09 -24.66
C LEU E 21 -16.98 -4.22 -25.89
N ALA E 22 -16.25 -3.12 -26.09
CA ALA E 22 -16.05 -2.50 -27.41
C ALA E 22 -14.57 -2.12 -27.59
N ASP E 23 -14.11 -2.18 -28.82
CA ASP E 23 -12.71 -2.03 -29.13
C ASP E 23 -12.34 -0.55 -29.01
N ASP E 24 -12.11 -0.07 -27.80
CA ASP E 24 -11.71 1.32 -27.57
C ASP E 24 -10.88 1.55 -26.30
N GLY E 25 -10.46 0.47 -25.64
CA GLY E 25 -9.59 0.55 -24.47
C GLY E 25 -10.09 1.41 -23.31
N ARG E 26 -11.39 1.36 -23.04
CA ARG E 26 -12.00 2.12 -21.95
C ARG E 26 -12.37 1.15 -20.81
N ASP E 27 -12.50 1.69 -19.59
CA ASP E 27 -12.95 0.87 -18.48
C ASP E 27 -14.40 0.52 -18.67
N ASP E 28 -14.64 -0.79 -18.84
CA ASP E 28 -15.98 -1.29 -19.10
C ASP E 28 -16.27 -2.56 -18.27
N PHE E 29 -15.41 -2.82 -17.28
CA PHE E 29 -15.56 -3.97 -16.40
C PHE E 29 -15.34 -3.49 -14.96
N THR E 30 -16.44 -3.38 -14.23
CA THR E 30 -16.44 -2.88 -12.87
C THR E 30 -16.78 -4.00 -11.92
N VAL E 31 -15.99 -4.08 -10.85
CA VAL E 31 -16.39 -4.87 -9.71
C VAL E 31 -16.47 -3.87 -8.56
N LEU E 32 -17.68 -3.71 -8.03
CA LEU E 32 -17.87 -2.99 -6.79
C LEU E 32 -18.05 -3.96 -5.63
N ALA E 33 -17.36 -3.73 -4.53
CA ALA E 33 -17.43 -4.67 -3.39
C ALA E 33 -17.31 -4.04 -1.99
N SER E 34 -17.89 -4.74 -1.01
CA SER E 34 -17.82 -4.37 0.40
C SER E 34 -16.85 -5.28 1.14
N THR E 35 -15.80 -4.71 1.72
CA THR E 35 -14.90 -5.45 2.61
C THR E 35 -15.72 -6.23 3.65
N ALA E 36 -16.78 -5.62 4.16
CA ALA E 36 -17.61 -6.25 5.17
C ALA E 36 -18.87 -6.93 4.59
N PRO E 37 -19.38 -7.99 5.27
CA PRO E 37 -20.71 -8.51 4.91
C PRO E 37 -21.77 -7.38 4.79
N ALA E 38 -22.83 -7.62 4.02
CA ALA E 38 -23.77 -6.56 3.74
C ALA E 38 -25.14 -7.09 3.42
N THR E 39 -26.14 -6.40 3.96
CA THR E 39 -27.56 -6.71 3.72
C THR E 39 -27.93 -6.06 2.41
N VAL E 40 -28.86 -6.65 1.68
CA VAL E 40 -29.15 -6.18 0.31
C VAL E 40 -30.63 -6.09 -0.07
N SER E 41 -30.91 -5.15 -0.98
CA SER E 41 -32.21 -5.03 -1.59
C SER E 41 -32.03 -4.71 -3.07
N ALA E 42 -32.65 -5.51 -3.90
CA ALA E 42 -32.52 -5.37 -5.30
C ALA E 42 -33.92 -5.45 -5.89
N VAL E 43 -34.23 -4.63 -6.90
CA VAL E 43 -35.43 -4.89 -7.72
C VAL E 43 -34.97 -5.12 -9.14
N PHE E 44 -35.79 -5.80 -9.97
CA PHE E 44 -35.36 -6.04 -11.33
C PHE E 44 -36.46 -5.90 -12.37
N THR E 45 -36.05 -5.84 -13.64
CA THR E 45 -36.94 -6.05 -14.78
C THR E 45 -37.74 -7.34 -14.64
N ARG E 46 -38.92 -7.37 -15.25
CA ARG E 46 -39.74 -8.61 -15.33
C ARG E 46 -39.92 -8.98 -16.79
N SER E 47 -38.95 -8.54 -17.60
CA SER E 47 -39.01 -8.75 -19.03
C SER E 47 -39.01 -10.23 -19.38
N ARG E 48 -39.93 -10.61 -20.25
CA ARG E 48 -39.98 -11.97 -20.79
C ARG E 48 -38.64 -12.47 -21.43
N PHE E 49 -37.77 -11.51 -21.75
CA PHE E 49 -36.40 -11.75 -22.23
C PHE E 49 -35.36 -11.25 -21.21
N ALA E 50 -35.68 -11.37 -19.92
CA ALA E 50 -34.70 -11.08 -18.89
C ALA E 50 -33.45 -11.89 -19.17
N GLY E 51 -32.29 -11.24 -19.10
CA GLY E 51 -31.03 -11.92 -19.35
C GLY E 51 -30.57 -12.74 -18.17
N PRO E 52 -29.60 -13.64 -18.41
CA PRO E 52 -29.16 -14.55 -17.38
C PRO E 52 -28.52 -13.82 -16.18
N SER E 53 -28.05 -12.61 -16.38
CA SER E 53 -27.56 -11.86 -15.22
C SER E 53 -28.64 -11.71 -14.12
N VAL E 54 -29.86 -11.41 -14.56
CA VAL E 54 -30.97 -11.05 -13.66
C VAL E 54 -31.36 -12.23 -12.81
N VAL E 55 -31.27 -13.42 -13.39
CA VAL E 55 -31.69 -14.66 -12.77
C VAL E 55 -30.79 -14.91 -11.58
N LEU E 56 -29.50 -14.72 -11.81
CA LEU E 56 -28.49 -14.88 -10.78
C LEU E 56 -28.69 -13.86 -9.66
N CYS E 57 -29.03 -12.63 -10.07
CA CYS E 57 -29.30 -11.54 -9.15
C CYS E 57 -30.51 -11.76 -8.25
N ARG E 58 -31.50 -12.47 -8.76
CA ARG E 58 -32.71 -12.75 -8.00
C ARG E 58 -32.47 -13.83 -6.96
N GLU E 59 -31.50 -14.72 -7.22
CA GLU E 59 -31.12 -15.72 -6.24
C GLU E 59 -30.11 -15.15 -5.27
N ALA E 60 -29.27 -14.22 -5.75
CA ALA E 60 -28.14 -13.78 -4.96
C ALA E 60 -28.63 -12.95 -3.81
N VAL E 61 -29.62 -12.10 -4.08
CA VAL E 61 -30.25 -11.25 -3.05
C VAL E 61 -31.40 -11.93 -2.33
N ALA E 62 -31.69 -13.20 -2.64
CA ALA E 62 -32.89 -13.82 -2.08
C ALA E 62 -32.85 -14.00 -0.56
N ASP E 63 -31.65 -14.19 0.00
CA ASP E 63 -31.46 -14.14 1.45
C ASP E 63 -31.03 -12.75 1.96
N GLY E 64 -31.15 -11.73 1.12
CA GLY E 64 -30.82 -10.36 1.49
C GLY E 64 -29.41 -10.20 2.05
N GLN E 65 -28.45 -10.84 1.38
CA GLN E 65 -27.08 -10.88 1.81
C GLN E 65 -26.28 -10.97 0.54
N ALA E 66 -25.49 -9.94 0.23
CA ALA E 66 -24.59 -9.97 -0.92
C ALA E 66 -23.49 -8.96 -0.68
N ARG E 67 -22.36 -9.12 -1.33
CA ARG E 67 -21.20 -8.30 -0.99
C ARG E 67 -20.72 -7.37 -2.12
N GLY E 68 -21.16 -7.63 -3.34
CA GLY E 68 -20.82 -6.75 -4.46
C GLY E 68 -21.49 -6.99 -5.79
N VAL E 69 -20.95 -6.42 -6.84
CA VAL E 69 -21.55 -6.60 -8.12
C VAL E 69 -20.48 -6.40 -9.15
N VAL E 70 -20.43 -7.29 -10.15
CA VAL E 70 -19.61 -7.06 -11.33
C VAL E 70 -20.50 -6.61 -12.46
N VAL E 71 -20.11 -5.55 -13.14
CA VAL E 71 -20.93 -5.00 -14.22
C VAL E 71 -20.09 -4.97 -15.46
N LEU E 72 -20.64 -5.44 -16.58
CA LEU E 72 -19.93 -5.27 -17.84
C LEU E 72 -20.74 -4.32 -18.71
N ALA E 73 -20.13 -3.22 -19.17
CA ALA E 73 -20.84 -2.26 -20.04
C ALA E 73 -20.60 -2.57 -21.51
N ARG E 74 -21.53 -2.13 -22.39
CA ARG E 74 -21.48 -2.35 -23.85
C ARG E 74 -21.82 -3.68 -24.51
N ASN E 75 -22.06 -4.75 -23.75
CA ASN E 75 -22.55 -5.98 -24.34
C ASN E 75 -23.50 -6.47 -23.24
N ALA E 76 -24.79 -6.54 -23.51
CA ALA E 76 -25.73 -6.82 -22.43
C ALA E 76 -25.93 -8.30 -21.99
N ASN E 77 -25.11 -9.21 -22.50
CA ASN E 77 -25.34 -10.66 -22.37
C ASN E 77 -26.79 -11.19 -22.35
N VAL E 78 -27.58 -10.78 -23.34
CA VAL E 78 -29.04 -11.02 -23.41
C VAL E 78 -29.33 -11.83 -24.67
N ALA E 79 -30.22 -12.81 -24.54
CA ALA E 79 -30.54 -13.77 -25.61
C ALA E 79 -29.27 -14.41 -26.17
N THR E 80 -28.47 -14.98 -25.27
CA THR E 80 -27.23 -15.65 -25.64
C THR E 80 -27.32 -17.16 -25.47
N GLY E 81 -28.55 -17.65 -25.24
CA GLY E 81 -28.75 -19.09 -25.11
C GLY E 81 -27.90 -19.70 -24.00
N LEU E 82 -27.46 -20.93 -24.20
CA LEU E 82 -26.77 -21.69 -23.17
C LEU E 82 -25.39 -21.14 -22.91
N GLU E 83 -24.68 -20.85 -24.00
CA GLU E 83 -23.36 -20.26 -23.94
C GLU E 83 -23.39 -19.09 -22.94
N GLY E 84 -24.27 -18.11 -23.19
CA GLY E 84 -24.47 -16.96 -22.31
C GLY E 84 -24.89 -17.21 -20.87
N GLU E 85 -25.55 -18.34 -20.59
CA GLU E 85 -25.92 -18.66 -19.20
C GLU E 85 -24.66 -19.13 -18.52
N GLU E 86 -23.95 -20.03 -19.22
CA GLU E 86 -22.69 -20.57 -18.73
C GLU E 86 -21.72 -19.40 -18.53
N ASN E 87 -21.74 -18.46 -19.47
CA ASN E 87 -20.84 -17.32 -19.45
C ASN E 87 -21.05 -16.41 -18.23
N ALA E 88 -22.33 -16.12 -17.93
CA ALA E 88 -22.72 -15.38 -16.74
C ALA E 88 -22.28 -16.09 -15.44
N ARG E 89 -22.62 -17.37 -15.24
CA ARG E 89 -22.11 -18.16 -14.09
C ARG E 89 -20.58 -18.06 -13.94
N GLU E 90 -19.87 -18.29 -15.05
CA GLU E 90 -18.43 -18.32 -15.03
C GLU E 90 -17.83 -17.01 -14.54
N VAL E 91 -18.35 -15.88 -15.06
CA VAL E 91 -17.80 -14.55 -14.75
C VAL E 91 -18.15 -14.13 -13.33
N ARG E 92 -19.41 -14.40 -12.95
CA ARG E 92 -19.87 -14.16 -11.57
C ARG E 92 -19.02 -14.92 -10.56
N GLU E 93 -18.86 -16.22 -10.82
CA GLU E 93 -18.02 -17.08 -10.02
C GLU E 93 -16.66 -16.47 -9.97
N ALA E 94 -16.09 -16.12 -11.12
CA ALA E 94 -14.67 -15.82 -11.15
C ALA E 94 -14.38 -14.60 -10.31
N VAL E 95 -15.32 -13.67 -10.33
CA VAL E 95 -15.18 -12.46 -9.55
C VAL E 95 -15.25 -12.80 -8.09
N ALA E 96 -16.21 -13.67 -7.71
CA ALA E 96 -16.36 -14.13 -6.35
C ALA E 96 -15.13 -14.86 -5.87
N ARG E 97 -14.56 -15.74 -6.72
CA ARG E 97 -13.38 -16.53 -6.35
C ARG E 97 -12.12 -15.67 -6.26
N ALA E 98 -12.09 -14.59 -7.01
CA ALA E 98 -10.92 -13.74 -7.03
C ALA E 98 -10.86 -12.97 -5.71
N LEU E 99 -12.01 -12.61 -5.17
CA LEU E 99 -11.99 -11.73 -4.00
C LEU E 99 -12.18 -12.41 -2.64
N GLY E 100 -12.33 -13.74 -2.64
CA GLY E 100 -12.58 -14.51 -1.42
C GLY E 100 -13.94 -14.18 -0.85
N LEU E 101 -14.96 -14.41 -1.68
CA LEU E 101 -16.36 -14.14 -1.35
C LEU E 101 -17.16 -15.37 -1.74
N PRO E 102 -18.37 -15.57 -1.13
CA PRO E 102 -19.18 -16.71 -1.62
C PRO E 102 -19.75 -16.43 -3.04
N GLU E 103 -19.92 -17.48 -3.84
CA GLU E 103 -20.42 -17.31 -5.19
C GLU E 103 -21.74 -16.60 -5.12
N GLY E 104 -22.48 -16.85 -4.05
CA GLY E 104 -23.85 -16.34 -3.90
C GLY E 104 -23.98 -14.96 -3.30
N GLU E 105 -22.88 -14.24 -3.21
CA GLU E 105 -22.95 -12.90 -2.65
C GLU E 105 -22.45 -11.88 -3.66
N MET E 106 -22.20 -12.34 -4.88
CA MET E 106 -21.78 -11.46 -5.95
C MET E 106 -22.89 -11.40 -7.02
N LEU E 107 -23.40 -10.19 -7.28
CA LEU E 107 -24.48 -10.00 -8.26
C LEU E 107 -23.81 -9.61 -9.54
N ILE E 108 -24.48 -9.89 -10.66
CA ILE E 108 -23.88 -9.58 -11.95
C ILE E 108 -24.82 -8.76 -12.78
N ALA E 109 -24.30 -7.68 -13.33
CA ALA E 109 -25.12 -6.79 -14.15
C ALA E 109 -24.39 -6.48 -15.45
N SER E 110 -25.13 -6.50 -16.56
CA SER E 110 -24.50 -6.31 -17.86
C SER E 110 -25.38 -5.49 -18.78
N THR E 111 -24.78 -4.62 -19.58
CA THR E 111 -25.56 -3.71 -20.41
C THR E 111 -24.87 -3.34 -21.73
N GLY E 112 -25.67 -3.12 -22.79
CA GLY E 112 -25.17 -3.01 -24.17
C GLY E 112 -25.98 -3.82 -25.20
N VAL E 113 -25.33 -4.22 -26.28
CA VAL E 113 -26.01 -4.97 -27.35
C VAL E 113 -26.66 -6.27 -26.88
N ILE E 114 -27.83 -6.51 -27.42
CA ILE E 114 -28.53 -7.74 -27.17
C ILE E 114 -28.11 -8.78 -28.21
N GLY E 115 -28.06 -10.04 -27.79
CA GLY E 115 -27.72 -11.15 -28.68
C GLY E 115 -26.27 -11.28 -29.07
N ARG E 116 -25.37 -10.54 -28.43
CA ARG E 116 -23.93 -10.77 -28.69
C ARG E 116 -23.23 -11.50 -27.52
N GLN E 117 -22.54 -12.60 -27.86
CA GLN E 117 -21.75 -13.34 -26.91
C GLN E 117 -20.58 -12.51 -26.36
N TYR E 118 -20.38 -12.56 -25.05
CA TYR E 118 -19.19 -12.02 -24.42
C TYR E 118 -17.83 -12.35 -25.13
N PRO E 119 -16.91 -11.36 -25.12
CA PRO E 119 -15.49 -11.62 -25.46
C PRO E 119 -14.81 -12.39 -24.32
N MET E 120 -15.09 -13.69 -24.26
CA MET E 120 -14.60 -14.57 -23.18
C MET E 120 -13.09 -14.66 -23.04
N GLU E 121 -12.37 -14.88 -24.13
CA GLU E 121 -10.90 -14.94 -24.04
C GLU E 121 -10.31 -13.66 -23.40
N SER E 122 -10.97 -12.52 -23.56
CA SER E 122 -10.49 -11.28 -22.95
C SER E 122 -10.82 -11.25 -21.46
N ILE E 123 -12.09 -11.50 -21.15
CA ILE E 123 -12.61 -11.37 -19.80
C ILE E 123 -11.83 -12.35 -18.93
N ARG E 124 -11.64 -13.55 -19.48
CA ARG E 124 -10.88 -14.64 -18.87
C ARG E 124 -9.50 -14.26 -18.36
N GLU E 125 -8.69 -13.65 -19.22
CA GLU E 125 -7.31 -13.27 -18.88
C GLU E 125 -7.27 -12.15 -17.84
N HIS E 126 -8.20 -11.20 -17.97
CA HIS E 126 -8.26 -10.10 -17.03
C HIS E 126 -8.63 -10.58 -15.62
N LEU E 127 -9.53 -11.56 -15.55
CA LEU E 127 -9.95 -12.20 -14.30
C LEU E 127 -8.80 -12.91 -13.57
N LYS E 128 -7.86 -13.47 -14.32
CA LYS E 128 -6.65 -14.08 -13.70
C LYS E 128 -5.81 -13.07 -12.88
N THR E 129 -6.06 -11.77 -13.11
CA THR E 129 -5.31 -10.71 -12.50
C THR E 129 -6.16 -9.95 -11.50
N LEU E 130 -7.46 -10.22 -11.48
CA LEU E 130 -8.37 -9.54 -10.58
C LEU E 130 -8.03 -9.82 -9.11
N GLU E 131 -7.59 -8.79 -8.39
CA GLU E 131 -7.41 -8.86 -6.93
C GLU E 131 -7.98 -7.59 -6.26
N TRP E 132 -7.87 -7.51 -4.93
CA TRP E 132 -8.50 -6.43 -4.17
C TRP E 132 -7.84 -5.11 -4.48
N PRO E 133 -8.67 -4.13 -4.81
CA PRO E 133 -8.19 -2.76 -4.98
C PRO E 133 -7.52 -2.22 -3.71
N ALA E 134 -6.28 -1.73 -3.85
CA ALA E 134 -5.57 -1.11 -2.73
C ALA E 134 -6.33 0.13 -2.32
N GLY E 135 -6.69 0.22 -1.05
CA GLY E 135 -7.47 1.39 -0.61
C GLY E 135 -8.89 1.49 -1.16
N GLU E 136 -9.77 2.16 -0.42
CA GLU E 136 -11.17 2.17 -0.74
C GLU E 136 -11.59 3.27 -1.73
N GLY E 137 -12.88 3.42 -1.97
CA GLY E 137 -13.39 4.44 -2.89
C GLY E 137 -13.24 4.10 -4.36
N GLY E 138 -13.74 5.00 -5.21
CA GLY E 138 -13.70 4.85 -6.65
C GLY E 138 -14.98 5.16 -7.43
N PHE E 139 -16.08 5.44 -6.73
CA PHE E 139 -17.38 5.60 -7.36
C PHE E 139 -17.46 6.39 -8.65
N ASP E 140 -16.58 7.37 -8.76
CA ASP E 140 -16.51 8.21 -9.94
C ASP E 140 -16.11 7.38 -11.17
N ARG E 141 -15.15 6.47 -11.02
CA ARG E 141 -14.70 5.57 -12.09
C ARG E 141 -15.78 4.53 -12.45
N ALA E 142 -16.47 4.02 -11.44
CA ALA E 142 -17.50 3.02 -11.65
C ALA E 142 -18.65 3.64 -12.45
N ALA E 143 -19.02 4.86 -12.09
CA ALA E 143 -20.00 5.63 -12.86
C ALA E 143 -19.54 5.80 -14.32
N ARG E 144 -18.23 5.99 -14.52
CA ARG E 144 -17.70 6.14 -15.89
C ARG E 144 -17.66 4.86 -16.67
N ALA E 145 -17.42 3.75 -15.97
CA ALA E 145 -17.17 2.47 -16.58
C ALA E 145 -18.45 1.75 -17.01
N ILE E 146 -19.56 2.18 -16.46
CA ILE E 146 -20.81 1.50 -16.68
C ILE E 146 -21.70 2.17 -17.76
N MET E 147 -21.27 3.35 -18.22
CA MET E 147 -21.96 4.10 -19.27
C MET E 147 -22.07 3.34 -20.61
N THR E 148 -23.19 3.52 -21.29
CA THR E 148 -23.33 3.07 -22.67
C THR E 148 -23.56 4.25 -23.61
N THR E 149 -24.81 4.64 -23.78
CA THR E 149 -25.14 5.77 -24.62
C THR E 149 -25.29 7.05 -23.80
N ASP E 150 -24.99 6.93 -22.51
CA ASP E 150 -24.85 8.09 -21.65
C ASP E 150 -23.85 9.10 -22.26
N THR E 151 -24.07 10.40 -22.04
CA THR E 151 -23.12 11.40 -22.50
C THR E 151 -22.40 11.99 -21.29
N ARG E 152 -22.91 11.63 -20.11
CA ARG E 152 -22.30 12.02 -18.85
C ARG E 152 -22.51 10.95 -17.77
N PRO E 153 -21.45 10.71 -16.96
CA PRO E 153 -21.61 9.74 -15.85
C PRO E 153 -22.47 10.33 -14.73
N LYS E 154 -23.09 9.47 -13.93
CA LYS E 154 -24.06 9.94 -12.98
C LYS E 154 -23.80 9.28 -11.65
N GLU E 155 -23.45 10.09 -10.67
CA GLU E 155 -23.28 9.63 -9.28
C GLU E 155 -23.85 10.66 -8.31
N VAL E 156 -24.17 10.24 -7.09
CA VAL E 156 -24.66 11.16 -6.06
C VAL E 156 -24.18 10.75 -4.68
N ARG E 157 -24.06 11.71 -3.76
CA ARG E 157 -23.55 11.41 -2.44
C ARG E 157 -24.43 12.03 -1.40
N VAL E 158 -25.00 11.22 -0.52
CA VAL E 158 -25.67 11.80 0.63
C VAL E 158 -25.07 11.37 1.97
N SER E 159 -24.81 12.35 2.84
CA SER E 159 -24.46 12.06 4.24
C SER E 159 -25.77 11.81 4.99
N VAL E 160 -25.91 10.63 5.61
CA VAL E 160 -27.04 10.33 6.52
C VAL E 160 -26.66 9.92 7.92
N GLY E 161 -26.94 10.77 8.89
CA GLY E 161 -26.70 10.45 10.30
C GLY E 161 -25.35 9.85 10.64
N GLY E 162 -24.30 10.33 9.98
CA GLY E 162 -22.90 9.95 10.27
C GLY E 162 -22.37 8.88 9.32
N ALA E 163 -23.29 8.21 8.63
CA ALA E 163 -22.94 7.27 7.60
C ALA E 163 -22.95 8.00 6.27
N THR E 164 -22.61 7.27 5.21
CA THR E 164 -22.51 7.82 3.87
C THR E 164 -23.26 6.98 2.84
N LEU E 165 -24.01 7.64 1.97
CA LEU E 165 -24.72 6.94 0.93
C LEU E 165 -24.38 7.50 -0.44
N VAL E 166 -23.73 6.69 -1.25
CA VAL E 166 -23.37 7.07 -2.61
C VAL E 166 -24.28 6.31 -3.53
N GLY E 167 -24.58 6.92 -4.66
CA GLY E 167 -25.34 6.23 -5.68
C GLY E 167 -24.79 6.51 -7.05
N ILE E 168 -24.81 5.47 -7.89
CA ILE E 168 -24.43 5.61 -9.28
C ILE E 168 -25.53 5.09 -10.21
N ALA E 169 -25.79 5.82 -11.29
CA ALA E 169 -26.80 5.36 -12.25
C ALA E 169 -26.38 5.53 -13.66
N LYS E 170 -27.11 4.85 -14.53
CA LYS E 170 -26.63 4.63 -15.87
C LYS E 170 -27.83 4.26 -16.72
N GLY E 171 -27.84 4.74 -17.96
CA GLY E 171 -28.88 4.32 -18.92
C GLY E 171 -29.76 5.46 -19.36
N VAL E 172 -29.89 5.63 -20.68
CA VAL E 172 -30.54 6.82 -21.23
C VAL E 172 -31.46 6.54 -22.42
N GLY E 173 -31.52 5.26 -22.79
CA GLY E 173 -32.41 4.79 -23.83
C GLY E 173 -32.78 3.37 -23.49
N MET E 174 -33.82 2.84 -24.15
CA MET E 174 -34.35 1.54 -23.76
C MET E 174 -34.62 1.69 -22.27
N LEU E 175 -35.29 2.78 -21.93
CA LEU E 175 -35.44 3.13 -20.53
C LEU E 175 -36.88 3.47 -20.08
N GLU E 176 -37.52 2.52 -19.38
CA GLU E 176 -38.76 2.76 -18.61
C GLU E 176 -38.87 1.66 -17.54
N PRO E 177 -38.14 1.80 -16.41
CA PRO E 177 -38.13 0.64 -15.52
C PRO E 177 -39.49 0.38 -14.91
N ASP E 178 -39.77 -0.90 -14.72
CA ASP E 178 -40.98 -1.40 -14.14
C ASP E 178 -40.53 -2.54 -13.25
N MET E 179 -39.63 -2.20 -12.30
CA MET E 179 -38.84 -3.19 -11.53
C MET E 179 -39.54 -3.69 -10.27
N ALA E 180 -39.13 -4.89 -9.86
CA ALA E 180 -39.73 -5.67 -8.75
C ALA E 180 -38.74 -6.75 -8.30
N THR F 1 -30.95 0.35 -21.15
CA THR F 1 -30.91 -0.43 -19.89
C THR F 1 -30.62 0.54 -18.74
N LEU F 2 -31.36 0.37 -17.64
CA LEU F 2 -31.07 1.04 -16.39
C LEU F 2 -30.23 0.14 -15.53
N LEU F 3 -29.05 0.62 -15.18
CA LEU F 3 -28.36 0.05 -14.04
C LEU F 3 -28.09 1.15 -13.07
N THR F 4 -28.51 0.93 -11.85
CA THR F 4 -28.11 1.78 -10.76
C THR F 4 -27.76 1.01 -9.48
N PHE F 5 -26.73 1.53 -8.81
CA PHE F 5 -26.19 0.92 -7.62
C PHE F 5 -26.00 1.92 -6.53
N PHE F 6 -26.28 1.46 -5.32
CA PHE F 6 -26.15 2.23 -4.12
C PHE F 6 -25.35 1.45 -3.09
N ALA F 7 -24.44 2.17 -2.46
CA ALA F 7 -23.59 1.65 -1.43
C ALA F 7 -23.63 2.57 -0.23
N THR F 8 -23.74 1.96 0.95
CA THR F 8 -23.79 2.64 2.24
C THR F 8 -23.09 1.88 3.36
N ASP F 9 -22.44 2.63 4.25
CA ASP F 9 -21.86 2.02 5.44
C ASP F 9 -22.81 2.00 6.64
N ALA F 10 -24.08 2.34 6.38
CA ALA F 10 -25.15 2.38 7.39
C ALA F 10 -25.63 0.98 7.73
N ARG F 11 -25.96 0.75 9.00
CA ARG F 11 -26.53 -0.51 9.42
C ARG F 11 -28.04 -0.33 9.50
N LEU F 12 -28.73 -1.08 8.66
CA LEU F 12 -30.17 -1.02 8.58
C LEU F 12 -30.68 -2.40 8.84
N ASP F 13 -31.90 -2.48 9.34
CA ASP F 13 -32.65 -3.72 9.44
C ASP F 13 -32.87 -4.26 8.01
N PRO F 14 -32.68 -5.57 7.79
CA PRO F 14 -32.80 -6.13 6.43
C PRO F 14 -34.20 -5.98 5.78
N ALA F 15 -35.24 -6.12 6.60
CA ALA F 15 -36.63 -6.00 6.12
C ALA F 15 -37.00 -4.54 5.91
N GLU F 16 -36.68 -3.70 6.89
CA GLU F 16 -36.91 -2.25 6.82
C GLU F 16 -36.22 -1.72 5.55
N GLN F 17 -35.14 -2.39 5.16
CA GLN F 17 -34.34 -1.97 4.01
C GLN F 17 -34.96 -2.41 2.70
N ASP F 18 -35.42 -3.66 2.62
CA ASP F 18 -36.12 -4.10 1.43
C ASP F 18 -37.32 -3.17 1.25
N ARG F 19 -38.13 -3.02 2.30
CA ARG F 19 -39.38 -2.23 2.23
C ARG F 19 -39.18 -0.77 1.80
N LEU F 20 -38.24 -0.08 2.45
CA LEU F 20 -37.96 1.34 2.13
C LEU F 20 -37.33 1.46 0.75
N PHE F 21 -36.47 0.49 0.44
CA PHE F 21 -35.86 0.47 -0.86
C PHE F 21 -36.94 0.54 -1.92
N ARG F 22 -37.89 -0.39 -1.87
CA ARG F 22 -38.92 -0.51 -2.89
C ARG F 22 -39.77 0.75 -2.98
N ARG F 23 -40.09 1.31 -1.81
CA ARG F 23 -40.92 2.52 -1.73
C ARG F 23 -40.22 3.69 -2.39
N VAL F 24 -38.90 3.66 -2.37
CA VAL F 24 -38.15 4.68 -3.06
C VAL F 24 -38.09 4.38 -4.56
N MET F 25 -37.75 3.15 -4.92
CA MET F 25 -37.71 2.78 -6.30
C MET F 25 -39.03 3.13 -6.96
N ASP F 26 -40.14 2.74 -6.35
CA ASP F 26 -41.44 3.09 -6.90
C ASP F 26 -41.58 4.55 -7.34
N ARG F 27 -41.09 5.47 -6.51
CA ARG F 27 -41.28 6.91 -6.74
C ARG F 27 -40.17 7.52 -7.57
N THR F 28 -39.20 6.73 -7.99
CA THR F 28 -38.04 7.26 -8.68
C THR F 28 -37.73 6.52 -10.01
N PHE F 29 -37.15 5.32 -9.89
CA PHE F 29 -36.70 4.61 -11.07
C PHE F 29 -37.85 3.99 -11.79
N ASN F 30 -38.86 3.58 -11.04
CA ASN F 30 -40.10 3.15 -11.68
C ASN F 30 -40.97 4.37 -12.13
N ALA F 31 -40.41 5.58 -11.97
CA ALA F 31 -41.13 6.83 -12.25
C ALA F 31 -40.57 7.57 -13.47
N VAL F 32 -39.68 6.92 -14.23
CA VAL F 32 -39.04 7.57 -15.35
C VAL F 32 -39.23 6.80 -16.66
N SER F 33 -39.38 7.53 -17.76
CA SER F 33 -39.35 6.90 -19.09
C SER F 33 -38.80 7.76 -20.21
N ILE F 34 -37.70 7.31 -20.80
CA ILE F 34 -37.22 7.97 -22.00
C ILE F 34 -38.06 7.54 -23.22
N ASP F 35 -38.20 6.23 -23.44
CA ASP F 35 -38.81 5.78 -24.67
C ASP F 35 -39.68 4.54 -24.47
N THR F 36 -40.22 4.38 -23.27
CA THR F 36 -41.18 3.28 -22.98
C THR F 36 -40.61 1.87 -23.23
N ASP F 37 -39.33 1.80 -23.61
CA ASP F 37 -38.70 0.56 -23.92
C ASP F 37 -38.00 -0.09 -22.70
N THR F 38 -38.83 -0.71 -21.85
CA THR F 38 -38.37 -1.46 -20.69
C THR F 38 -37.37 -2.54 -21.08
N SER F 39 -36.18 -2.46 -20.50
CA SER F 39 -35.09 -3.31 -20.96
C SER F 39 -35.21 -4.73 -20.43
N THR F 40 -34.28 -5.56 -20.89
CA THR F 40 -34.24 -6.94 -20.50
C THR F 40 -33.21 -7.13 -19.41
N SER F 41 -32.65 -6.03 -18.92
CA SER F 41 -31.51 -6.16 -18.06
C SER F 41 -31.52 -5.21 -16.85
N ASP F 42 -32.63 -4.51 -16.61
CA ASP F 42 -32.69 -3.51 -15.53
C ASP F 42 -32.48 -4.07 -14.16
N THR F 43 -31.54 -3.49 -13.43
CA THR F 43 -31.09 -3.96 -12.12
C THR F 43 -30.78 -2.74 -11.22
N ALA F 44 -31.41 -2.70 -10.05
CA ALA F 44 -31.16 -1.65 -9.06
C ALA F 44 -30.86 -2.28 -7.71
N VAL F 45 -29.73 -1.92 -7.10
CA VAL F 45 -29.27 -2.60 -5.88
C VAL F 45 -28.85 -1.61 -4.77
N LEU F 46 -29.08 -1.99 -3.50
CA LEU F 46 -28.59 -1.26 -2.34
C LEU F 46 -27.76 -2.18 -1.47
N PHE F 47 -26.45 -1.90 -1.34
CA PHE F 47 -25.60 -2.60 -0.38
C PHE F 47 -25.48 -1.80 0.93
N ALA F 48 -25.53 -2.52 2.04
CA ALA F 48 -25.35 -1.91 3.36
C ALA F 48 -24.47 -2.77 4.28
N ASN F 49 -23.25 -2.34 4.56
CA ASN F 49 -22.50 -2.95 5.66
C ASN F 49 -22.78 -2.18 6.94
N GLY F 50 -22.39 -2.70 8.09
CA GLY F 50 -22.73 -1.98 9.32
C GLY F 50 -21.74 -0.87 9.71
N LEU F 51 -20.78 -0.62 8.83
CA LEU F 51 -19.57 0.08 9.22
C LEU F 51 -19.73 1.43 9.89
N ALA F 52 -20.78 2.20 9.62
CA ALA F 52 -20.93 3.50 10.31
C ALA F 52 -22.01 3.58 11.40
N GLY F 53 -22.38 2.42 11.95
CA GLY F 53 -23.35 2.37 13.05
C GLY F 53 -24.77 2.29 12.55
N GLU F 54 -25.73 2.30 13.45
CA GLU F 54 -27.15 2.39 13.10
C GLU F 54 -27.46 3.76 12.51
N VAL F 55 -28.59 3.82 11.81
CA VAL F 55 -29.12 5.05 11.20
C VAL F 55 -30.63 4.99 11.36
N ASP F 56 -31.27 6.10 11.72
CA ASP F 56 -32.73 6.07 11.83
C ASP F 56 -33.29 5.69 10.48
N ALA F 57 -34.06 4.60 10.46
CA ALA F 57 -34.63 4.10 9.22
C ALA F 57 -35.22 5.23 8.33
N GLY F 58 -36.05 6.10 8.92
CA GLY F 58 -36.69 7.18 8.18
C GLY F 58 -35.76 8.21 7.56
N GLU F 59 -34.78 8.71 8.33
CA GLU F 59 -33.81 9.69 7.81
C GLU F 59 -33.13 9.08 6.58
N PHE F 60 -32.86 7.78 6.63
CA PHE F 60 -32.20 7.11 5.48
C PHE F 60 -33.15 7.06 4.29
N GLU F 61 -34.38 6.60 4.53
CA GLU F 61 -35.34 6.50 3.44
C GLU F 61 -35.47 7.83 2.74
N GLU F 62 -35.47 8.90 3.53
CA GLU F 62 -35.53 10.26 2.99
C GLU F 62 -34.28 10.57 2.14
N ALA F 63 -33.11 10.09 2.56
CA ALA F 63 -31.87 10.36 1.86
C ALA F 63 -31.76 9.58 0.56
N LEU F 64 -32.05 8.28 0.67
CA LEU F 64 -32.03 7.42 -0.49
C LEU F 64 -32.88 8.07 -1.57
N HIS F 65 -34.06 8.53 -1.17
CA HIS F 65 -35.05 9.13 -2.05
C HIS F 65 -34.54 10.36 -2.77
N THR F 66 -33.75 11.15 -2.04
CA THR F 66 -33.22 12.38 -2.57
C THR F 66 -32.11 12.05 -3.55
N ALA F 67 -31.36 11.00 -3.24
CA ALA F 67 -30.26 10.55 -4.08
C ALA F 67 -30.78 9.95 -5.35
N ALA F 68 -31.87 9.19 -5.21
CA ALA F 68 -32.44 8.48 -6.32
C ALA F 68 -32.98 9.47 -7.33
N LEU F 69 -33.82 10.38 -6.87
CA LEU F 69 -34.47 11.37 -7.71
C LEU F 69 -33.42 12.18 -8.42
N ALA F 70 -32.39 12.55 -7.69
CA ALA F 70 -31.29 13.26 -8.28
C ALA F 70 -30.82 12.52 -9.54
N LEU F 71 -30.58 11.20 -9.43
CA LEU F 71 -30.13 10.34 -10.54
C LEU F 71 -31.19 10.20 -11.67
N VAL F 72 -32.46 10.06 -11.27
CA VAL F 72 -33.59 9.88 -12.19
C VAL F 72 -33.69 11.11 -13.09
N LYS F 73 -33.61 12.30 -12.48
CA LYS F 73 -33.51 13.56 -13.24
C LYS F 73 -32.27 13.57 -14.11
N ASP F 74 -31.14 13.15 -13.53
CA ASP F 74 -29.92 12.96 -14.30
C ASP F 74 -30.08 12.01 -15.51
N ILE F 75 -30.94 10.99 -15.43
CA ILE F 75 -31.22 10.16 -16.64
C ILE F 75 -32.13 10.91 -17.62
N ALA F 76 -33.21 11.49 -17.10
CA ALA F 76 -34.19 12.24 -17.90
C ALA F 76 -33.57 13.34 -18.74
N SER F 77 -32.49 13.95 -18.25
CA SER F 77 -31.78 14.97 -19.01
C SER F 77 -30.80 14.39 -19.96
N ASP F 78 -30.15 13.28 -19.61
CA ASP F 78 -29.12 12.71 -20.48
C ASP F 78 -29.74 11.79 -21.52
N GLY F 79 -31.06 11.86 -21.63
CA GLY F 79 -31.82 10.96 -22.49
C GLY F 79 -31.28 11.02 -23.89
N GLU F 80 -31.38 9.91 -24.60
CA GLU F 80 -30.77 9.86 -25.93
C GLU F 80 -31.46 10.91 -26.79
N GLY F 81 -30.63 11.70 -27.50
CA GLY F 81 -31.07 12.87 -28.27
C GLY F 81 -31.69 14.05 -27.50
N ALA F 82 -32.09 13.83 -26.24
CA ALA F 82 -32.93 14.77 -25.46
C ALA F 82 -32.35 16.18 -25.31
N ALA F 83 -33.25 17.17 -25.29
CA ALA F 83 -32.86 18.59 -25.33
C ALA F 83 -33.56 19.36 -24.22
N LYS F 84 -34.44 18.64 -23.51
CA LYS F 84 -35.35 19.23 -22.55
C LYS F 84 -35.80 18.10 -21.65
N LEU F 85 -35.74 18.30 -20.34
CA LEU F 85 -36.40 17.39 -19.43
C LEU F 85 -37.88 17.73 -19.40
N ILE F 86 -38.71 16.68 -19.43
CA ILE F 86 -40.15 16.80 -19.16
C ILE F 86 -40.51 16.16 -17.81
N GLU F 87 -41.13 16.97 -16.96
CA GLU F 87 -41.66 16.54 -15.68
C GLU F 87 -43.20 16.71 -15.72
N VAL F 88 -43.97 15.63 -15.50
CA VAL F 88 -45.43 15.66 -15.52
C VAL F 88 -46.02 15.50 -14.09
N GLN F 89 -46.56 16.61 -13.55
CA GLN F 89 -47.14 16.65 -12.22
C GLN F 89 -48.65 16.50 -12.31
N VAL F 90 -49.15 15.32 -11.94
CA VAL F 90 -50.57 14.94 -12.05
C VAL F 90 -51.19 15.02 -10.68
N THR F 91 -52.27 15.78 -10.53
CA THR F 91 -53.02 15.86 -9.25
C THR F 91 -54.51 15.69 -9.48
N GLY F 92 -55.24 15.28 -8.46
CA GLY F 92 -56.68 15.25 -8.53
C GLY F 92 -57.15 13.87 -8.97
N ALA F 93 -56.26 12.89 -8.83
CA ALA F 93 -56.55 11.57 -9.39
C ALA F 93 -57.43 10.70 -8.48
N ARG F 94 -58.07 9.68 -9.05
CA ARG F 94 -58.82 8.70 -8.25
C ARG F 94 -57.96 8.25 -7.06
N ASP F 95 -56.70 7.91 -7.35
CA ASP F 95 -55.73 7.45 -6.38
C ASP F 95 -54.38 7.72 -7.00
N ASP F 96 -53.30 7.57 -6.23
CA ASP F 96 -51.97 7.82 -6.75
C ASP F 96 -51.67 7.00 -8.04
N ALA F 97 -52.21 5.79 -8.09
CA ALA F 97 -52.00 4.92 -9.23
C ALA F 97 -52.55 5.52 -10.55
N GLN F 98 -53.70 6.19 -10.51
CA GLN F 98 -54.24 6.81 -11.72
C GLN F 98 -53.33 7.96 -12.19
N ALA F 99 -52.72 8.65 -11.24
CA ALA F 99 -51.82 9.75 -11.60
C ALA F 99 -50.61 9.25 -12.39
N LYS F 100 -50.00 8.15 -11.92
CA LYS F 100 -48.79 7.63 -12.56
C LYS F 100 -49.12 7.30 -14.00
N ARG F 101 -50.18 6.51 -14.15
CA ARG F 101 -50.71 6.10 -15.45
C ARG F 101 -50.85 7.28 -16.42
N VAL F 102 -51.47 8.37 -15.94
CA VAL F 102 -51.84 9.51 -16.79
C VAL F 102 -50.57 10.28 -17.13
N GLY F 103 -49.73 10.46 -16.09
CA GLY F 103 -48.36 10.93 -16.25
C GLY F 103 -47.64 10.12 -17.32
N LYS F 104 -47.57 8.81 -17.18
CA LYS F 104 -46.79 8.01 -18.13
C LYS F 104 -47.28 8.14 -19.55
N THR F 105 -48.61 8.05 -19.73
CA THR F 105 -49.28 8.25 -21.04
C THR F 105 -48.86 9.61 -21.67
N VAL F 106 -48.90 10.66 -20.86
CA VAL F 106 -48.55 11.99 -21.26
C VAL F 106 -47.06 12.01 -21.69
N VAL F 107 -46.16 11.69 -20.76
CA VAL F 107 -44.74 11.81 -21.04
C VAL F 107 -44.26 10.81 -22.12
N ASN F 108 -45.00 9.72 -22.30
CA ASN F 108 -44.65 8.70 -23.30
C ASN F 108 -45.25 8.99 -24.68
N SER F 109 -46.11 10.02 -24.73
CA SER F 109 -46.84 10.43 -25.97
C SER F 109 -45.97 11.12 -27.01
N PRO F 110 -45.59 10.39 -28.09
CA PRO F 110 -44.70 10.99 -29.10
C PRO F 110 -45.12 12.39 -29.57
N LEU F 111 -46.42 12.69 -29.55
CA LEU F 111 -46.88 14.01 -29.94
C LEU F 111 -46.52 15.09 -28.90
N VAL F 112 -46.65 14.72 -27.64
CA VAL F 112 -46.36 15.66 -26.60
C VAL F 112 -44.87 15.88 -26.64
N LYS F 113 -44.12 14.79 -26.66
CA LYS F 113 -42.65 14.78 -26.68
C LYS F 113 -42.10 15.65 -27.79
N THR F 114 -42.65 15.47 -28.98
CA THR F 114 -42.31 16.32 -30.12
C THR F 114 -42.81 17.77 -29.98
N ALA F 115 -44.06 17.99 -29.59
CA ALA F 115 -44.51 19.36 -29.34
C ALA F 115 -43.48 20.01 -28.44
N VAL F 116 -43.19 19.36 -27.33
CA VAL F 116 -42.34 19.99 -26.35
C VAL F 116 -40.99 20.38 -27.00
N HIS F 117 -40.36 19.42 -27.68
CA HIS F 117 -39.07 19.60 -28.37
C HIS F 117 -38.88 20.88 -29.23
N GLY F 118 -39.98 21.32 -29.87
CA GLY F 118 -39.98 22.49 -30.71
C GLY F 118 -40.70 23.63 -30.00
N CYS F 119 -40.77 23.55 -28.67
CA CYS F 119 -41.30 24.63 -27.83
C CYS F 119 -42.81 24.92 -28.00
N ASP F 120 -43.53 24.04 -28.68
CA ASP F 120 -44.94 24.31 -28.97
C ASP F 120 -45.82 24.09 -27.73
N PRO F 121 -46.46 25.15 -27.22
CA PRO F 121 -47.27 24.94 -26.02
C PRO F 121 -48.58 24.18 -26.40
N ASN F 122 -48.42 22.93 -26.84
CA ASN F 122 -49.52 22.24 -27.49
C ASN F 122 -50.40 21.45 -26.54
N TRP F 123 -51.27 22.17 -25.85
CA TRP F 123 -52.01 21.58 -24.77
C TRP F 123 -53.10 20.63 -25.27
N GLY F 124 -53.41 20.75 -26.55
CA GLY F 124 -54.36 19.87 -27.20
C GLY F 124 -53.73 18.51 -27.40
N ARG F 125 -52.41 18.48 -27.49
CA ARG F 125 -51.70 17.22 -27.57
C ARG F 125 -51.64 16.61 -26.19
N VAL F 126 -51.36 17.42 -25.15
CA VAL F 126 -51.45 16.85 -23.81
C VAL F 126 -52.88 16.37 -23.55
N ALA F 127 -53.87 17.17 -23.97
CA ALA F 127 -55.29 16.73 -23.94
C ALA F 127 -55.51 15.33 -24.52
N MET F 128 -55.23 15.19 -25.83
CA MET F 128 -55.30 13.90 -26.49
C MET F 128 -54.66 12.77 -25.66
N ALA F 129 -53.47 13.01 -25.11
CA ALA F 129 -52.75 11.94 -24.36
C ALA F 129 -53.53 11.48 -23.15
N ILE F 130 -53.84 12.44 -22.25
CA ILE F 130 -54.74 12.23 -21.12
C ILE F 130 -55.93 11.39 -21.59
N GLY F 131 -56.46 11.78 -22.75
CA GLY F 131 -57.62 11.13 -23.38
C GLY F 131 -57.49 9.64 -23.71
N LYS F 132 -56.25 9.21 -23.94
CA LYS F 132 -56.01 7.82 -24.25
C LYS F 132 -56.27 6.90 -23.02
N CYS F 133 -56.37 7.50 -21.83
CA CYS F 133 -56.63 6.70 -20.64
C CYS F 133 -58.12 6.40 -20.60
N SER F 134 -58.58 5.71 -21.65
CA SER F 134 -60.00 5.53 -21.91
C SER F 134 -60.70 4.65 -20.89
N ASP F 135 -59.98 3.77 -20.18
CA ASP F 135 -60.64 2.89 -19.22
C ASP F 135 -61.09 3.65 -17.96
N ASP F 136 -60.66 4.91 -17.91
CA ASP F 136 -60.71 5.78 -16.74
C ASP F 136 -61.86 6.72 -16.92
N THR F 137 -63.03 6.12 -16.98
CA THR F 137 -64.23 6.75 -17.43
C THR F 137 -64.71 7.74 -16.38
N ASP F 138 -63.83 8.17 -15.49
CA ASP F 138 -64.18 9.22 -14.49
C ASP F 138 -63.33 10.50 -14.65
N ILE F 139 -62.28 10.38 -15.47
CA ILE F 139 -61.58 11.51 -16.05
C ILE F 139 -62.62 12.28 -16.90
N ASP F 140 -62.94 13.50 -16.46
CA ASP F 140 -63.86 14.36 -17.17
C ASP F 140 -63.16 15.53 -17.85
N GLN F 141 -63.22 15.57 -19.17
CA GLN F 141 -62.52 16.60 -19.95
C GLN F 141 -62.85 18.03 -19.56
N GLU F 142 -64.03 18.25 -18.99
CA GLU F 142 -64.42 19.59 -18.57
C GLU F 142 -63.81 19.96 -17.21
N ARG F 143 -63.55 18.96 -16.37
CA ARG F 143 -63.06 19.23 -15.01
C ARG F 143 -61.52 19.34 -14.95
N VAL F 144 -60.87 18.86 -16.01
CA VAL F 144 -59.43 18.79 -16.14
C VAL F 144 -58.79 20.15 -16.40
N THR F 145 -57.76 20.48 -15.61
CA THR F 145 -56.91 21.64 -15.91
C THR F 145 -55.58 21.10 -16.39
N ILE F 146 -54.91 21.90 -17.21
CA ILE F 146 -53.56 21.64 -17.73
C ILE F 146 -52.82 22.95 -17.63
N ARG F 147 -51.64 22.91 -17.03
CA ARG F 147 -50.76 24.08 -16.99
C ARG F 147 -49.40 23.71 -17.59
N PHE F 148 -48.75 24.66 -18.24
CA PHE F 148 -47.39 24.46 -18.65
C PHE F 148 -46.66 25.37 -17.71
N GLY F 149 -45.58 24.86 -17.09
CA GLY F 149 -44.88 25.59 -16.05
C GLY F 149 -45.84 26.02 -14.96
N GLU F 150 -46.03 27.33 -14.81
CA GLU F 150 -46.88 27.91 -13.76
C GLU F 150 -48.23 28.44 -14.26
N VAL F 151 -48.35 28.53 -15.59
CA VAL F 151 -49.51 29.13 -16.26
C VAL F 151 -50.61 28.12 -16.70
N GLU F 152 -51.83 28.28 -16.19
CA GLU F 152 -52.92 27.42 -16.63
C GLU F 152 -53.29 27.81 -18.05
N VAL F 153 -53.04 26.92 -19.01
CA VAL F 153 -53.37 27.16 -20.43
C VAL F 153 -54.76 26.63 -20.80
N TYR F 154 -55.16 25.54 -20.13
CA TYR F 154 -56.46 24.89 -20.27
C TYR F 154 -57.17 24.78 -18.91
N PRO F 155 -58.48 25.02 -18.89
CA PRO F 155 -59.34 25.57 -19.94
C PRO F 155 -58.91 27.02 -20.27
N PRO F 156 -59.09 27.47 -21.54
CA PRO F 156 -58.85 28.90 -21.85
C PRO F 156 -60.07 29.75 -21.52
N ALA F 172 -44.53 30.32 -21.86
CA ALA F 172 -43.84 30.31 -23.16
C ALA F 172 -42.33 30.45 -23.06
N GLU F 173 -41.84 31.41 -22.27
CA GLU F 173 -40.42 31.43 -21.88
C GLU F 173 -40.07 30.10 -21.22
N HIS F 174 -40.98 29.59 -20.40
CA HIS F 174 -40.72 28.38 -19.64
C HIS F 174 -40.38 27.25 -20.60
N LEU F 175 -41.16 27.15 -21.67
CA LEU F 175 -40.99 26.13 -22.69
C LEU F 175 -39.66 26.14 -23.45
N ARG F 176 -38.94 27.25 -23.40
CA ARG F 176 -37.64 27.36 -24.07
C ARG F 176 -36.50 26.71 -23.27
N GLY F 177 -36.70 26.55 -21.96
CA GLY F 177 -35.71 25.92 -21.07
C GLY F 177 -35.48 24.42 -21.31
N ASP F 178 -34.53 23.85 -20.54
CA ASP F 178 -34.20 22.41 -20.61
C ASP F 178 -34.83 21.60 -19.47
N GLU F 179 -35.91 22.16 -18.92
CA GLU F 179 -36.78 21.52 -17.91
C GLU F 179 -38.26 22.03 -18.03
N VAL F 180 -39.13 21.19 -18.61
CA VAL F 180 -40.52 21.56 -18.88
C VAL F 180 -41.48 20.81 -17.95
N VAL F 181 -42.24 21.55 -17.15
CA VAL F 181 -43.26 20.97 -16.24
C VAL F 181 -44.63 20.99 -16.93
N ILE F 182 -45.23 19.82 -17.08
CA ILE F 182 -46.59 19.74 -17.54
C ILE F 182 -47.44 19.33 -16.35
N GLY F 183 -47.99 20.30 -15.61
CA GLY F 183 -48.93 20.05 -14.51
C GLY F 183 -50.36 19.82 -14.99
N ILE F 184 -50.94 18.67 -14.59
CA ILE F 184 -52.32 18.27 -14.94
C ILE F 184 -53.15 18.03 -13.69
N ASP F 185 -54.37 18.52 -13.66
CA ASP F 185 -55.26 18.15 -12.56
C ASP F 185 -56.56 17.52 -13.02
N LEU F 186 -56.87 16.35 -12.48
CA LEU F 186 -58.01 15.52 -12.94
C LEU F 186 -59.36 15.77 -12.22
N ALA F 187 -59.31 16.55 -11.15
CA ALA F 187 -60.50 16.97 -10.44
C ALA F 187 -61.45 15.81 -10.09
N ILE F 188 -60.91 14.76 -9.46
CA ILE F 188 -61.71 13.63 -8.98
C ILE F 188 -61.48 13.60 -7.47
N ALA F 189 -60.20 13.43 -7.08
CA ALA F 189 -59.80 13.23 -5.67
C ALA F 189 -58.27 13.35 -5.52
N ASP F 190 -57.75 12.91 -4.37
CA ASP F 190 -56.32 13.17 -4.06
C ASP F 190 -55.10 12.60 -4.81
N GLY F 191 -55.32 11.61 -5.66
CA GLY F 191 -54.21 10.94 -6.36
C GLY F 191 -53.22 11.90 -6.96
N ALA F 192 -51.96 11.72 -6.61
CA ALA F 192 -50.92 12.59 -7.12
C ALA F 192 -49.67 11.77 -7.47
N PHE F 193 -49.00 12.13 -8.57
CA PHE F 193 -47.79 11.43 -8.98
C PHE F 193 -46.99 12.17 -10.03
N THR F 194 -45.69 12.13 -9.84
CA THR F 194 -44.80 12.79 -10.75
C THR F 194 -43.98 11.78 -11.53
N VAL F 195 -43.93 11.98 -12.85
CA VAL F 195 -43.09 11.18 -13.73
C VAL F 195 -42.08 12.06 -14.45
N TYR F 196 -40.98 11.45 -14.89
CA TYR F 196 -39.96 12.17 -15.65
C TYR F 196 -39.65 11.47 -16.98
N GLY F 197 -39.40 12.28 -18.00
CA GLY F 197 -39.02 11.83 -19.35
C GLY F 197 -38.30 12.92 -20.13
N CYS F 198 -38.31 12.81 -21.45
CA CYS F 198 -37.66 13.79 -22.29
C CYS F 198 -38.37 13.98 -23.63
N ASP F 199 -38.20 15.14 -24.24
CA ASP F 199 -38.73 15.36 -25.58
C ASP F 199 -38.09 14.43 -26.62
N LEU F 200 -38.81 14.16 -27.69
CA LEU F 200 -38.30 13.36 -28.79
C LEU F 200 -37.60 14.27 -29.80
N THR F 201 -36.42 13.84 -30.25
CA THR F 201 -35.60 14.68 -31.11
C THR F 201 -35.09 13.90 -32.31
N GLU F 202 -34.54 14.64 -33.24
CA GLU F 202 -33.91 14.15 -34.44
C GLU F 202 -32.72 13.28 -34.02
N GLY F 203 -32.08 13.66 -32.93
CA GLY F 203 -30.91 12.97 -32.40
C GLY F 203 -31.21 11.57 -31.86
N TYR F 204 -32.35 11.45 -31.18
CA TYR F 204 -32.86 10.16 -30.75
C TYR F 204 -32.96 9.23 -31.98
N VAL F 205 -33.72 9.66 -32.99
CA VAL F 205 -33.91 8.87 -34.20
C VAL F 205 -32.58 8.54 -34.83
N ARG F 206 -31.76 9.55 -35.01
CA ARG F 206 -30.53 9.42 -35.78
C ARG F 206 -29.56 8.47 -35.10
N LEU F 207 -29.47 8.54 -33.77
CA LEU F 207 -28.61 7.64 -32.98
C LEU F 207 -29.10 6.19 -33.00
N ASN F 208 -30.38 5.96 -32.71
CA ASN F 208 -30.89 4.58 -32.72
C ASN F 208 -31.11 3.99 -34.12
N SER F 209 -30.92 4.81 -35.17
CA SER F 209 -30.94 4.34 -36.58
C SER F 209 -29.56 3.99 -37.15
N GLU F 210 -28.55 4.77 -36.78
CA GLU F 210 -27.18 4.59 -37.30
C GLU F 210 -26.25 3.78 -36.39
N TYR F 211 -26.62 3.70 -35.13
CA TYR F 211 -25.84 3.09 -34.09
C TYR F 211 -26.64 2.00 -33.37
N THR F 212 -25.95 1.00 -32.83
CA THR F 212 -26.62 -0.02 -32.06
C THR F 212 -25.82 -0.30 -30.78
N THR G 8 12.62 22.74 -12.29
CA THR G 8 12.33 23.40 -10.95
C THR G 8 11.60 22.54 -9.90
N PRO G 9 10.62 21.67 -10.30
CA PRO G 9 9.99 20.80 -9.26
C PRO G 9 10.94 19.71 -8.79
N ARG G 10 10.96 19.50 -7.47
CA ARG G 10 11.76 18.44 -6.84
C ARG G 10 11.55 17.11 -7.52
N GLY G 11 12.68 16.43 -7.76
CA GLY G 11 12.66 15.05 -8.22
C GLY G 11 12.51 14.79 -9.71
N PHE G 12 12.27 15.86 -10.49
CA PHE G 12 12.20 15.72 -11.95
C PHE G 12 13.47 16.18 -12.67
N VAL G 13 14.09 15.18 -13.30
CA VAL G 13 15.25 15.36 -14.17
C VAL G 13 14.79 15.21 -15.64
N VAL G 14 15.62 15.71 -16.59
CA VAL G 14 15.26 15.76 -18.01
C VAL G 14 16.37 15.23 -18.90
N HIS G 15 16.02 14.37 -19.84
CA HIS G 15 17.01 13.83 -20.79
C HIS G 15 16.59 14.23 -22.17
N THR G 16 17.38 15.06 -22.83
CA THR G 16 17.16 15.35 -24.25
C THR G 16 18.38 15.05 -25.08
N ALA G 17 18.17 14.40 -26.22
CA ALA G 17 19.27 13.97 -27.08
C ALA G 17 18.80 13.89 -28.52
N PRO G 18 19.72 14.01 -29.50
CA PRO G 18 19.36 13.80 -30.90
C PRO G 18 19.48 12.35 -31.29
N VAL G 19 18.50 11.82 -32.02
CA VAL G 19 18.51 10.38 -32.33
C VAL G 19 18.36 10.03 -33.83
N GLY G 20 18.08 11.03 -34.66
CA GLY G 20 18.00 10.87 -36.12
C GLY G 20 16.60 10.60 -36.66
N LEU G 21 15.55 10.99 -35.91
CA LEU G 21 14.15 10.86 -36.36
C LEU G 21 13.90 11.85 -37.51
N ALA G 22 14.86 12.79 -37.65
CA ALA G 22 15.11 13.59 -38.86
C ALA G 22 16.63 13.95 -38.94
N ASP G 23 17.23 13.80 -40.11
CA ASP G 23 18.69 13.96 -40.25
C ASP G 23 19.18 15.44 -40.19
N ASP G 24 19.23 15.99 -38.97
CA ASP G 24 19.57 17.41 -38.73
C ASP G 24 20.44 17.61 -37.46
N GLY G 25 20.49 16.57 -36.62
CA GLY G 25 21.20 16.64 -35.35
C GLY G 25 20.49 17.38 -34.21
N ARG G 26 19.26 17.86 -34.45
CA ARG G 26 18.43 18.49 -33.39
C ARG G 26 18.09 17.48 -32.29
N ASP G 27 17.70 18.00 -31.14
CA ASP G 27 17.18 17.16 -30.07
C ASP G 27 15.77 16.66 -30.41
N ASP G 28 15.58 15.35 -30.36
CA ASP G 28 14.29 14.75 -30.70
C ASP G 28 14.07 13.42 -29.96
N PHE G 29 14.90 13.20 -28.94
CA PHE G 29 14.70 12.11 -27.96
C PHE G 29 14.63 12.66 -26.51
N THR G 30 13.44 12.68 -25.91
CA THR G 30 13.26 13.27 -24.56
C THR G 30 12.74 12.25 -23.55
N VAL G 31 13.42 12.16 -22.41
CA VAL G 31 12.91 11.34 -21.31
C VAL G 31 12.72 12.22 -20.08
N LEU G 32 11.51 12.18 -19.56
CA LEU G 32 11.16 12.91 -18.36
C LEU G 32 10.92 11.88 -17.26
N ALA G 33 11.77 11.83 -16.25
CA ALA G 33 11.62 10.84 -15.19
C ALA G 33 11.59 11.46 -13.83
N SER G 34 10.83 10.85 -12.93
CA SER G 34 10.82 11.19 -11.48
C SER G 34 11.60 10.16 -10.64
N THR G 35 12.45 10.71 -9.76
CA THR G 35 13.27 10.00 -8.80
C THR G 35 12.41 9.38 -7.69
N ALA G 36 11.13 9.75 -7.68
CA ALA G 36 10.23 9.30 -6.63
C ALA G 36 8.92 8.79 -7.25
N PRO G 37 8.35 7.72 -6.67
CA PRO G 37 7.23 7.17 -7.38
C PRO G 37 6.24 8.28 -7.44
N ALA G 38 5.40 8.30 -8.47
CA ALA G 38 4.55 9.45 -8.73
C ALA G 38 3.16 8.97 -9.08
N THR G 39 2.16 9.53 -8.42
CA THR G 39 0.77 9.45 -8.90
C THR G 39 0.60 10.16 -10.27
N VAL G 40 -0.20 9.55 -11.14
CA VAL G 40 -0.25 10.00 -12.48
C VAL G 40 -1.70 10.03 -12.90
N SER G 41 -1.98 10.95 -13.83
CA SER G 41 -3.30 11.15 -14.40
C SER G 41 -3.13 11.48 -15.89
N ALA G 42 -3.72 10.68 -16.77
CA ALA G 42 -3.42 10.88 -18.17
C ALA G 42 -4.65 10.79 -19.06
N VAL G 43 -4.73 11.67 -20.06
CA VAL G 43 -5.81 11.61 -21.04
C VAL G 43 -5.23 11.58 -22.47
N PHE G 44 -5.75 10.68 -23.31
CA PHE G 44 -5.20 10.46 -24.64
C PHE G 44 -6.31 10.51 -25.66
N THR G 45 -5.94 10.79 -26.92
CA THR G 45 -6.80 10.68 -28.11
C THR G 45 -7.68 9.42 -28.13
N ARG G 46 -8.88 9.56 -28.69
CA ARG G 46 -9.77 8.41 -28.88
C ARG G 46 -9.76 7.92 -30.34
N SER G 47 -8.78 8.41 -31.12
CA SER G 47 -8.61 8.11 -32.55
C SER G 47 -8.76 6.63 -32.86
N ARG G 48 -9.51 6.28 -33.89
CA ARG G 48 -9.66 4.87 -34.26
C ARG G 48 -8.38 4.31 -34.91
N PHE G 49 -7.44 5.24 -35.15
CA PHE G 49 -6.11 4.96 -35.63
C PHE G 49 -5.00 5.20 -34.53
N ALA G 50 -5.44 5.31 -33.28
CA ALA G 50 -4.50 5.49 -32.15
C ALA G 50 -3.31 4.55 -32.27
N GLY G 51 -2.13 5.13 -32.07
CA GLY G 51 -0.89 4.38 -32.29
C GLY G 51 -0.63 3.38 -31.18
N PRO G 52 0.38 2.53 -31.38
CA PRO G 52 0.77 1.59 -30.31
C PRO G 52 1.27 2.34 -29.06
N SER G 53 1.93 3.50 -29.24
CA SER G 53 2.35 4.30 -28.05
C SER G 53 1.24 4.69 -27.04
N VAL G 54 0.12 5.19 -27.57
CA VAL G 54 -1.07 5.53 -26.74
C VAL G 54 -1.54 4.31 -25.96
N VAL G 55 -1.64 3.19 -26.67
CA VAL G 55 -2.09 1.92 -26.12
C VAL G 55 -1.32 1.55 -24.86
N LEU G 56 0.00 1.63 -24.95
CA LEU G 56 0.87 1.18 -23.87
C LEU G 56 0.80 2.14 -22.67
N CYS G 57 0.47 3.40 -22.96
CA CYS G 57 0.28 4.41 -21.91
C CYS G 57 -1.00 4.15 -21.13
N ARG G 58 -2.11 3.98 -21.83
CA ARG G 58 -3.35 3.58 -21.16
C ARG G 58 -3.02 2.51 -20.08
N GLU G 59 -2.49 1.34 -20.47
CA GLU G 59 -2.14 0.28 -19.51
C GLU G 59 -1.27 0.75 -18.36
N ALA G 60 -0.31 1.62 -18.65
CA ALA G 60 0.63 2.07 -17.66
C ALA G 60 -0.01 2.94 -16.56
N VAL G 61 -0.86 3.90 -16.96
CA VAL G 61 -1.52 4.72 -15.94
C VAL G 61 -2.74 3.99 -15.37
N ALA G 62 -2.99 2.76 -15.79
CA ALA G 62 -4.08 1.94 -15.22
C ALA G 62 -4.13 2.02 -13.68
N ASP G 63 -3.04 1.62 -13.01
CA ASP G 63 -2.94 1.69 -11.55
C ASP G 63 -2.65 3.09 -10.93
N GLY G 64 -2.78 4.16 -11.72
CA GLY G 64 -2.44 5.52 -11.30
C GLY G 64 -0.98 5.76 -10.98
N GLN G 65 -0.12 4.92 -11.52
CA GLN G 65 1.28 4.91 -11.12
C GLN G 65 2.12 5.02 -12.36
N ALA G 66 3.07 5.94 -12.37
CA ALA G 66 3.95 6.13 -13.53
C ALA G 66 5.03 7.18 -13.20
N ARG G 67 6.31 6.85 -13.39
CA ARG G 67 7.38 7.79 -13.03
C ARG G 67 7.91 8.72 -14.12
N GLY G 68 7.48 8.51 -15.37
CA GLY G 68 8.04 9.24 -16.51
C GLY G 68 7.59 8.78 -17.89
N VAL G 69 8.24 9.31 -18.92
CA VAL G 69 7.78 9.10 -20.28
C VAL G 69 8.89 9.28 -21.32
N VAL G 70 8.95 8.37 -22.29
CA VAL G 70 9.89 8.55 -23.36
C VAL G 70 9.23 9.22 -24.58
N VAL G 71 9.66 10.46 -24.87
CA VAL G 71 9.06 11.18 -25.98
C VAL G 71 10.04 11.15 -27.15
N LEU G 72 9.52 10.82 -28.32
CA LEU G 72 10.26 10.95 -29.56
C LEU G 72 9.50 11.90 -30.50
N ALA G 73 10.18 12.93 -31.04
CA ALA G 73 9.55 13.87 -31.99
C ALA G 73 9.99 13.62 -33.43
N ARG G 74 9.12 13.99 -34.38
CA ARG G 74 9.30 13.87 -35.87
C ARG G 74 9.08 12.47 -36.45
N ASN G 75 8.55 11.62 -35.61
CA ASN G 75 8.06 10.32 -35.99
C ASN G 75 7.04 9.94 -34.94
N ALA G 76 5.83 9.63 -35.35
CA ALA G 76 4.71 9.44 -34.44
C ALA G 76 4.74 7.97 -34.16
N ASN G 77 5.24 7.20 -35.12
CA ASN G 77 5.25 5.73 -35.01
C ASN G 77 3.82 5.24 -34.95
N VAL G 78 3.06 5.62 -35.97
CA VAL G 78 1.64 5.27 -36.07
C VAL G 78 1.35 4.54 -37.37
N ALA G 79 0.44 3.54 -37.31
CA ALA G 79 0.08 2.69 -38.46
C ALA G 79 1.32 2.05 -39.08
N THR G 80 2.28 1.74 -38.21
CA THR G 80 3.56 1.20 -38.61
C THR G 80 3.57 -0.31 -38.45
N GLY G 81 2.40 -0.88 -38.14
CA GLY G 81 2.25 -2.34 -38.14
C GLY G 81 2.90 -2.98 -36.94
N LEU G 82 2.95 -4.32 -36.96
CA LEU G 82 3.55 -5.11 -35.87
C LEU G 82 5.00 -4.69 -35.58
N GLU G 83 5.76 -4.34 -36.61
CA GLU G 83 7.14 -3.84 -36.45
C GLU G 83 7.12 -2.64 -35.48
N GLY G 84 6.25 -1.67 -35.77
CA GLY G 84 6.00 -0.52 -34.88
C GLY G 84 5.75 -0.89 -33.43
N GLU G 85 4.75 -1.73 -33.18
CA GLU G 85 4.41 -2.12 -31.81
C GLU G 85 5.62 -2.68 -31.09
N GLU G 86 6.36 -3.55 -31.76
CA GLU G 86 7.58 -4.09 -31.16
C GLU G 86 8.53 -2.91 -30.78
N ASN G 87 8.68 -1.96 -31.70
CA ASN G 87 9.62 -0.87 -31.50
C ASN G 87 9.16 -0.06 -30.32
N ALA G 88 7.85 0.26 -30.32
CA ALA G 88 7.15 0.87 -29.19
C ALA G 88 7.45 0.16 -27.86
N ARG G 89 7.28 -1.16 -27.80
CA ARG G 89 7.61 -1.94 -26.61
C ARG G 89 9.09 -1.97 -26.28
N GLU G 90 9.97 -2.06 -27.30
CA GLU G 90 11.41 -2.20 -27.10
C GLU G 90 12.04 -0.93 -26.51
N VAL G 91 11.66 0.22 -27.04
CA VAL G 91 12.23 1.47 -26.54
C VAL G 91 11.73 1.74 -25.11
N ARG G 92 10.42 1.89 -24.97
CA ARG G 92 9.84 2.02 -23.67
C ARG G 92 10.45 0.99 -22.66
N GLU G 93 10.71 -0.25 -23.08
CA GLU G 93 11.35 -1.22 -22.19
C GLU G 93 12.83 -0.88 -21.96
N ALA G 94 13.53 -0.55 -23.06
CA ALA G 94 14.92 -0.14 -23.01
C ALA G 94 15.08 1.10 -22.14
N VAL G 95 14.23 2.13 -22.34
CA VAL G 95 14.34 3.39 -21.56
C VAL G 95 14.16 3.11 -20.05
N ALA G 96 13.28 2.16 -19.73
CA ALA G 96 13.00 1.75 -18.33
C ALA G 96 14.18 1.09 -17.65
N ARG G 97 14.77 0.13 -18.34
CA ARG G 97 15.84 -0.70 -17.81
C ARG G 97 17.09 0.14 -17.56
N ALA G 98 17.30 1.15 -18.40
CA ALA G 98 18.48 1.99 -18.32
C ALA G 98 18.42 2.87 -17.08
N LEU G 99 17.21 3.31 -16.72
CA LEU G 99 17.06 4.17 -15.53
C LEU G 99 16.83 3.36 -14.25
N GLY G 100 16.30 2.14 -14.38
CA GLY G 100 15.97 1.32 -13.22
C GLY G 100 14.61 1.72 -12.70
N LEU G 101 13.65 1.85 -13.61
CA LEU G 101 12.28 2.02 -13.19
C LEU G 101 11.46 0.82 -13.66
N PRO G 102 10.37 0.50 -12.93
CA PRO G 102 9.41 -0.45 -13.45
C PRO G 102 8.92 -0.06 -14.85
N GLU G 103 8.91 -1.04 -15.75
CA GLU G 103 8.42 -0.89 -17.11
C GLU G 103 6.97 -0.36 -17.20
N GLY G 104 6.07 -0.93 -16.40
CA GLY G 104 4.69 -0.45 -16.29
C GLY G 104 4.53 0.91 -15.62
N GLU G 105 5.64 1.53 -15.25
CA GLU G 105 5.62 2.92 -14.77
C GLU G 105 6.28 3.90 -15.72
N MET G 106 6.51 3.44 -16.95
CA MET G 106 7.20 4.22 -17.98
C MET G 106 6.26 4.41 -19.18
N LEU G 107 5.78 5.64 -19.34
CA LEU G 107 4.98 6.01 -20.51
C LEU G 107 5.87 6.19 -21.76
N ILE G 108 5.26 6.11 -22.94
CA ILE G 108 5.94 6.47 -24.16
C ILE G 108 5.03 7.37 -25.01
N ALA G 109 5.52 8.53 -25.43
CA ALA G 109 4.80 9.41 -26.40
C ALA G 109 5.64 9.56 -27.68
N SER G 110 4.95 9.72 -28.80
CA SER G 110 5.67 9.82 -30.07
C SER G 110 4.89 10.66 -31.08
N THR G 111 5.41 11.85 -31.41
CA THR G 111 4.75 12.76 -32.35
C THR G 111 5.54 13.01 -33.64
N GLY G 112 4.89 12.85 -34.80
CA GLY G 112 5.54 13.12 -36.10
C GLY G 112 4.82 12.48 -37.28
N VAL G 113 5.60 12.07 -38.30
CA VAL G 113 5.05 11.45 -39.51
C VAL G 113 4.23 10.20 -39.17
N ILE G 114 3.15 9.97 -39.92
CA ILE G 114 2.45 8.69 -39.88
C ILE G 114 2.99 7.71 -40.89
N GLY G 115 3.00 6.44 -40.49
CA GLY G 115 3.29 5.32 -41.38
C GLY G 115 4.76 5.23 -41.74
N ARG G 116 5.62 5.57 -40.77
CA ARG G 116 7.07 5.43 -40.95
C ARG G 116 7.69 4.88 -39.68
N GLN G 117 8.45 3.80 -39.85
CA GLN G 117 9.15 3.10 -38.78
C GLN G 117 10.24 3.96 -38.14
N TYR G 118 10.56 3.73 -36.87
CA TYR G 118 11.62 4.48 -36.22
C TYR G 118 12.94 4.24 -36.96
N PRO G 119 13.95 5.11 -36.73
CA PRO G 119 15.31 4.73 -37.16
C PRO G 119 15.97 3.84 -36.13
N MET G 120 15.54 2.56 -36.10
CA MET G 120 15.90 1.64 -34.97
C MET G 120 17.40 1.57 -34.67
N GLU G 121 18.21 1.41 -35.71
CA GLU G 121 19.67 1.36 -35.51
C GLU G 121 20.13 2.47 -34.54
N SER G 122 19.83 3.73 -34.90
CA SER G 122 20.30 4.89 -34.14
C SER G 122 19.72 5.09 -32.72
N ILE G 123 18.50 4.57 -32.53
CA ILE G 123 17.83 4.47 -31.22
C ILE G 123 18.52 3.40 -30.31
N ARG G 124 18.74 2.18 -30.81
CA ARG G 124 19.34 1.08 -30.01
C ARG G 124 20.75 1.44 -29.52
N GLU G 125 21.49 2.14 -30.39
CA GLU G 125 22.84 2.64 -30.09
C GLU G 125 22.76 3.71 -29.00
N HIS G 126 21.90 4.70 -29.21
CA HIS G 126 21.80 5.76 -28.24
C HIS G 126 21.37 5.21 -26.91
N LEU G 127 20.35 4.33 -26.91
CA LEU G 127 19.77 3.77 -25.68
C LEU G 127 20.71 3.05 -24.68
N LYS G 128 21.86 2.53 -25.12
CA LYS G 128 22.86 1.93 -24.17
C LYS G 128 23.56 3.03 -23.38
N THR G 129 23.74 4.18 -24.01
CA THR G 129 24.40 5.35 -23.38
C THR G 129 23.46 6.12 -22.43
N LEU G 130 22.16 5.78 -22.45
CA LEU G 130 21.19 6.45 -21.58
C LEU G 130 21.14 5.96 -20.14
N GLU G 131 21.17 6.95 -19.24
CA GLU G 131 21.17 6.78 -17.78
C GLU G 131 20.75 8.13 -17.16
N TRP G 132 20.62 8.16 -15.85
CA TRP G 132 20.06 9.31 -15.15
C TRP G 132 20.88 10.57 -15.42
N PRO G 133 20.19 11.70 -15.68
CA PRO G 133 20.90 12.98 -15.74
C PRO G 133 21.58 13.33 -14.42
N ALA G 134 22.64 14.13 -14.51
CA ALA G 134 23.18 14.83 -13.37
C ALA G 134 22.18 15.96 -12.98
N GLY G 135 21.61 15.84 -11.80
CA GLY G 135 20.74 16.87 -11.28
C GLY G 135 19.42 17.05 -12.02
N GLU G 136 18.65 18.03 -11.55
CA GLU G 136 17.26 18.28 -11.91
C GLU G 136 17.14 19.46 -12.86
N GLY G 137 15.98 19.56 -13.51
CA GLY G 137 15.67 20.64 -14.46
C GLY G 137 15.76 20.24 -15.93
N GLY G 138 15.70 21.23 -16.81
CA GLY G 138 15.82 20.98 -18.23
C GLY G 138 14.51 21.01 -19.00
N PHE G 139 13.43 21.37 -18.34
CA PHE G 139 12.14 21.44 -19.03
C PHE G 139 12.10 22.46 -20.13
N ASP G 140 12.99 23.43 -20.04
CA ASP G 140 13.32 24.22 -21.19
C ASP G 140 13.91 23.40 -22.38
N ARG G 141 14.69 22.34 -22.10
CA ARG G 141 15.33 21.52 -23.16
C ARG G 141 14.31 20.50 -23.64
N ALA G 142 13.49 20.01 -22.71
CA ALA G 142 12.36 19.08 -23.01
C ALA G 142 11.37 19.69 -24.02
N ALA G 143 10.99 20.93 -23.75
CA ALA G 143 10.08 21.69 -24.57
C ALA G 143 10.60 21.90 -25.97
N ARG G 144 11.90 22.18 -26.09
CA ARG G 144 12.55 22.36 -27.40
C ARG G 144 12.57 21.06 -28.22
N ALA G 145 12.54 19.92 -27.54
CA ALA G 145 12.87 18.62 -28.12
C ALA G 145 11.66 17.81 -28.47
N ILE G 146 10.48 18.23 -28.04
CA ILE G 146 9.24 17.56 -28.46
C ILE G 146 8.63 18.29 -29.68
N MET G 147 9.25 19.39 -30.09
CA MET G 147 8.69 20.22 -31.15
C MET G 147 8.69 19.48 -32.48
N THR G 148 7.67 19.72 -33.32
CA THR G 148 7.65 19.18 -34.68
C THR G 148 7.42 20.23 -35.75
N THR G 149 6.31 20.95 -35.65
CA THR G 149 6.02 22.01 -36.60
C THR G 149 5.81 23.30 -35.84
N ASP G 150 6.02 23.21 -34.54
CA ASP G 150 6.02 24.39 -33.72
C ASP G 150 7.10 25.34 -34.18
N THR G 151 6.90 26.62 -33.89
CA THR G 151 7.88 27.69 -34.16
C THR G 151 8.57 28.15 -32.86
N ARG G 152 8.03 27.68 -31.73
CA ARG G 152 8.52 28.05 -30.40
C ARG G 152 8.29 26.94 -29.37
N PRO G 153 9.26 26.76 -28.45
CA PRO G 153 9.05 25.91 -27.27
C PRO G 153 7.99 26.52 -26.36
N LYS G 154 7.05 25.71 -25.89
CA LYS G 154 6.00 26.18 -25.01
C LYS G 154 6.23 25.57 -23.64
N GLU G 155 6.13 26.40 -22.60
CA GLU G 155 6.50 26.02 -21.24
C GLU G 155 6.04 27.06 -20.22
N VAL G 156 5.65 26.63 -19.04
CA VAL G 156 5.20 27.54 -17.98
C VAL G 156 5.65 26.96 -16.63
N ARG G 157 5.67 27.80 -15.60
CA ARG G 157 6.01 27.37 -14.24
C ARG G 157 5.15 28.18 -13.27
N VAL G 158 4.33 27.49 -12.48
CA VAL G 158 3.55 28.12 -11.41
C VAL G 158 4.04 27.59 -10.07
N SER G 159 3.77 28.31 -8.98
CA SER G 159 3.99 27.80 -7.63
C SER G 159 2.71 27.73 -6.78
N VAL G 160 2.58 26.63 -6.05
CA VAL G 160 1.41 26.40 -5.21
C VAL G 160 1.85 25.88 -3.86
N GLY G 161 1.96 26.80 -2.91
CA GLY G 161 2.41 26.51 -1.54
C GLY G 161 3.70 25.72 -1.41
N GLY G 162 4.74 26.14 -2.10
CA GLY G 162 6.04 25.47 -1.98
C GLY G 162 6.25 24.30 -2.93
N ALA G 163 5.16 23.66 -3.34
CA ALA G 163 5.23 22.78 -4.50
C ALA G 163 5.35 23.70 -5.71
N THR G 164 6.22 23.31 -6.63
CA THR G 164 6.33 23.96 -7.92
C THR G 164 5.60 23.11 -8.93
N LEU G 165 5.11 23.74 -9.99
CA LEU G 165 4.38 23.04 -11.06
C LEU G 165 4.91 23.58 -12.37
N VAL G 166 5.21 22.68 -13.32
CA VAL G 166 5.80 23.08 -14.59
C VAL G 166 5.10 22.24 -15.61
N GLY G 167 4.82 22.85 -16.77
CA GLY G 167 4.13 22.18 -17.86
C GLY G 167 4.77 22.50 -19.20
N ILE G 168 4.95 21.49 -20.05
CA ILE G 168 5.39 21.73 -21.44
C ILE G 168 4.35 21.24 -22.45
N ALA G 169 4.27 21.92 -23.58
CA ALA G 169 3.27 21.54 -24.56
C ALA G 169 3.88 21.51 -25.92
N LYS G 170 3.11 21.07 -26.90
CA LYS G 170 3.55 21.09 -28.27
C LYS G 170 2.37 20.63 -29.08
N GLY G 171 2.30 21.09 -30.33
CA GLY G 171 1.27 20.72 -31.28
C GLY G 171 0.66 22.02 -31.75
N VAL G 172 0.88 22.36 -33.03
CA VAL G 172 0.28 23.58 -33.66
C VAL G 172 -0.38 23.27 -35.01
N GLY G 173 -0.75 22.00 -35.20
CA GLY G 173 -1.51 21.52 -36.35
C GLY G 173 -1.75 20.02 -36.25
N MET G 174 -2.71 19.50 -37.00
CA MET G 174 -3.30 18.19 -36.72
C MET G 174 -3.70 18.21 -35.25
N LEU G 175 -4.55 19.17 -34.91
CA LEU G 175 -4.77 19.48 -33.54
C LEU G 175 -6.19 19.98 -33.31
N GLU G 176 -7.01 19.05 -32.79
CA GLU G 176 -8.25 19.32 -32.06
C GLU G 176 -8.35 18.23 -30.96
N PRO G 177 -7.81 18.51 -29.76
CA PRO G 177 -7.81 17.38 -28.81
C PRO G 177 -9.21 16.95 -28.30
N ASP G 178 -9.47 15.64 -28.37
CA ASP G 178 -10.67 15.06 -27.78
C ASP G 178 -10.28 13.97 -26.80
N MET G 179 -9.41 14.33 -25.87
CA MET G 179 -8.74 13.32 -25.06
C MET G 179 -9.63 12.84 -23.92
N ALA G 180 -9.51 11.55 -23.62
CA ALA G 180 -10.22 10.93 -22.50
C ALA G 180 -9.49 9.69 -21.91
N LEU H 2 -0.96 16.87 -30.21
CA LEU H 2 -0.81 17.40 -28.86
C LEU H 2 0.00 16.44 -28.04
N LEU H 3 1.12 16.95 -27.57
CA LEU H 3 1.86 16.32 -26.51
C LEU H 3 2.09 17.43 -25.48
N THR H 4 1.58 17.20 -24.27
CA THR H 4 1.72 18.11 -23.15
C THR H 4 1.83 17.29 -21.90
N PHE H 5 2.69 17.75 -21.01
CA PHE H 5 3.06 16.99 -19.83
C PHE H 5 3.18 17.95 -18.67
N PHE H 6 2.86 17.45 -17.51
CA PHE H 6 2.97 18.31 -16.37
C PHE H 6 3.76 17.56 -15.33
N ALA H 7 4.85 18.18 -14.88
CA ALA H 7 5.58 17.67 -13.74
C ALA H 7 5.50 18.62 -12.55
N THR H 8 4.86 18.13 -11.49
CA THR H 8 4.90 18.80 -10.19
C THR H 8 5.52 17.88 -9.13
N ASP H 9 5.84 18.47 -7.97
CA ASP H 9 6.24 17.75 -6.76
C ASP H 9 5.26 17.91 -5.58
N ALA H 10 3.96 18.10 -5.83
CA ALA H 10 2.96 18.22 -4.75
C ALA H 10 2.34 16.88 -4.33
N ARG H 11 2.07 16.70 -3.03
CA ARG H 11 1.29 15.55 -2.56
C ARG H 11 -0.21 15.86 -2.66
N LEU H 12 -0.91 14.88 -3.21
CA LEU H 12 -2.28 15.02 -3.66
C LEU H 12 -2.94 13.68 -3.54
N ASP H 13 -4.18 13.68 -3.08
CA ASP H 13 -4.99 12.47 -3.12
C ASP H 13 -5.02 12.00 -4.58
N PRO H 14 -4.56 10.75 -4.85
CA PRO H 14 -4.64 10.16 -6.21
C PRO H 14 -5.93 10.50 -6.97
N ALA H 15 -7.08 10.32 -6.32
CA ALA H 15 -8.35 10.49 -6.99
C ALA H 15 -8.79 11.95 -7.21
N GLU H 16 -8.57 12.83 -6.23
CA GLU H 16 -8.86 14.28 -6.40
C GLU H 16 -8.00 14.80 -7.54
N GLN H 17 -6.76 14.30 -7.62
CA GLN H 17 -5.88 14.52 -8.77
C GLN H 17 -6.49 14.06 -10.11
N ASP H 18 -6.86 12.79 -10.21
CA ASP H 18 -7.44 12.28 -11.45
C ASP H 18 -8.69 13.05 -11.82
N ARG H 19 -9.43 13.48 -10.82
CA ARG H 19 -10.64 14.26 -11.02
C ARG H 19 -10.34 15.70 -11.47
N LEU H 20 -9.33 16.32 -10.88
CA LEU H 20 -9.04 17.70 -11.23
C LEU H 20 -8.31 17.80 -12.55
N PHE H 21 -7.55 16.74 -12.90
CA PHE H 21 -6.76 16.73 -14.13
C PHE H 21 -7.69 16.71 -15.32
N ARG H 22 -8.65 15.79 -15.25
CA ARG H 22 -9.74 15.71 -16.20
C ARG H 22 -10.50 17.03 -16.36
N ARG H 23 -10.94 17.64 -15.26
CA ARG H 23 -11.73 18.89 -15.31
C ARG H 23 -11.00 19.99 -16.04
N VAL H 24 -9.68 20.07 -15.87
CA VAL H 24 -8.89 21.17 -16.47
C VAL H 24 -8.61 20.90 -17.95
N MET H 25 -8.26 19.66 -18.27
CA MET H 25 -8.03 19.26 -19.66
C MET H 25 -9.21 19.69 -20.56
N ASP H 26 -10.45 19.42 -20.14
CA ASP H 26 -11.63 19.72 -20.96
C ASP H 26 -11.75 21.19 -21.26
N ARG H 27 -11.41 22.03 -20.27
CA ARG H 27 -11.52 23.49 -20.33
C ARG H 27 -10.33 24.13 -21.02
N THR H 28 -9.31 23.33 -21.34
CA THR H 28 -8.10 23.88 -21.91
C THR H 28 -7.69 23.12 -23.14
N PHE H 29 -7.18 21.91 -22.98
CA PHE H 29 -6.65 21.25 -24.18
C PHE H 29 -7.75 20.75 -25.09
N ASN H 30 -8.76 20.11 -24.52
CA ASN H 30 -10.02 19.86 -25.24
C ASN H 30 -10.71 21.09 -25.81
N ALA H 31 -10.36 22.27 -25.32
CA ALA H 31 -10.92 23.54 -25.86
C ALA H 31 -10.16 24.33 -26.90
N VAL H 32 -9.21 23.67 -27.55
CA VAL H 32 -8.42 24.33 -28.56
C VAL H 32 -8.44 23.52 -29.88
N SER H 33 -8.63 24.23 -31.00
CA SER H 33 -8.65 23.57 -32.32
C SER H 33 -7.91 24.41 -33.36
N ILE H 34 -6.98 23.80 -34.08
CA ILE H 34 -6.23 24.52 -35.11
C ILE H 34 -6.86 24.29 -36.47
N ASP H 35 -7.15 23.02 -36.77
CA ASP H 35 -7.68 22.62 -38.07
C ASP H 35 -8.74 21.54 -37.97
N THR H 36 -9.28 21.35 -36.77
CA THR H 36 -10.24 20.26 -36.47
C THR H 36 -9.63 18.85 -36.60
N ASP H 37 -8.36 18.76 -36.97
CA ASP H 37 -7.82 17.44 -37.30
C ASP H 37 -7.32 16.57 -36.10
N THR H 38 -8.25 16.20 -35.25
CA THR H 38 -7.93 15.38 -34.10
C THR H 38 -6.88 14.30 -34.48
N SER H 39 -5.79 14.23 -33.72
CA SER H 39 -4.62 13.46 -34.08
C SER H 39 -4.71 12.03 -33.56
N THR H 40 -3.82 11.16 -34.06
CA THR H 40 -3.74 9.73 -33.67
C THR H 40 -2.82 9.44 -32.47
N SER H 41 -2.34 10.50 -31.81
CA SER H 41 -1.25 10.36 -30.86
C SER H 41 -1.41 11.30 -29.67
N ASP H 42 -2.54 12.04 -29.59
CA ASP H 42 -2.75 13.05 -28.50
C ASP H 42 -2.44 12.43 -27.12
N THR H 43 -1.38 12.93 -26.46
CA THR H 43 -1.00 12.48 -25.12
C THR H 43 -0.84 13.65 -24.12
N ALA H 44 -1.58 13.57 -23.01
CA ALA H 44 -1.55 14.62 -21.95
C ALA H 44 -1.33 13.93 -20.62
N VAL H 45 -0.26 14.30 -19.93
CA VAL H 45 0.08 13.64 -18.66
C VAL H 45 0.34 14.60 -17.48
N LEU H 46 0.11 14.08 -16.28
CA LEU H 46 0.41 14.76 -15.03
C LEU H 46 1.19 13.79 -14.17
N PHE H 47 2.38 14.18 -13.71
CA PHE H 47 3.20 13.40 -12.77
C PHE H 47 3.38 14.24 -11.51
N ALA H 48 3.13 13.63 -10.36
CA ALA H 48 3.26 14.29 -9.04
C ALA H 48 3.81 13.31 -8.01
N ASN H 49 5.04 13.54 -7.53
CA ASN H 49 5.51 12.86 -6.31
C ASN H 49 5.10 13.74 -5.13
N GLY H 50 5.01 13.17 -3.93
CA GLY H 50 4.63 13.99 -2.76
C GLY H 50 5.81 14.63 -2.05
N LEU H 51 6.75 15.12 -2.85
CA LEU H 51 8.08 15.48 -2.33
C LEU H 51 8.12 16.88 -1.77
N ALA H 52 7.23 17.74 -2.27
CA ALA H 52 7.07 19.06 -1.67
C ALA H 52 5.92 19.07 -0.62
N GLY H 53 5.43 17.87 -0.28
CA GLY H 53 4.42 17.70 0.76
C GLY H 53 3.04 18.04 0.24
N GLU H 54 2.06 17.96 1.13
CA GLU H 54 0.67 18.15 0.75
C GLU H 54 0.38 19.54 0.20
N VAL H 55 -0.54 19.57 -0.76
CA VAL H 55 -1.06 20.80 -1.34
C VAL H 55 -2.56 20.63 -1.47
N ASP H 56 -3.30 21.62 -0.98
CA ASP H 56 -4.74 21.62 -1.11
C ASP H 56 -5.13 21.41 -2.58
N ALA H 57 -6.06 20.49 -2.82
CA ALA H 57 -6.50 20.19 -4.21
C ALA H 57 -6.92 21.47 -4.94
N GLY H 58 -7.77 22.24 -4.25
CA GLY H 58 -8.28 23.52 -4.71
C GLY H 58 -7.24 24.45 -5.27
N GLU H 59 -6.28 24.86 -4.44
CA GLU H 59 -5.24 25.79 -4.91
C GLU H 59 -4.49 25.22 -6.12
N PHE H 60 -4.20 23.93 -6.05
CA PHE H 60 -3.43 23.24 -7.08
C PHE H 60 -4.18 23.22 -8.41
N GLU H 61 -5.52 23.22 -8.33
CA GLU H 61 -6.40 23.15 -9.50
C GLU H 61 -6.33 24.45 -10.26
N GLU H 62 -6.31 25.56 -9.52
CA GLU H 62 -6.22 26.88 -10.16
C GLU H 62 -4.82 27.16 -10.72
N ALA H 63 -3.80 26.63 -10.06
CA ALA H 63 -2.44 26.58 -10.63
C ALA H 63 -2.41 25.78 -11.94
N LEU H 64 -2.89 24.54 -11.90
CA LEU H 64 -2.88 23.68 -13.08
C LEU H 64 -3.61 24.33 -14.27
N HIS H 65 -4.75 24.95 -13.97
CA HIS H 65 -5.62 25.54 -14.98
C HIS H 65 -4.96 26.72 -15.63
N THR H 66 -4.38 27.59 -14.80
CA THR H 66 -3.47 28.63 -15.24
C THR H 66 -2.35 28.11 -16.17
N ALA H 67 -1.64 27.07 -15.73
CA ALA H 67 -0.50 26.57 -16.50
C ALA H 67 -0.99 26.01 -17.82
N ALA H 68 -1.92 25.05 -17.77
CA ALA H 68 -2.52 24.50 -18.99
C ALA H 68 -3.06 25.62 -19.93
N LEU H 69 -3.84 26.54 -19.39
CA LEU H 69 -4.44 27.58 -20.21
C LEU H 69 -3.36 28.40 -20.91
N ALA H 70 -2.23 28.62 -20.24
CA ALA H 70 -1.15 29.40 -20.88
C ALA H 70 -0.48 28.67 -22.05
N LEU H 71 -0.64 27.34 -22.07
CA LEU H 71 -0.03 26.51 -23.10
C LEU H 71 -1.00 26.32 -24.25
N VAL H 72 -2.26 26.12 -23.92
CA VAL H 72 -3.33 26.18 -24.90
C VAL H 72 -3.28 27.49 -25.75
N LYS H 73 -3.31 28.66 -25.08
CA LYS H 73 -3.12 29.99 -25.72
C LYS H 73 -1.81 30.15 -26.48
N ASP H 74 -0.72 29.69 -25.87
CA ASP H 74 0.56 29.53 -26.56
C ASP H 74 0.44 28.71 -27.89
N ILE H 75 -0.35 27.64 -27.89
CA ILE H 75 -0.55 26.73 -29.02
C ILE H 75 -1.32 27.40 -30.15
N ALA H 76 -2.44 28.01 -29.76
CA ALA H 76 -3.38 28.62 -30.70
C ALA H 76 -2.72 29.80 -31.39
N SER H 77 -2.01 30.63 -30.62
CA SER H 77 -1.25 31.72 -31.21
C SER H 77 -0.05 31.22 -32.05
N ASP H 78 0.38 29.97 -31.78
CA ASP H 78 1.41 29.34 -32.61
C ASP H 78 0.91 28.32 -33.61
N GLY H 79 -0.38 28.30 -33.84
CA GLY H 79 -0.93 27.49 -34.91
C GLY H 79 -0.14 27.57 -36.20
N GLU H 80 -0.10 26.45 -36.93
CA GLU H 80 0.56 26.41 -38.24
C GLU H 80 0.19 27.58 -39.14
N GLY H 81 1.23 28.34 -39.49
CA GLY H 81 1.14 29.45 -40.40
C GLY H 81 0.14 30.53 -40.01
N ALA H 82 -0.28 30.54 -38.74
CA ALA H 82 -1.22 31.54 -38.23
C ALA H 82 -0.54 32.86 -37.90
N ALA H 83 -1.32 33.93 -37.92
CA ALA H 83 -0.86 35.24 -37.44
C ALA H 83 -1.77 35.77 -36.34
N LYS H 84 -2.98 35.22 -36.24
CA LYS H 84 -3.91 35.63 -35.22
C LYS H 84 -4.40 34.47 -34.34
N LEU H 85 -4.66 34.77 -33.07
CA LEU H 85 -5.34 33.87 -32.18
C LEU H 85 -6.78 34.33 -32.16
N ILE H 86 -7.68 33.40 -32.42
CA ILE H 86 -9.10 33.67 -32.34
C ILE H 86 -9.61 33.02 -31.07
N GLU H 87 -10.32 33.80 -30.26
CA GLU H 87 -10.92 33.34 -29.02
C GLU H 87 -12.45 33.50 -29.03
N VAL H 88 -13.19 32.40 -28.84
CA VAL H 88 -14.66 32.43 -28.88
C VAL H 88 -15.22 32.23 -27.48
N GLN H 89 -15.75 33.29 -26.89
CA GLN H 89 -16.38 33.20 -25.59
C GLN H 89 -17.89 33.13 -25.77
N VAL H 90 -18.46 32.01 -25.30
CA VAL H 90 -19.88 31.73 -25.44
C VAL H 90 -20.58 31.72 -24.08
N THR H 91 -21.67 32.48 -24.00
CA THR H 91 -22.48 32.58 -22.80
C THR H 91 -23.95 32.40 -23.19
N GLY H 92 -24.78 32.11 -22.19
CA GLY H 92 -26.22 32.11 -22.34
C GLY H 92 -26.74 30.88 -23.02
N ALA H 93 -25.93 29.81 -23.06
CA ALA H 93 -26.34 28.59 -23.73
C ALA H 93 -27.26 27.75 -22.83
N ARG H 94 -27.76 26.65 -23.42
CA ARG H 94 -28.53 25.67 -22.66
C ARG H 94 -27.67 25.13 -21.53
N ASP H 95 -26.42 24.83 -21.84
CA ASP H 95 -25.44 24.36 -20.86
C ASP H 95 -24.06 24.53 -21.42
N ASP H 96 -23.05 24.19 -20.64
CA ASP H 96 -21.64 24.29 -21.08
C ASP H 96 -21.36 23.48 -22.38
N ALA H 97 -21.95 22.27 -22.48
CA ALA H 97 -21.83 21.43 -23.68
C ALA H 97 -22.23 22.24 -24.92
N GLN H 98 -23.49 22.67 -24.94
CA GLN H 98 -23.99 23.43 -26.08
C GLN H 98 -23.04 24.62 -26.26
N ALA H 99 -22.88 25.44 -25.21
CA ALA H 99 -21.87 26.50 -25.28
C ALA H 99 -20.62 26.13 -26.09
N LYS H 100 -20.15 24.88 -25.93
CA LYS H 100 -18.83 24.49 -26.43
C LYS H 100 -18.83 24.03 -27.88
N ARG H 101 -19.98 23.49 -28.29
CA ARG H 101 -20.22 22.96 -29.62
C ARG H 101 -20.42 24.17 -30.56
N VAL H 102 -20.98 25.27 -30.03
CA VAL H 102 -21.13 26.49 -30.80
C VAL H 102 -19.74 27.14 -30.97
N GLY H 103 -18.96 27.19 -29.89
CA GLY H 103 -17.64 27.78 -29.93
C GLY H 103 -16.77 27.11 -30.97
N LYS H 104 -16.69 25.79 -30.87
CA LYS H 104 -15.93 24.99 -31.80
C LYS H 104 -16.41 25.30 -33.22
N THR H 105 -17.65 24.93 -33.51
CA THR H 105 -18.16 25.17 -34.84
C THR H 105 -17.74 26.53 -35.37
N VAL H 106 -17.85 27.53 -34.49
CA VAL H 106 -17.47 28.85 -34.87
C VAL H 106 -16.00 28.85 -35.25
N VAL H 107 -15.15 28.39 -34.33
CA VAL H 107 -13.71 28.56 -34.45
C VAL H 107 -13.10 27.59 -35.44
N ASN H 108 -13.92 26.72 -35.96
CA ASN H 108 -13.47 25.86 -37.04
C ASN H 108 -14.10 26.26 -38.37
N SER H 109 -14.93 27.30 -38.36
CA SER H 109 -15.50 27.73 -39.61
C SER H 109 -14.40 28.28 -40.51
N PRO H 110 -14.15 27.60 -41.64
CA PRO H 110 -13.08 28.17 -42.47
C PRO H 110 -13.39 29.59 -42.85
N LEU H 111 -14.60 29.85 -43.36
CA LEU H 111 -14.97 31.22 -43.69
C LEU H 111 -14.71 32.17 -42.52
N VAL H 112 -15.03 31.71 -41.31
CA VAL H 112 -14.85 32.53 -40.11
C VAL H 112 -13.35 32.76 -39.93
N LYS H 113 -12.59 31.67 -40.01
CA LYS H 113 -11.12 31.66 -39.80
C LYS H 113 -10.38 32.53 -40.82
N THR H 114 -10.98 32.71 -41.99
CA THR H 114 -10.31 33.46 -43.03
C THR H 114 -10.68 34.93 -42.92
N ALA H 115 -11.96 35.20 -42.66
CA ALA H 115 -12.46 36.53 -42.27
C ALA H 115 -11.55 37.14 -41.24
N VAL H 116 -11.07 36.31 -40.32
CA VAL H 116 -10.25 36.86 -39.25
C VAL H 116 -8.83 37.15 -39.74
N HIS H 117 -8.25 36.25 -40.53
CA HIS H 117 -6.97 36.53 -41.20
C HIS H 117 -6.97 37.85 -42.01
N GLY H 118 -8.05 38.13 -42.73
CA GLY H 118 -8.14 39.33 -43.57
C GLY H 118 -8.27 40.63 -42.77
N CYS H 119 -8.53 40.49 -41.46
CA CYS H 119 -8.90 41.59 -40.53
C CYS H 119 -10.35 42.07 -40.70
N ASP H 120 -11.22 41.21 -41.24
CA ASP H 120 -12.63 41.57 -41.51
C ASP H 120 -13.62 41.18 -40.40
N PRO H 121 -14.17 42.18 -39.66
CA PRO H 121 -15.13 41.89 -38.59
C PRO H 121 -16.48 41.33 -39.12
N ASN H 122 -16.37 40.32 -39.99
CA ASN H 122 -17.54 39.72 -40.66
C ASN H 122 -18.40 38.94 -39.68
N TRP H 123 -19.26 39.65 -38.96
CA TRP H 123 -20.16 39.05 -37.99
C TRP H 123 -21.21 38.17 -38.70
N GLY H 124 -21.29 38.28 -40.02
CA GLY H 124 -22.14 37.42 -40.81
C GLY H 124 -21.64 36.00 -40.89
N ARG H 125 -20.35 35.83 -41.14
CA ARG H 125 -19.80 34.48 -41.21
C ARG H 125 -19.96 33.81 -39.86
N VAL H 126 -19.84 34.59 -38.78
CA VAL H 126 -20.01 34.07 -37.43
C VAL H 126 -21.44 33.59 -37.26
N ALA H 127 -22.39 34.43 -37.69
CA ALA H 127 -23.79 34.07 -37.67
C ALA H 127 -23.94 32.77 -38.41
N MET H 128 -23.36 32.69 -39.60
CA MET H 128 -23.44 31.50 -40.43
C MET H 128 -22.96 30.25 -39.68
N ALA H 129 -21.81 30.36 -39.00
CA ALA H 129 -21.23 29.24 -38.23
C ALA H 129 -22.13 28.82 -37.07
N ILE H 130 -22.73 29.82 -36.39
CA ILE H 130 -23.66 29.60 -35.29
C ILE H 130 -24.84 28.84 -35.85
N GLY H 131 -25.20 29.22 -37.09
CA GLY H 131 -26.32 28.63 -37.79
C GLY H 131 -26.09 27.16 -38.06
N LYS H 132 -24.81 26.77 -38.13
CA LYS H 132 -24.43 25.37 -38.36
C LYS H 132 -24.85 24.38 -37.26
N CYS H 133 -25.27 24.91 -36.10
CA CYS H 133 -25.71 24.06 -34.99
C CYS H 133 -27.23 23.82 -35.07
N SER H 134 -27.66 23.53 -36.30
CA SER H 134 -29.05 23.23 -36.68
C SER H 134 -29.81 22.26 -35.79
N ASP H 135 -29.15 21.29 -35.16
CA ASP H 135 -29.87 20.40 -34.23
C ASP H 135 -30.23 21.08 -32.91
N ASP H 136 -29.73 22.31 -32.74
CA ASP H 136 -30.01 23.11 -31.56
C ASP H 136 -31.22 24.05 -31.75
N THR H 137 -32.41 23.46 -31.63
CA THR H 137 -33.64 24.17 -31.96
C THR H 137 -33.89 25.34 -31.05
N ASP H 138 -33.18 25.42 -29.93
CA ASP H 138 -33.37 26.54 -29.01
C ASP H 138 -32.61 27.83 -29.35
N ILE H 139 -31.58 27.71 -30.17
CA ILE H 139 -30.85 28.88 -30.66
C ILE H 139 -31.72 29.71 -31.59
N ASP H 140 -31.82 31.01 -31.31
CA ASP H 140 -32.74 31.91 -31.97
C ASP H 140 -32.01 33.14 -32.49
N GLN H 141 -31.92 33.26 -33.81
CA GLN H 141 -31.22 34.39 -34.44
C GLN H 141 -31.71 35.74 -33.91
N GLU H 142 -32.96 35.77 -33.43
CA GLU H 142 -33.50 36.96 -32.80
C GLU H 142 -32.89 37.23 -31.42
N ARG H 143 -32.49 36.19 -30.70
CA ARG H 143 -32.01 36.39 -29.34
C ARG H 143 -30.49 36.42 -29.18
N VAL H 144 -29.78 35.90 -30.18
CA VAL H 144 -28.32 35.82 -30.23
C VAL H 144 -27.68 37.20 -30.39
N THR H 145 -26.62 37.46 -29.62
CA THR H 145 -25.83 38.68 -29.77
C THR H 145 -24.44 38.26 -30.15
N ILE H 146 -23.71 39.10 -30.89
CA ILE H 146 -22.33 38.81 -31.27
C ILE H 146 -21.43 40.03 -31.05
N ARG H 147 -20.28 39.84 -30.41
CA ARG H 147 -19.35 40.95 -30.16
C ARG H 147 -17.91 40.60 -30.50
N PHE H 148 -17.27 41.50 -31.24
CA PHE H 148 -15.84 41.48 -31.48
C PHE H 148 -15.20 42.42 -30.45
N GLY H 149 -14.43 41.86 -29.54
CA GLY H 149 -13.96 42.64 -28.38
C GLY H 149 -15.12 43.01 -27.47
N GLU H 150 -15.33 44.29 -27.25
CA GLU H 150 -16.40 44.77 -26.35
C GLU H 150 -17.54 45.44 -27.13
N VAL H 151 -17.43 45.43 -28.46
CA VAL H 151 -18.41 46.09 -29.34
C VAL H 151 -19.38 45.09 -29.96
N GLU H 152 -20.65 45.18 -29.58
CA GLU H 152 -21.67 44.33 -30.13
C GLU H 152 -21.97 44.80 -31.55
N VAL H 153 -22.21 43.87 -32.48
CA VAL H 153 -22.55 44.19 -33.89
C VAL H 153 -23.85 43.52 -34.38
N TYR H 154 -24.33 42.57 -33.58
CA TYR H 154 -25.60 41.87 -33.85
C TYR H 154 -26.48 41.84 -32.60
N PRO H 155 -27.72 42.36 -32.68
CA PRO H 155 -28.63 42.78 -33.78
C PRO H 155 -28.52 44.28 -34.21
N PRO H 156 -29.57 44.82 -34.91
CA PRO H 156 -29.77 46.28 -35.12
C PRO H 156 -30.48 46.97 -33.94
N ALA H 172 -13.08 47.40 -34.89
CA ALA H 172 -12.42 47.27 -36.20
C ALA H 172 -10.90 47.36 -36.08
N GLU H 173 -10.48 48.31 -35.24
CA GLU H 173 -9.12 48.40 -34.80
C GLU H 173 -8.78 47.10 -34.12
N HIS H 174 -9.78 46.51 -33.44
CA HIS H 174 -9.62 45.23 -32.73
C HIS H 174 -9.11 44.07 -33.62
N LEU H 175 -9.70 43.89 -34.80
CA LEU H 175 -9.28 42.80 -35.69
C LEU H 175 -7.91 42.92 -36.36
N ARG H 176 -7.17 43.99 -36.07
CA ARG H 176 -5.77 44.13 -36.52
C ARG H 176 -4.85 43.54 -35.47
N GLY H 177 -5.46 43.11 -34.37
CA GLY H 177 -4.75 42.57 -33.21
C GLY H 177 -4.32 41.13 -33.42
N ASP H 178 -3.20 40.75 -32.83
CA ASP H 178 -2.70 39.38 -32.98
C ASP H 178 -3.57 38.38 -32.22
N GLU H 179 -4.46 38.90 -31.36
CA GLU H 179 -5.37 38.07 -30.59
C GLU H 179 -6.79 38.64 -30.66
N VAL H 180 -7.69 37.93 -31.31
CA VAL H 180 -9.02 38.44 -31.61
C VAL H 180 -10.09 37.66 -30.83
N VAL H 181 -11.03 38.37 -30.19
CA VAL H 181 -12.10 37.75 -29.39
C VAL H 181 -13.43 37.81 -30.10
N ILE H 182 -14.06 36.65 -30.26
CA ILE H 182 -15.45 36.56 -30.64
C ILE H 182 -16.34 36.15 -29.46
N GLY H 183 -17.14 37.10 -28.97
CA GLY H 183 -18.10 36.79 -27.93
C GLY H 183 -19.49 36.63 -28.48
N ILE H 184 -20.09 35.49 -28.18
CA ILE H 184 -21.48 35.23 -28.55
C ILE H 184 -22.33 34.99 -27.30
N ASP H 185 -23.48 35.66 -27.21
CA ASP H 185 -24.49 35.29 -26.23
C ASP H 185 -25.69 34.64 -26.94
N LEU H 186 -26.22 33.55 -26.38
CA LEU H 186 -27.34 32.80 -27.00
C LEU H 186 -28.71 33.11 -26.38
N ALA H 187 -28.70 33.84 -25.26
CA ALA H 187 -29.91 34.23 -24.50
C ALA H 187 -30.85 33.05 -24.28
N ILE H 188 -30.26 31.94 -23.84
CA ILE H 188 -30.99 30.73 -23.50
C ILE H 188 -31.01 30.65 -21.96
N ALA H 189 -29.86 30.35 -21.36
CA ALA H 189 -29.74 30.20 -19.92
C ALA H 189 -28.23 30.32 -19.63
N ASP H 190 -27.77 29.74 -18.49
CA ASP H 190 -26.37 29.88 -18.01
C ASP H 190 -25.16 29.09 -18.66
N GLY H 191 -25.40 28.49 -19.83
CA GLY H 191 -24.35 27.78 -20.57
C GLY H 191 -23.24 28.72 -21.01
N ALA H 192 -22.00 28.36 -20.70
CA ALA H 192 -20.84 29.24 -20.92
C ALA H 192 -19.58 28.45 -21.17
N PHE H 193 -18.83 28.84 -22.20
CA PHE H 193 -17.60 28.13 -22.54
C PHE H 193 -16.70 28.95 -23.45
N THR H 194 -15.39 28.87 -23.22
CA THR H 194 -14.41 29.52 -24.09
C THR H 194 -13.51 28.51 -24.82
N VAL H 195 -13.53 28.58 -26.15
CA VAL H 195 -12.66 27.76 -26.99
C VAL H 195 -11.60 28.64 -27.64
N TYR H 196 -10.48 28.00 -28.03
CA TYR H 196 -9.33 28.67 -28.62
C TYR H 196 -8.96 28.16 -30.01
N GLY H 197 -8.65 29.11 -30.88
CA GLY H 197 -8.33 28.78 -32.24
C GLY H 197 -7.51 29.90 -32.81
N CYS H 198 -7.36 29.87 -34.14
CA CYS H 198 -6.56 30.81 -34.91
C CYS H 198 -7.02 30.90 -36.41
N ASP H 199 -6.48 31.89 -37.11
CA ASP H 199 -6.95 32.20 -38.48
C ASP H 199 -6.42 31.16 -39.47
N LEU H 200 -7.01 31.12 -40.66
CA LEU H 200 -6.52 30.27 -41.73
C LEU H 200 -5.73 31.11 -42.76
N THR H 201 -4.58 30.60 -43.15
CA THR H 201 -3.61 31.40 -43.85
C THR H 201 -2.98 30.69 -45.04
N GLU H 202 -2.57 31.49 -46.03
CA GLU H 202 -1.77 30.97 -47.12
C GLU H 202 -0.61 30.13 -46.55
N GLY H 203 0.09 30.68 -45.55
CA GLY H 203 1.17 29.96 -44.87
C GLY H 203 0.84 28.52 -44.48
N TYR H 204 -0.38 28.32 -43.95
CA TYR H 204 -0.87 27.00 -43.54
C TYR H 204 -1.00 26.05 -44.73
N VAL H 205 -1.51 26.56 -45.85
CA VAL H 205 -1.65 25.74 -47.06
C VAL H 205 -0.28 25.40 -47.63
N ARG H 206 0.58 26.43 -47.71
CA ARG H 206 1.97 26.31 -48.15
C ARG H 206 2.72 25.24 -47.37
N LEU H 207 2.69 25.34 -46.03
CA LEU H 207 3.39 24.42 -45.14
C LEU H 207 2.88 22.97 -45.28
N ASN H 208 1.57 22.82 -45.48
CA ASN H 208 0.96 21.51 -45.49
C ASN H 208 0.80 20.90 -46.87
N SER H 209 1.29 21.60 -47.90
CA SER H 209 1.15 21.09 -49.30
C SER H 209 2.44 20.57 -49.88
N GLU H 210 3.54 20.98 -49.26
CA GLU H 210 4.87 20.61 -49.64
C GLU H 210 5.36 19.55 -48.67
#